data_5JPI
#
_entry.id   5JPI
#
_cell.length_a   115.847
_cell.length_b   121.218
_cell.length_c   178.770
_cell.angle_alpha   90.00
_cell.angle_beta   90.00
_cell.angle_gamma   90.00
#
_symmetry.space_group_name_H-M   'P 21 21 21'
#
loop_
_entity.id
_entity.type
_entity.pdbx_description
1 polymer Adenosylhomocysteinase
2 non-polymer NICOTINAMIDE-ADENINE-DINUCLEOTIDE
3 non-polymer D-ERITADENINE
4 non-polymer GLYCEROL
5 non-polymer DI(HYDROXYETHYL)ETHER
6 non-polymer 'CHLORIDE ION'
7 non-polymer 'PHOSPHATE ION'
8 non-polymer 1,2-ETHANEDIOL
9 non-polymer 2-AMINO-2-HYDROXYMETHYL-PROPANE-1,3-DIOL
10 water water
#
_entity_poly.entity_id   1
_entity_poly.type   'polypeptide(L)'
_entity_poly.pdbx_seq_one_letter_code
;SNAYKMESRIKDISLAEFGLQDMEIAKTDMMGLVELQRKYRDSKPLKGARITGSLHLTIETSVLVETLYELGAEIRWCSC
NIYSTQDHAAAALVKKNIATVFAWKNETIEDYWVCLNDAMTWRNPNDKDKICGPNLIVDDGGDATLILHEGVKAEIEYEK
YNKIPEYLETELDENGKQLSMDLKCMYKVLKMELLKNPFRWRGMLKDLYGVSEETTTGVLRLKIMESEGKLLLPAINVND
SVTKSKFDNTYGCRQSLLHGLFNGCIQMLAGKKIVVLGYGEVGKGCAQGLSGVGARVIVTEIDPICALQASMEGYQVSVL
EDVVSEADIFITATGNKDVITVEHMRKMKENAYIANIGHFDDEIDVYGLENYPGIKVIEVKQNVHKFTFPDTQKSVILLC
KGRLVNLGCATGHPPLVMSMSFTNQVLAQMDLWKSRELVDRSKNTRFFVKKLSKELDEYVARLHLDVLGIKLTKLTETQA
KYINVSINGPYKSEDYRY
;
_entity_poly.pdbx_strand_id   A,B,C,D
#
loop_
_chem_comp.id
_chem_comp.type
_chem_comp.name
_chem_comp.formula
CL non-polymer 'CHLORIDE ION' 'Cl -1'
DEA non-polymer D-ERITADENINE 'C9 H11 N5 O4'
EDO non-polymer 1,2-ETHANEDIOL 'C2 H6 O2'
GOL non-polymer GLYCEROL 'C3 H8 O3'
NAD non-polymer NICOTINAMIDE-ADENINE-DINUCLEOTIDE 'C21 H27 N7 O14 P2'
PEG non-polymer DI(HYDROXYETHYL)ETHER 'C4 H10 O3'
PO4 non-polymer 'PHOSPHATE ION' 'O4 P -3'
TRS non-polymer 2-AMINO-2-HYDROXYMETHYL-PROPANE-1,3-DIOL 'C4 H12 N O3 1'
#
# COMPACT_ATOMS: atom_id res chain seq x y z
N ALA A 3 21.64 16.95 -45.88
CA ALA A 3 20.45 16.23 -46.44
C ALA A 3 19.32 16.10 -45.41
N TYR A 4 19.52 15.27 -44.38
CA TYR A 4 18.50 15.05 -43.32
C TYR A 4 18.07 16.33 -42.61
N LYS A 5 19.04 17.21 -42.35
CA LYS A 5 18.80 18.48 -41.65
C LYS A 5 17.97 19.46 -42.49
N MET A 6 18.19 19.46 -43.80
CA MET A 6 17.44 20.33 -44.70
C MET A 6 16.00 19.87 -44.87
N GLU A 7 15.78 18.57 -45.01
CA GLU A 7 14.42 18.09 -45.21
C GLU A 7 13.62 17.99 -43.92
N SER A 8 14.27 17.74 -42.79
CA SER A 8 13.56 17.66 -41.51
C SER A 8 13.01 19.02 -41.05
N ARG A 9 11.95 18.96 -40.25
CA ARG A 9 11.34 20.12 -39.65
C ARG A 9 11.20 19.84 -38.13
N ILE A 10 12.10 20.46 -37.37
CA ILE A 10 12.14 20.34 -35.92
C ILE A 10 12.36 21.71 -35.35
N LYS A 11 12.23 21.83 -34.03
N LYS A 11 12.21 21.86 -34.04
CA LYS A 11 12.37 23.12 -33.39
CA LYS A 11 12.38 23.20 -33.46
C LYS A 11 13.78 23.71 -33.35
C LYS A 11 13.79 23.74 -33.32
N ASP A 12 14.76 22.92 -32.91
CA ASP A 12 16.12 23.43 -32.67
C ASP A 12 17.21 22.35 -32.62
N ILE A 13 18.04 22.30 -33.66
CA ILE A 13 19.11 21.30 -33.77
C ILE A 13 20.15 21.43 -32.65
N SER A 14 20.30 22.64 -32.09
CA SER A 14 21.30 22.88 -31.02
C SER A 14 21.06 22.09 -29.73
N LEU A 15 19.86 21.52 -29.59
CA LEU A 15 19.50 20.68 -28.43
C LEU A 15 20.00 19.22 -28.56
N ALA A 16 20.55 18.88 -29.73
CA ALA A 16 20.97 17.51 -30.05
C ALA A 16 21.85 16.83 -29.01
N GLU A 17 22.86 17.58 -28.56
N GLU A 17 22.87 17.54 -28.55
CA GLU A 17 23.80 17.08 -27.59
CA GLU A 17 23.78 16.96 -27.56
C GLU A 17 23.10 16.62 -26.27
C GLU A 17 23.03 16.53 -26.30
N PHE A 18 22.07 17.34 -25.85
CA PHE A 18 21.30 16.97 -24.62
C PHE A 18 20.46 15.72 -24.87
N GLY A 19 19.90 15.62 -26.06
CA GLY A 19 19.10 14.44 -26.41
C GLY A 19 19.96 13.17 -26.48
N LEU A 20 21.15 13.30 -27.06
CA LEU A 20 22.08 12.17 -27.19
C LEU A 20 22.51 11.67 -25.80
N GLN A 21 22.77 12.62 -24.91
N GLN A 21 22.79 12.63 -24.90
CA GLN A 21 23.21 12.30 -23.56
CA GLN A 21 23.18 12.28 -23.55
C GLN A 21 22.06 11.59 -22.80
C GLN A 21 22.04 11.56 -22.82
N ASP A 22 20.82 12.04 -22.99
CA ASP A 22 19.63 11.40 -22.36
C ASP A 22 19.38 10.00 -22.91
N MET A 23 19.58 9.83 -24.22
CA MET A 23 19.48 8.53 -24.87
C MET A 23 20.44 7.53 -24.22
N GLU A 24 21.70 7.93 -24.03
CA GLU A 24 22.67 7.04 -23.40
C GLU A 24 22.27 6.66 -21.99
N ILE A 25 21.79 7.62 -21.21
CA ILE A 25 21.35 7.31 -19.86
C ILE A 25 20.15 6.36 -19.87
N ALA A 26 19.18 6.66 -20.72
CA ALA A 26 17.97 5.83 -20.85
C ALA A 26 18.31 4.37 -21.22
N LYS A 27 19.33 4.20 -22.06
CA LYS A 27 19.74 2.86 -22.50
C LYS A 27 20.25 1.94 -21.39
N THR A 28 20.62 2.49 -20.24
CA THR A 28 20.98 1.68 -19.09
C THR A 28 19.81 0.77 -18.74
N ASP A 29 18.59 1.29 -18.87
CA ASP A 29 17.38 0.53 -18.59
C ASP A 29 16.69 -0.12 -19.80
N MET A 30 16.92 0.39 -21.00
CA MET A 30 16.23 -0.13 -22.20
C MET A 30 17.02 -1.31 -22.77
N MET A 31 17.25 -2.32 -21.94
N MET A 31 17.19 -2.33 -21.92
CA MET A 31 18.09 -3.44 -22.33
CA MET A 31 18.01 -3.51 -22.20
C MET A 31 17.54 -4.26 -23.50
C MET A 31 17.53 -4.29 -23.44
N GLY A 32 16.22 -4.29 -23.66
CA GLY A 32 15.62 -4.98 -24.81
C GLY A 32 16.10 -4.37 -26.13
N LEU A 33 16.04 -3.05 -26.22
CA LEU A 33 16.49 -2.36 -27.43
C LEU A 33 18.02 -2.46 -27.60
N VAL A 34 18.75 -2.36 -26.49
CA VAL A 34 20.21 -2.49 -26.53
C VAL A 34 20.60 -3.88 -27.03
N GLU A 35 19.88 -4.91 -26.57
CA GLU A 35 20.18 -6.27 -26.99
C GLU A 35 19.85 -6.52 -28.47
N LEU A 36 18.71 -5.97 -28.94
CA LEU A 36 18.34 -6.14 -30.35
C LEU A 36 19.40 -5.47 -31.23
N GLN A 37 19.89 -4.30 -30.82
CA GLN A 37 20.96 -3.63 -31.56
C GLN A 37 22.23 -4.48 -31.57
N ARG A 38 22.62 -4.98 -30.41
CA ARG A 38 23.83 -5.78 -30.27
C ARG A 38 23.80 -7.02 -31.18
N LYS A 39 22.69 -7.73 -31.13
CA LYS A 39 22.48 -8.96 -31.87
C LYS A 39 22.24 -8.81 -33.38
N TYR A 40 21.57 -7.74 -33.79
CA TYR A 40 21.21 -7.56 -35.21
C TYR A 40 21.82 -6.38 -35.97
N ARG A 41 22.64 -5.53 -35.34
CA ARG A 41 23.19 -4.39 -36.10
C ARG A 41 24.12 -4.80 -37.24
N ASP A 42 24.71 -5.98 -37.16
CA ASP A 42 25.65 -6.45 -38.18
C ASP A 42 24.99 -7.21 -39.34
N SER A 43 23.96 -8.00 -39.05
CA SER A 43 23.25 -8.74 -40.10
C SER A 43 22.20 -7.85 -40.80
N LYS A 44 21.72 -6.82 -40.10
CA LYS A 44 20.77 -5.86 -40.65
C LYS A 44 19.52 -6.50 -41.29
N PRO A 45 18.67 -7.10 -40.45
CA PRO A 45 17.44 -7.75 -40.94
C PRO A 45 16.42 -6.81 -41.63
N LEU A 46 16.48 -5.50 -41.38
CA LEU A 46 15.54 -4.56 -42.00
C LEU A 46 16.15 -3.77 -43.16
N LYS A 47 17.32 -4.19 -43.64
CA LYS A 47 18.00 -3.46 -44.70
C LYS A 47 17.12 -3.30 -45.93
N GLY A 48 16.94 -2.06 -46.37
CA GLY A 48 16.12 -1.76 -47.54
C GLY A 48 14.69 -1.34 -47.20
N ALA A 49 14.27 -1.54 -45.97
CA ALA A 49 12.93 -1.18 -45.57
C ALA A 49 12.78 0.34 -45.35
N ARG A 50 11.68 0.90 -45.84
CA ARG A 50 11.35 2.31 -45.62
C ARG A 50 10.28 2.29 -44.53
N ILE A 51 10.59 2.87 -43.37
CA ILE A 51 9.65 2.86 -42.23
C ILE A 51 9.18 4.28 -41.87
N THR A 52 7.86 4.45 -41.79
CA THR A 52 7.28 5.71 -41.38
C THR A 52 6.68 5.47 -40.01
N GLY A 53 7.04 6.30 -39.05
CA GLY A 53 6.48 6.16 -37.71
C GLY A 53 5.67 7.38 -37.29
N SER A 54 4.55 7.13 -36.59
CA SER A 54 3.68 8.19 -36.02
C SER A 54 3.51 7.80 -34.56
N LEU A 55 4.43 8.29 -33.72
CA LEU A 55 4.47 7.91 -32.33
C LEU A 55 5.27 8.95 -31.54
N HIS A 56 4.65 9.41 -30.43
CA HIS A 56 5.19 10.44 -29.52
C HIS A 56 6.71 10.47 -29.56
N LEU A 57 7.30 11.54 -30.13
CA LEU A 57 8.76 11.56 -30.27
C LEU A 57 9.48 12.06 -29.03
N THR A 58 9.63 11.11 -28.10
CA THR A 58 10.28 11.26 -26.83
C THR A 58 11.69 10.65 -26.89
N ILE A 59 12.47 10.84 -25.82
CA ILE A 59 13.78 10.20 -25.69
C ILE A 59 13.63 8.68 -25.83
N GLU A 60 12.62 8.09 -25.21
CA GLU A 60 12.41 6.64 -25.34
C GLU A 60 12.20 6.24 -26.81
N THR A 61 11.36 6.99 -27.50
CA THR A 61 11.09 6.74 -28.91
C THR A 61 12.35 6.91 -29.78
N SER A 62 13.22 7.85 -29.42
N SER A 62 13.24 7.85 -29.42
CA SER A 62 14.45 8.04 -30.18
CA SER A 62 14.45 8.04 -30.19
C SER A 62 15.34 6.81 -30.13
C SER A 62 15.34 6.80 -30.12
N VAL A 63 15.25 6.04 -29.02
CA VAL A 63 16.04 4.80 -28.87
C VAL A 63 15.41 3.72 -29.77
N LEU A 64 14.07 3.73 -29.86
CA LEU A 64 13.37 2.82 -30.78
C LEU A 64 13.79 3.11 -32.21
N VAL A 65 13.79 4.39 -32.58
CA VAL A 65 14.15 4.80 -33.93
C VAL A 65 15.61 4.43 -34.24
N GLU A 66 16.51 4.66 -33.28
CA GLU A 66 17.91 4.26 -33.41
C GLU A 66 18.04 2.76 -33.64
N THR A 67 17.22 1.98 -32.95
CA THR A 67 17.27 0.52 -33.06
C THR A 67 16.88 0.11 -34.48
N LEU A 68 15.77 0.67 -34.99
CA LEU A 68 15.32 0.39 -36.36
C LEU A 68 16.39 0.79 -37.39
N TYR A 69 17.02 1.93 -37.18
CA TYR A 69 18.09 2.38 -38.07
C TYR A 69 19.31 1.45 -38.03
N GLU A 70 19.72 1.04 -36.84
CA GLU A 70 20.87 0.12 -36.69
C GLU A 70 20.57 -1.24 -37.36
N LEU A 71 19.30 -1.63 -37.34
CA LEU A 71 18.87 -2.87 -37.99
C LEU A 71 18.78 -2.75 -39.53
N GLY A 72 18.99 -1.56 -40.08
CA GLY A 72 19.04 -1.39 -41.55
C GLY A 72 18.01 -0.53 -42.23
N ALA A 73 16.99 -0.11 -41.50
CA ALA A 73 15.90 0.66 -42.10
C ALA A 73 16.20 2.11 -42.36
N GLU A 74 15.55 2.67 -43.39
N GLU A 74 15.55 2.68 -43.37
CA GLU A 74 15.59 4.11 -43.66
CA GLU A 74 15.62 4.10 -43.66
C GLU A 74 14.31 4.57 -42.96
C GLU A 74 14.32 4.58 -42.99
N ILE A 75 14.37 5.70 -42.26
CA ILE A 75 13.20 6.16 -41.46
C ILE A 75 12.72 7.61 -41.57
N ARG A 76 11.39 7.78 -41.56
CA ARG A 76 10.74 9.10 -41.49
C ARG A 76 9.85 9.02 -40.27
N TRP A 77 9.81 10.08 -39.45
CA TRP A 77 9.05 10.02 -38.22
C TRP A 77 8.31 11.31 -37.90
N CYS A 78 7.17 11.15 -37.22
CA CYS A 78 6.37 12.26 -36.74
C CYS A 78 5.77 11.80 -35.41
N SER A 79 5.27 12.74 -34.62
N SER A 79 5.24 12.73 -34.64
CA SER A 79 4.62 12.41 -33.34
CA SER A 79 4.62 12.39 -33.38
C SER A 79 3.13 12.26 -33.54
C SER A 79 3.17 12.08 -33.65
N CYS A 80 2.50 11.50 -32.65
CA CYS A 80 1.05 11.23 -32.74
C CYS A 80 0.25 12.10 -31.74
N ASN A 81 0.85 13.19 -31.28
CA ASN A 81 0.16 14.17 -30.43
C ASN A 81 0.88 15.51 -30.58
N ILE A 82 0.10 16.58 -30.62
CA ILE A 82 0.64 17.93 -30.77
C ILE A 82 1.51 18.40 -29.59
N TYR A 83 1.40 17.76 -28.42
CA TYR A 83 2.17 18.21 -27.26
C TYR A 83 3.24 17.26 -26.77
N SER A 84 3.34 16.07 -27.33
CA SER A 84 4.18 15.04 -26.75
C SER A 84 5.64 14.97 -27.19
N THR A 85 6.00 15.67 -28.26
CA THR A 85 7.38 15.67 -28.73
C THR A 85 8.34 16.33 -27.72
N GLN A 86 9.52 15.74 -27.57
CA GLN A 86 10.59 16.29 -26.74
C GLN A 86 11.58 16.80 -27.79
N ASP A 87 11.72 18.13 -27.88
CA ASP A 87 12.55 18.74 -28.92
C ASP A 87 14.00 18.30 -28.94
N HIS A 88 14.57 17.98 -27.76
CA HIS A 88 15.97 17.48 -27.72
C HIS A 88 16.10 16.08 -28.30
N ALA A 89 15.03 15.28 -28.17
CA ALA A 89 14.98 13.93 -28.72
C ALA A 89 14.96 14.01 -30.23
N ALA A 90 14.09 14.88 -30.74
CA ALA A 90 13.96 15.08 -32.18
C ALA A 90 15.28 15.55 -32.80
N ALA A 91 15.90 16.52 -32.13
CA ALA A 91 17.18 17.08 -32.58
C ALA A 91 18.28 16.03 -32.65
N ALA A 92 18.30 15.11 -31.67
CA ALA A 92 19.29 14.04 -31.60
C ALA A 92 19.22 13.16 -32.82
N LEU A 93 18.01 12.77 -33.20
CA LEU A 93 17.82 11.95 -34.40
C LEU A 93 18.29 12.63 -35.68
N VAL A 94 17.97 13.92 -35.84
CA VAL A 94 18.34 14.65 -37.05
C VAL A 94 19.86 14.88 -37.10
N LYS A 95 20.43 15.27 -35.97
CA LYS A 95 21.85 15.53 -35.85
C LYS A 95 22.70 14.32 -36.28
N LYS A 96 22.28 13.11 -35.87
CA LYS A 96 22.98 11.87 -36.22
C LYS A 96 22.55 11.23 -37.54
N ASN A 97 21.67 11.88 -38.29
CA ASN A 97 21.16 11.35 -39.57
C ASN A 97 20.46 10.00 -39.44
N ILE A 98 19.85 9.75 -38.28
N ILE A 98 19.84 9.75 -38.29
CA ILE A 98 19.15 8.50 -38.01
CA ILE A 98 19.14 8.51 -38.02
C ILE A 98 17.76 8.48 -38.69
C ILE A 98 17.77 8.48 -38.71
N ALA A 99 17.15 9.65 -38.84
CA ALA A 99 15.82 9.75 -39.45
C ALA A 99 15.52 11.15 -39.93
N THR A 100 14.57 11.24 -40.86
CA THR A 100 14.04 12.50 -41.33
C THR A 100 12.83 12.69 -40.41
N VAL A 101 12.81 13.83 -39.72
CA VAL A 101 11.82 14.09 -38.69
C VAL A 101 10.94 15.33 -38.94
N PHE A 102 9.64 15.16 -38.71
CA PHE A 102 8.67 16.25 -38.81
C PHE A 102 7.90 16.24 -37.47
N ALA A 103 8.46 16.96 -36.48
CA ALA A 103 7.87 16.98 -35.14
C ALA A 103 8.47 18.03 -34.23
N TRP A 104 7.63 18.62 -33.39
CA TRP A 104 8.08 19.60 -32.40
C TRP A 104 7.01 19.71 -31.34
N LYS A 105 7.40 20.10 -30.13
CA LYS A 105 6.43 20.26 -29.06
C LYS A 105 5.56 21.47 -29.39
N ASN A 106 4.28 21.38 -29.04
CA ASN A 106 3.30 22.45 -29.23
C ASN A 106 3.01 22.79 -30.70
N GLU A 107 2.69 21.77 -31.47
CA GLU A 107 2.31 21.94 -32.88
C GLU A 107 0.85 22.41 -32.91
N THR A 108 0.49 23.13 -33.98
CA THR A 108 -0.92 23.45 -34.24
C THR A 108 -1.51 22.15 -34.82
N ILE A 109 -2.82 22.01 -34.79
CA ILE A 109 -3.46 20.82 -35.34
C ILE A 109 -3.18 20.74 -36.87
N GLU A 110 -3.21 21.87 -37.57
CA GLU A 110 -2.90 21.88 -39.00
C GLU A 110 -1.49 21.34 -39.27
N ASP A 111 -0.51 21.78 -38.51
CA ASP A 111 0.87 21.31 -38.68
C ASP A 111 1.01 19.83 -38.38
N TYR A 112 0.22 19.34 -37.41
CA TYR A 112 0.25 17.94 -37.06
C TYR A 112 -0.03 17.08 -38.31
N TRP A 113 -1.10 17.40 -39.01
CA TRP A 113 -1.49 16.66 -40.18
C TRP A 113 -0.54 16.85 -41.37
N VAL A 114 0.06 18.03 -41.52
CA VAL A 114 1.06 18.27 -42.57
C VAL A 114 2.33 17.44 -42.28
N CYS A 115 2.70 17.36 -40.99
CA CYS A 115 3.86 16.55 -40.57
C CYS A 115 3.65 15.07 -40.86
N LEU A 116 2.46 14.57 -40.52
CA LEU A 116 2.15 13.16 -40.74
C LEU A 116 2.18 12.85 -42.23
N ASN A 117 1.56 13.70 -43.02
CA ASN A 117 1.55 13.52 -44.47
C ASN A 117 2.97 13.52 -45.07
N ASP A 118 3.80 14.44 -44.64
CA ASP A 118 5.20 14.50 -45.09
C ASP A 118 5.98 13.24 -44.66
N ALA A 119 5.68 12.73 -43.47
CA ALA A 119 6.33 11.52 -42.96
C ALA A 119 5.97 10.29 -43.84
N MET A 120 4.76 10.30 -44.40
CA MET A 120 4.31 9.22 -45.29
C MET A 120 4.88 9.34 -46.72
N THR A 121 5.47 10.49 -47.04
CA THR A 121 5.99 10.76 -48.39
C THR A 121 7.46 10.36 -48.55
N TRP A 122 7.73 9.45 -49.47
CA TRP A 122 9.10 9.00 -49.80
C TRP A 122 9.36 9.28 -51.26
N ARG A 123 10.56 9.75 -51.58
CA ARG A 123 10.91 10.02 -52.98
C ARG A 123 11.40 8.73 -53.61
N ASN A 124 11.05 8.54 -54.88
CA ASN A 124 11.40 7.31 -55.61
C ASN A 124 12.91 7.03 -55.63
N PRO A 125 13.34 5.86 -55.07
CA PRO A 125 14.75 5.46 -55.12
C PRO A 125 15.31 5.38 -56.55
N ASN A 126 14.40 5.38 -57.54
CA ASN A 126 14.79 5.40 -58.96
C ASN A 126 14.74 6.85 -59.51
N ASP A 127 15.15 7.80 -58.66
CA ASP A 127 15.26 9.23 -59.00
C ASP A 127 14.04 10.02 -59.54
N LYS A 128 14.24 11.34 -59.61
CA LYS A 128 13.29 12.32 -60.15
C LYS A 128 12.00 12.48 -59.34
N ASP A 129 11.17 13.42 -59.78
CA ASP A 129 9.89 13.72 -59.12
C ASP A 129 8.83 12.61 -59.24
N LYS A 130 9.10 11.52 -58.54
CA LYS A 130 8.22 10.36 -58.44
C LYS A 130 8.06 10.12 -56.93
N ILE A 131 6.84 9.86 -56.48
CA ILE A 131 6.59 9.65 -55.06
C ILE A 131 6.26 8.21 -54.74
N CYS A 132 6.74 7.76 -53.58
CA CYS A 132 6.51 6.42 -53.04
C CYS A 132 5.98 6.55 -51.60
N GLY A 133 5.54 5.44 -51.06
CA GLY A 133 5.05 5.35 -49.71
C GLY A 133 6.00 4.49 -48.92
N PRO A 134 5.73 4.30 -47.62
CA PRO A 134 6.58 3.45 -46.82
C PRO A 134 6.29 1.98 -47.07
N ASN A 135 7.25 1.13 -46.69
CA ASN A 135 7.08 -0.32 -46.74
C ASN A 135 6.41 -0.74 -45.44
N LEU A 136 6.73 -0.05 -44.34
CA LEU A 136 6.20 -0.41 -43.03
C LEU A 136 5.85 0.82 -42.24
N ILE A 137 4.86 0.68 -41.37
CA ILE A 137 4.39 1.78 -40.52
C ILE A 137 4.40 1.38 -39.05
N VAL A 138 4.97 2.23 -38.20
CA VAL A 138 4.92 2.08 -36.75
C VAL A 138 3.86 3.11 -36.39
N ASP A 139 2.74 2.69 -35.80
CA ASP A 139 1.64 3.62 -35.55
C ASP A 139 1.23 3.56 -34.07
N ASP A 140 0.78 4.70 -33.55
CA ASP A 140 0.34 4.83 -32.17
C ASP A 140 -0.91 5.72 -32.19
N GLY A 141 -2.08 5.09 -32.09
CA GLY A 141 -3.37 5.79 -32.13
C GLY A 141 -4.10 5.60 -33.46
N GLY A 142 -3.37 5.13 -34.46
CA GLY A 142 -3.96 4.84 -35.75
C GLY A 142 -4.03 5.98 -36.76
N ASP A 143 -3.48 7.15 -36.45
CA ASP A 143 -3.53 8.29 -37.40
C ASP A 143 -2.84 8.05 -38.74
N ALA A 144 -1.68 7.37 -38.78
CA ALA A 144 -1.02 7.07 -40.06
C ALA A 144 -1.89 6.11 -40.88
N THR A 145 -2.40 5.10 -40.19
CA THR A 145 -3.29 4.12 -40.80
C THR A 145 -4.59 4.80 -41.28
N LEU A 146 -5.07 5.79 -40.53
CA LEU A 146 -6.30 6.51 -40.88
C LEU A 146 -6.14 7.36 -42.14
N ILE A 147 -5.06 8.14 -42.23
CA ILE A 147 -4.86 9.00 -43.40
C ILE A 147 -4.68 8.18 -44.67
N LEU A 148 -4.08 6.98 -44.55
CA LEU A 148 -3.91 6.06 -45.69
C LEU A 148 -5.27 5.57 -46.18
N HIS A 149 -6.09 5.04 -45.28
CA HIS A 149 -7.42 4.51 -45.65
C HIS A 149 -8.35 5.58 -46.15
N GLU A 150 -8.38 6.71 -45.45
CA GLU A 150 -9.22 7.85 -45.84
C GLU A 150 -8.74 8.44 -47.16
N GLY A 151 -7.43 8.38 -47.41
CA GLY A 151 -6.82 8.87 -48.64
C GLY A 151 -7.25 8.01 -49.81
N VAL A 152 -7.28 6.70 -49.60
CA VAL A 152 -7.74 5.77 -50.62
C VAL A 152 -9.24 6.01 -50.90
N LYS A 153 -10.02 6.16 -49.83
N LYS A 153 -10.03 6.14 -49.84
CA LYS A 153 -11.45 6.41 -49.94
CA LYS A 153 -11.46 6.41 -50.00
C LYS A 153 -11.75 7.70 -50.72
C LYS A 153 -11.71 7.69 -50.78
N ALA A 154 -10.96 8.74 -50.46
CA ALA A 154 -11.10 10.02 -51.13
C ALA A 154 -10.77 9.92 -52.62
N GLU A 155 -9.74 9.15 -52.96
CA GLU A 155 -9.35 8.96 -54.36
C GLU A 155 -10.40 8.19 -55.16
N ILE A 156 -10.99 7.14 -54.57
CA ILE A 156 -12.06 6.38 -55.25
C ILE A 156 -13.25 7.30 -55.49
N GLU A 157 -13.67 7.98 -54.43
CA GLU A 157 -14.81 8.91 -54.50
C GLU A 157 -14.54 9.99 -55.54
N TYR A 158 -13.30 10.48 -55.57
CA TYR A 158 -12.87 11.52 -56.50
C TYR A 158 -13.03 11.11 -57.98
N GLU A 159 -12.59 9.90 -58.34
CA GLU A 159 -12.72 9.41 -59.74
C GLU A 159 -14.14 9.09 -60.14
N LYS A 160 -14.93 8.62 -59.18
CA LYS A 160 -16.31 8.20 -59.39
C LYS A 160 -17.23 9.31 -59.92
N TYR A 161 -17.03 10.53 -59.41
CA TYR A 161 -17.83 11.68 -59.83
C TYR A 161 -16.95 12.77 -60.44
N ASN A 162 -15.71 12.41 -60.74
CA ASN A 162 -14.70 13.31 -61.31
C ASN A 162 -14.72 14.75 -60.74
N LYS A 163 -14.69 14.84 -59.41
CA LYS A 163 -14.65 16.14 -58.68
C LYS A 163 -14.27 15.90 -57.23
N ILE A 164 -13.82 16.94 -56.55
CA ILE A 164 -13.45 16.85 -55.11
C ILE A 164 -14.67 16.43 -54.29
N PRO A 165 -14.60 15.27 -53.60
CA PRO A 165 -15.75 14.87 -52.78
C PRO A 165 -16.20 16.00 -51.86
N GLU A 166 -17.50 16.25 -51.80
CA GLU A 166 -18.01 17.36 -51.00
C GLU A 166 -17.87 17.19 -49.49
N TYR A 167 -17.73 15.94 -49.00
CA TYR A 167 -17.57 15.73 -47.55
C TYR A 167 -16.23 16.32 -47.06
N LEU A 168 -15.28 16.47 -47.99
CA LEU A 168 -13.97 17.09 -47.70
C LEU A 168 -14.03 18.61 -47.71
N GLU A 169 -15.04 19.17 -48.36
CA GLU A 169 -15.18 20.64 -48.45
C GLU A 169 -16.17 21.26 -47.48
N THR A 170 -16.69 20.47 -46.55
CA THR A 170 -17.64 20.96 -45.58
C THR A 170 -17.06 20.90 -44.17
N GLU A 171 -17.52 21.82 -43.33
CA GLU A 171 -17.10 21.88 -41.94
C GLU A 171 -18.09 21.18 -41.02
N LEU A 172 -19.09 20.53 -41.62
CA LEU A 172 -20.14 19.87 -40.85
C LEU A 172 -20.12 18.35 -40.98
N ASP A 173 -20.61 17.71 -39.92
CA ASP A 173 -20.68 16.26 -39.81
C ASP A 173 -21.91 15.76 -40.56
N GLU A 174 -21.86 14.48 -40.94
CA GLU A 174 -22.97 13.78 -41.62
C GLU A 174 -24.28 14.05 -40.87
N ASN A 175 -24.18 14.05 -39.54
CA ASN A 175 -25.31 14.32 -38.64
C ASN A 175 -25.77 15.79 -38.74
N GLY A 176 -24.83 16.74 -38.65
CA GLY A 176 -25.16 18.18 -38.75
C GLY A 176 -24.23 19.08 -37.96
N LYS A 177 -23.71 18.54 -36.86
CA LYS A 177 -22.77 19.26 -35.96
C LYS A 177 -21.40 19.52 -36.61
N GLN A 178 -20.62 20.47 -36.06
CA GLN A 178 -19.28 20.76 -36.60
C GLN A 178 -18.25 19.64 -36.41
N LEU A 179 -17.34 19.56 -37.38
CA LEU A 179 -16.28 18.58 -37.40
C LEU A 179 -15.18 18.97 -36.42
N SER A 180 -14.50 17.97 -35.87
CA SER A 180 -13.38 18.25 -35.00
C SER A 180 -12.32 18.96 -35.85
N MET A 181 -11.48 19.73 -35.18
CA MET A 181 -10.42 20.44 -35.88
C MET A 181 -9.47 19.38 -36.54
N ASP A 182 -9.33 18.21 -35.91
CA ASP A 182 -8.50 17.14 -36.46
C ASP A 182 -9.02 16.63 -37.80
N LEU A 183 -10.34 16.35 -37.91
CA LEU A 183 -10.90 15.92 -39.21
C LEU A 183 -10.80 17.02 -40.27
N LYS A 184 -11.10 18.26 -39.89
CA LYS A 184 -11.02 19.35 -40.85
C LYS A 184 -9.60 19.46 -41.41
N CYS A 185 -8.60 19.35 -40.54
CA CYS A 185 -7.19 19.45 -40.98
C CYS A 185 -6.76 18.24 -41.82
N MET A 186 -7.18 17.04 -41.45
CA MET A 186 -6.87 15.87 -42.24
C MET A 186 -7.52 16.02 -43.62
N TYR A 187 -8.80 16.40 -43.65
CA TYR A 187 -9.52 16.58 -44.92
C TYR A 187 -8.86 17.63 -45.82
N LYS A 188 -8.37 18.70 -45.21
CA LYS A 188 -7.67 19.76 -45.95
C LYS A 188 -6.41 19.16 -46.62
N VAL A 189 -5.65 18.32 -45.90
CA VAL A 189 -4.47 17.69 -46.47
C VAL A 189 -4.85 16.75 -47.62
N LEU A 190 -5.90 15.96 -47.40
CA LEU A 190 -6.38 15.04 -48.42
C LEU A 190 -6.84 15.76 -49.70
N LYS A 191 -7.56 16.88 -49.54
CA LYS A 191 -8.02 17.64 -50.70
C LYS A 191 -6.82 18.17 -51.49
N MET A 192 -5.85 18.73 -50.78
CA MET A 192 -4.62 19.21 -51.38
C MET A 192 -3.93 18.07 -52.18
N GLU A 193 -3.88 16.86 -51.60
CA GLU A 193 -3.25 15.71 -52.28
C GLU A 193 -4.05 15.22 -53.51
N LEU A 194 -5.37 15.36 -53.47
CA LEU A 194 -6.19 15.00 -54.63
C LEU A 194 -5.81 15.90 -55.83
N LEU A 195 -5.43 17.15 -55.55
CA LEU A 195 -5.04 18.09 -56.60
C LEU A 195 -3.58 17.89 -57.08
N LYS A 196 -2.69 17.42 -56.22
CA LYS A 196 -1.29 17.16 -56.66
C LYS A 196 -1.17 15.87 -57.43
N ASN A 197 -1.76 14.81 -56.87
CA ASN A 197 -1.69 13.47 -57.44
C ASN A 197 -2.80 12.61 -56.85
N PRO A 198 -3.92 12.47 -57.59
CA PRO A 198 -5.06 11.67 -57.10
C PRO A 198 -4.83 10.14 -57.13
N PHE A 199 -3.58 9.73 -57.33
CA PHE A 199 -3.21 8.31 -57.32
C PHE A 199 -2.17 8.05 -56.22
N ARG A 200 -1.83 9.09 -55.44
CA ARG A 200 -0.85 8.99 -54.35
C ARG A 200 -1.07 7.81 -53.41
N TRP A 201 -2.27 7.75 -52.83
CA TRP A 201 -2.58 6.74 -51.80
C TRP A 201 -2.70 5.31 -52.29
N ARG A 202 -3.44 5.09 -53.38
CA ARG A 202 -3.56 3.74 -53.92
C ARG A 202 -2.20 3.28 -54.44
N GLY A 203 -1.39 4.23 -54.91
CA GLY A 203 -0.04 3.91 -55.39
C GLY A 203 0.87 3.37 -54.30
N MET A 204 0.66 3.80 -53.06
CA MET A 204 1.46 3.31 -51.91
C MET A 204 1.19 1.86 -51.57
N LEU A 205 -0.05 1.41 -51.80
CA LEU A 205 -0.43 0.03 -51.49
C LEU A 205 0.51 -1.02 -52.06
N LYS A 206 1.04 -0.77 -53.25
CA LYS A 206 1.94 -1.74 -53.91
C LYS A 206 3.13 -2.16 -53.04
N ASP A 207 3.71 -1.22 -52.30
CA ASP A 207 4.88 -1.51 -51.47
C ASP A 207 4.62 -1.56 -49.97
N LEU A 208 3.35 -1.47 -49.54
CA LEU A 208 2.99 -1.53 -48.12
C LEU A 208 2.84 -2.96 -47.60
N TYR A 209 3.70 -3.34 -46.66
CA TYR A 209 3.68 -4.69 -46.14
C TYR A 209 3.10 -4.85 -44.75
N GLY A 210 2.83 -3.75 -44.04
CA GLY A 210 2.22 -3.85 -42.73
C GLY A 210 2.34 -2.67 -41.79
N VAL A 211 1.54 -2.71 -40.74
CA VAL A 211 1.55 -1.70 -39.69
C VAL A 211 1.57 -2.44 -38.35
N SER A 212 2.35 -1.93 -37.40
CA SER A 212 2.38 -2.47 -36.04
C SER A 212 1.79 -1.35 -35.19
N GLU A 213 0.63 -1.63 -34.54
CA GLU A 213 -0.11 -0.64 -33.72
C GLU A 213 0.14 -0.80 -32.21
N GLU A 214 0.50 0.33 -31.61
CA GLU A 214 0.90 0.43 -30.21
C GLU A 214 -0.18 0.46 -29.14
N THR A 215 -1.31 1.10 -29.40
CA THR A 215 -2.25 1.36 -28.31
C THR A 215 -3.69 0.88 -28.51
N THR A 216 -4.37 0.72 -27.39
CA THR A 216 -5.75 0.24 -27.31
C THR A 216 -6.70 0.90 -28.33
N THR A 217 -6.69 2.21 -28.36
CA THR A 217 -7.52 2.98 -29.29
C THR A 217 -7.16 2.72 -30.77
N GLY A 218 -5.86 2.58 -31.06
CA GLY A 218 -5.44 2.26 -32.41
C GLY A 218 -5.91 0.87 -32.81
N VAL A 219 -5.82 -0.07 -31.87
CA VAL A 219 -6.24 -1.45 -32.11
C VAL A 219 -7.75 -1.51 -32.36
N LEU A 220 -8.50 -0.72 -31.62
CA LEU A 220 -9.96 -0.67 -31.82
C LEU A 220 -10.25 -0.26 -33.27
N ARG A 221 -9.57 0.79 -33.74
CA ARG A 221 -9.71 1.26 -35.13
C ARG A 221 -9.39 0.13 -36.12
N LEU A 222 -8.30 -0.60 -35.88
CA LEU A 222 -7.91 -1.71 -36.76
C LEU A 222 -8.95 -2.82 -36.82
N LYS A 223 -9.51 -3.19 -35.67
N LYS A 223 -9.51 -3.19 -35.67
CA LYS A 223 -10.50 -4.26 -35.58
CA LYS A 223 -10.48 -4.28 -35.60
C LYS A 223 -11.78 -3.93 -36.31
C LYS A 223 -11.80 -3.93 -36.30
N ILE A 224 -12.18 -2.66 -36.27
CA ILE A 224 -13.41 -2.20 -36.94
C ILE A 224 -13.21 -2.31 -38.46
N MET A 225 -12.02 -1.91 -38.94
CA MET A 225 -11.70 -2.05 -40.36
C MET A 225 -11.65 -3.53 -40.80
N GLU A 226 -11.08 -4.37 -39.93
CA GLU A 226 -10.94 -5.80 -40.18
C GLU A 226 -12.32 -6.47 -40.34
N SER A 227 -13.21 -6.21 -39.39
CA SER A 227 -14.55 -6.82 -39.39
C SER A 227 -15.40 -6.36 -40.56
N GLU A 228 -15.15 -5.15 -41.06
CA GLU A 228 -15.85 -4.61 -42.24
C GLU A 228 -15.15 -4.96 -43.56
N GLY A 229 -14.07 -5.73 -43.50
CA GLY A 229 -13.32 -6.10 -44.70
C GLY A 229 -12.65 -4.93 -45.41
N LYS A 230 -12.34 -3.86 -44.67
CA LYS A 230 -11.73 -2.65 -45.23
C LYS A 230 -10.24 -2.46 -44.96
N LEU A 231 -9.64 -3.33 -44.15
CA LEU A 231 -8.20 -3.24 -43.83
C LEU A 231 -7.37 -3.46 -45.12
N LEU A 232 -6.48 -2.51 -45.42
CA LEU A 232 -5.69 -2.53 -46.64
C LEU A 232 -4.26 -3.03 -46.51
N LEU A 233 -3.86 -3.46 -45.31
CA LEU A 233 -2.51 -4.03 -45.12
C LEU A 233 -2.49 -4.93 -43.89
N PRO A 234 -1.53 -5.87 -43.82
CA PRO A 234 -1.43 -6.69 -42.62
C PRO A 234 -1.12 -5.84 -41.39
N ALA A 235 -1.62 -6.28 -40.23
CA ALA A 235 -1.39 -5.54 -39.02
C ALA A 235 -1.02 -6.42 -37.84
N ILE A 236 -0.13 -5.89 -37.00
CA ILE A 236 0.24 -6.53 -35.75
C ILE A 236 -0.22 -5.63 -34.60
N ASN A 237 -0.99 -6.23 -33.70
CA ASN A 237 -1.50 -5.58 -32.49
C ASN A 237 -0.43 -5.77 -31.41
N VAL A 238 0.36 -4.72 -31.21
CA VAL A 238 1.43 -4.71 -30.21
C VAL A 238 0.88 -4.45 -28.80
N ASN A 239 -0.21 -3.68 -28.71
CA ASN A 239 -0.78 -3.35 -27.41
C ASN A 239 -1.08 -4.61 -26.58
N ASP A 240 -1.62 -5.63 -27.22
CA ASP A 240 -2.03 -6.85 -26.51
C ASP A 240 -0.95 -7.90 -26.20
N SER A 241 0.31 -7.57 -26.45
CA SER A 241 1.38 -8.42 -25.96
C SER A 241 1.27 -8.21 -24.46
N VAL A 242 1.54 -9.27 -23.70
CA VAL A 242 1.48 -9.21 -22.24
C VAL A 242 2.52 -8.21 -21.71
N THR A 243 3.72 -8.25 -22.27
CA THR A 243 4.80 -7.37 -21.84
C THR A 243 4.59 -5.92 -22.29
N LYS A 244 3.46 -5.65 -22.95
CA LYS A 244 3.08 -4.29 -23.30
C LYS A 244 1.92 -3.85 -22.40
N SER A 245 0.72 -4.39 -22.65
CA SER A 245 -0.50 -4.00 -21.91
C SER A 245 -0.47 -4.14 -20.40
N LYS A 246 0.18 -5.16 -19.87
CA LYS A 246 0.25 -5.34 -18.40
C LYS A 246 1.43 -4.60 -17.73
N PHE A 247 2.21 -3.85 -18.49
CA PHE A 247 3.35 -3.13 -17.93
C PHE A 247 3.30 -1.64 -18.26
N ASP A 248 3.44 -1.32 -19.55
CA ASP A 248 3.32 0.04 -20.04
C ASP A 248 2.01 0.68 -19.60
N ASN A 249 0.89 0.10 -19.99
CA ASN A 249 -0.40 0.72 -19.68
C ASN A 249 -0.66 0.93 -18.18
N THR A 250 -0.23 -0.02 -17.35
CA THR A 250 -0.47 0.03 -15.91
C THR A 250 0.64 0.70 -15.11
N TYR A 251 1.82 0.09 -15.07
CA TYR A 251 2.93 0.63 -14.31
C TYR A 251 3.51 1.91 -14.91
N GLY A 252 3.44 2.05 -16.22
CA GLY A 252 3.92 3.27 -16.85
C GLY A 252 3.08 4.44 -16.35
N CYS A 253 1.76 4.29 -16.43
CA CYS A 253 0.82 5.32 -15.99
C CYS A 253 0.90 5.60 -14.50
N ARG A 254 1.13 4.55 -13.70
CA ARG A 254 1.25 4.72 -12.24
C ARG A 254 2.29 5.80 -11.92
N GLN A 255 3.37 5.88 -12.68
CA GLN A 255 4.40 6.89 -12.49
C GLN A 255 4.13 8.16 -13.28
N SER A 256 3.82 8.06 -14.57
CA SER A 256 3.73 9.26 -15.41
C SER A 256 2.45 10.10 -15.22
N LEU A 257 1.38 9.48 -14.74
CA LEU A 257 0.19 10.24 -14.40
C LEU A 257 0.61 11.15 -13.27
N LEU A 258 1.25 10.59 -12.25
CA LEU A 258 1.68 11.41 -11.11
C LEU A 258 2.58 12.56 -11.55
N HIS A 259 3.53 12.29 -12.45
CA HIS A 259 4.43 13.32 -12.92
C HIS A 259 3.66 14.45 -13.61
N GLY A 260 2.69 14.10 -14.44
CA GLY A 260 1.86 15.07 -15.15
C GLY A 260 1.05 15.89 -14.18
N LEU A 261 0.49 15.24 -13.18
CA LEU A 261 -0.28 15.94 -12.16
C LEU A 261 0.58 16.87 -11.30
N PHE A 262 1.74 16.39 -10.88
CA PHE A 262 2.60 17.22 -10.07
C PHE A 262 3.05 18.46 -10.86
N ASN A 263 3.29 18.33 -12.18
CA ASN A 263 3.70 19.50 -12.98
C ASN A 263 2.55 20.47 -13.25
N GLY A 264 1.36 19.92 -13.48
CA GLY A 264 0.22 20.75 -13.87
C GLY A 264 -0.68 21.26 -12.79
N CYS A 265 -0.80 20.48 -11.72
CA CYS A 265 -1.68 20.78 -10.59
C CYS A 265 -0.84 21.10 -9.37
N ILE A 266 -0.97 22.31 -8.86
CA ILE A 266 -0.19 22.74 -7.72
C ILE A 266 -0.62 22.07 -6.39
N GLN A 267 -1.85 21.55 -6.30
CA GLN A 267 -2.36 21.02 -5.04
C GLN A 267 -1.82 19.68 -4.57
N MET A 268 -2.02 19.45 -3.29
CA MET A 268 -1.66 18.22 -2.64
C MET A 268 -2.67 17.17 -3.04
N LEU A 269 -2.21 15.99 -3.42
CA LEU A 269 -3.14 14.91 -3.78
C LEU A 269 -3.67 14.18 -2.55
N ALA A 270 -2.87 14.10 -1.50
CA ALA A 270 -3.26 13.41 -0.26
C ALA A 270 -4.59 13.91 0.29
N GLY A 271 -5.47 12.97 0.62
CA GLY A 271 -6.77 13.27 1.17
C GLY A 271 -7.83 13.72 0.19
N LYS A 272 -7.44 14.08 -1.01
CA LYS A 272 -8.39 14.54 -1.98
C LYS A 272 -9.25 13.39 -2.55
N LYS A 273 -10.48 13.71 -2.91
CA LYS A 273 -11.35 12.76 -3.62
C LYS A 273 -10.98 12.89 -5.09
N ILE A 274 -10.37 11.83 -5.64
CA ILE A 274 -9.95 11.84 -7.02
C ILE A 274 -10.70 10.76 -7.79
N VAL A 275 -11.42 11.20 -8.81
CA VAL A 275 -12.19 10.31 -9.65
C VAL A 275 -11.39 9.83 -10.84
N VAL A 276 -11.26 8.51 -10.95
CA VAL A 276 -10.61 7.84 -12.05
C VAL A 276 -11.76 7.22 -12.85
N LEU A 277 -12.01 7.78 -14.03
CA LEU A 277 -13.09 7.30 -14.89
C LEU A 277 -12.51 6.23 -15.83
N GLY A 278 -12.90 4.98 -15.58
CA GLY A 278 -12.40 3.84 -16.31
C GLY A 278 -11.36 3.11 -15.46
N TYR A 279 -11.58 1.81 -15.26
CA TYR A 279 -10.67 1.00 -14.45
C TYR A 279 -10.15 -0.19 -15.25
N GLY A 280 -9.63 0.12 -16.45
CA GLY A 280 -9.01 -0.86 -17.30
C GLY A 280 -7.51 -0.94 -16.98
N GLU A 281 -6.67 -1.27 -17.96
CA GLU A 281 -5.23 -1.40 -17.69
C GLU A 281 -4.63 -0.07 -17.21
N VAL A 282 -5.00 1.02 -17.86
CA VAL A 282 -4.54 2.36 -17.51
C VAL A 282 -5.11 2.85 -16.17
N GLY A 283 -6.44 2.78 -16.02
CA GLY A 283 -7.11 3.19 -14.79
C GLY A 283 -6.57 2.49 -13.55
N LYS A 284 -6.28 1.20 -13.67
CA LYS A 284 -5.71 0.41 -12.56
C LYS A 284 -4.38 0.98 -12.10
N GLY A 285 -3.53 1.35 -13.05
CA GLY A 285 -2.24 1.94 -12.71
C GLY A 285 -2.39 3.33 -12.11
N CYS A 286 -3.30 4.12 -12.68
CA CYS A 286 -3.53 5.45 -12.19
C CYS A 286 -3.96 5.42 -10.72
N ALA A 287 -4.95 4.58 -10.41
CA ALA A 287 -5.49 4.49 -9.06
C ALA A 287 -4.42 4.08 -8.08
N GLN A 288 -3.58 3.15 -8.50
CA GLN A 288 -2.53 2.67 -7.63
C GLN A 288 -1.55 3.82 -7.27
N GLY A 289 -1.13 4.60 -8.27
CA GLY A 289 -0.23 5.72 -8.04
C GLY A 289 -0.86 6.78 -7.15
N LEU A 290 -2.12 7.13 -7.46
CA LEU A 290 -2.86 8.13 -6.67
C LEU A 290 -2.96 7.73 -5.19
N SER A 291 -3.36 6.46 -4.94
CA SER A 291 -3.45 5.91 -3.56
C SER A 291 -2.12 5.91 -2.86
N GLY A 292 -1.07 5.68 -3.65
CA GLY A 292 0.28 5.66 -3.13
C GLY A 292 0.74 6.97 -2.53
N VAL A 293 0.13 8.10 -2.91
CA VAL A 293 0.45 9.39 -2.35
C VAL A 293 -0.72 9.95 -1.50
N GLY A 294 -1.56 9.05 -0.99
CA GLY A 294 -2.62 9.41 -0.06
C GLY A 294 -3.98 9.88 -0.56
N ALA A 295 -4.20 9.85 -1.87
CA ALA A 295 -5.50 10.26 -2.39
C ALA A 295 -6.58 9.22 -2.07
N ARG A 296 -7.83 9.67 -2.04
CA ARG A 296 -8.95 8.78 -1.86
C ARG A 296 -9.56 8.66 -3.24
N VAL A 297 -9.28 7.53 -3.89
CA VAL A 297 -9.72 7.26 -5.25
C VAL A 297 -11.16 6.73 -5.33
N ILE A 298 -11.93 7.34 -6.21
CA ILE A 298 -13.31 6.97 -6.54
C ILE A 298 -13.29 6.60 -8.02
N VAL A 299 -13.80 5.41 -8.34
CA VAL A 299 -13.82 4.87 -9.70
C VAL A 299 -15.21 4.88 -10.34
N THR A 300 -15.24 5.15 -11.65
CA THR A 300 -16.48 4.99 -12.44
C THR A 300 -16.14 3.91 -13.47
N GLU A 301 -17.14 3.12 -13.84
CA GLU A 301 -17.02 2.01 -14.79
C GLU A 301 -18.35 1.61 -15.36
N ILE A 302 -18.29 1.07 -16.57
CA ILE A 302 -19.45 0.51 -17.27
C ILE A 302 -19.35 -1.01 -17.26
N ASP A 303 -18.16 -1.55 -16.98
CA ASP A 303 -17.93 -2.99 -17.02
C ASP A 303 -18.07 -3.52 -15.61
N PRO A 304 -19.05 -4.43 -15.36
CA PRO A 304 -19.25 -4.92 -14.00
C PRO A 304 -18.05 -5.68 -13.40
N ILE A 305 -17.27 -6.34 -14.25
CA ILE A 305 -16.09 -7.06 -13.79
C ILE A 305 -15.03 -6.08 -13.29
N CYS A 306 -14.69 -5.12 -14.12
CA CYS A 306 -13.70 -4.11 -13.73
C CYS A 306 -14.16 -3.34 -12.46
N ALA A 307 -15.47 -3.10 -12.36
CA ALA A 307 -16.03 -2.40 -11.21
C ALA A 307 -15.79 -3.22 -9.96
N LEU A 308 -16.05 -4.53 -10.04
CA LEU A 308 -15.76 -5.41 -8.90
C LEU A 308 -14.29 -5.44 -8.54
N GLN A 309 -13.41 -5.41 -9.54
CA GLN A 309 -11.97 -5.39 -9.26
C GLN A 309 -11.60 -4.16 -8.44
N ALA A 310 -12.17 -3.01 -8.80
CA ALA A 310 -11.89 -1.75 -8.11
C ALA A 310 -12.32 -1.83 -6.65
N SER A 311 -13.50 -2.40 -6.42
CA SER A 311 -14.06 -2.55 -5.10
C SER A 311 -13.17 -3.45 -4.22
N MET A 312 -12.54 -4.44 -4.84
CA MET A 312 -11.67 -5.38 -4.13
C MET A 312 -10.36 -4.72 -3.69
N GLU A 313 -10.00 -3.59 -4.31
CA GLU A 313 -8.82 -2.81 -3.88
C GLU A 313 -9.22 -1.70 -2.90
N GLY A 314 -10.46 -1.72 -2.42
CA GLY A 314 -10.92 -0.73 -1.45
C GLY A 314 -11.43 0.59 -1.99
N TYR A 315 -11.64 0.67 -3.31
CA TYR A 315 -12.14 1.88 -3.92
C TYR A 315 -13.66 1.94 -4.06
N GLN A 316 -14.22 3.10 -3.73
CA GLN A 316 -15.64 3.36 -3.94
C GLN A 316 -15.86 3.40 -5.48
N VAL A 317 -16.95 2.79 -5.95
CA VAL A 317 -17.33 2.80 -7.36
C VAL A 317 -18.72 3.49 -7.46
N SER A 318 -18.74 4.64 -8.15
CA SER A 318 -19.94 5.48 -8.29
C SER A 318 -20.13 5.94 -9.71
N VAL A 319 -21.32 6.49 -9.99
CA VAL A 319 -21.60 7.12 -11.28
C VAL A 319 -21.15 8.59 -11.13
N LEU A 320 -20.64 9.18 -12.22
CA LEU A 320 -20.11 10.55 -12.16
C LEU A 320 -21.06 11.57 -11.55
N GLU A 321 -22.32 11.47 -11.93
CA GLU A 321 -23.37 12.36 -11.44
C GLU A 321 -23.50 12.44 -9.89
N ASP A 322 -23.20 11.34 -9.19
CA ASP A 322 -23.31 11.32 -7.72
C ASP A 322 -22.10 11.90 -6.97
N VAL A 323 -20.99 12.12 -7.67
CA VAL A 323 -19.78 12.68 -7.05
C VAL A 323 -19.23 13.93 -7.76
N VAL A 324 -19.86 14.36 -8.85
CA VAL A 324 -19.33 15.47 -9.62
C VAL A 324 -19.16 16.81 -8.87
N SER A 325 -20.05 17.07 -7.91
N SER A 325 -20.04 17.08 -7.90
CA SER A 325 -20.00 18.32 -7.15
CA SER A 325 -19.96 18.34 -7.16
C SER A 325 -19.10 18.23 -5.91
C SER A 325 -19.11 18.24 -5.90
N GLU A 326 -18.75 17.02 -5.49
CA GLU A 326 -17.96 16.79 -4.29
C GLU A 326 -16.48 16.45 -4.51
N ALA A 327 -16.15 15.83 -5.65
CA ALA A 327 -14.76 15.43 -5.91
C ALA A 327 -13.87 16.61 -6.25
N ASP A 328 -12.57 16.41 -6.08
CA ASP A 328 -11.57 17.48 -6.29
C ASP A 328 -10.88 17.44 -7.62
N ILE A 329 -10.61 16.24 -8.11
CA ILE A 329 -9.88 16.04 -9.35
C ILE A 329 -10.52 14.92 -10.15
N PHE A 330 -10.61 15.10 -11.46
CA PHE A 330 -11.20 14.10 -12.34
C PHE A 330 -10.17 13.71 -13.41
N ILE A 331 -9.94 12.40 -13.54
N ILE A 331 -9.94 12.41 -13.56
CA ILE A 331 -8.99 11.83 -14.49
CA ILE A 331 -8.99 11.88 -14.53
C ILE A 331 -9.69 10.83 -15.41
C ILE A 331 -9.67 10.82 -15.41
N THR A 332 -9.77 11.12 -16.71
CA THR A 332 -10.41 10.20 -17.67
C THR A 332 -9.40 9.20 -18.26
N ALA A 333 -9.73 7.91 -18.16
CA ALA A 333 -8.89 6.81 -18.64
C ALA A 333 -9.77 5.76 -19.33
N THR A 334 -10.74 6.22 -20.13
CA THR A 334 -11.73 5.30 -20.76
C THR A 334 -11.49 4.89 -22.20
N GLY A 335 -10.78 5.73 -22.96
CA GLY A 335 -10.63 5.51 -24.41
C GLY A 335 -11.99 5.80 -25.10
N ASN A 336 -12.93 6.40 -24.38
CA ASN A 336 -14.29 6.63 -24.92
C ASN A 336 -14.45 8.13 -25.21
N LYS A 337 -15.68 8.58 -25.43
CA LYS A 337 -15.90 10.02 -25.65
C LYS A 337 -17.05 10.56 -24.79
N ASP A 338 -17.01 11.86 -24.52
CA ASP A 338 -18.06 12.52 -23.76
C ASP A 338 -18.28 11.93 -22.37
N VAL A 339 -17.20 11.61 -21.70
CA VAL A 339 -17.22 11.07 -20.37
C VAL A 339 -17.38 12.24 -19.39
N ILE A 340 -16.75 13.37 -19.69
CA ILE A 340 -16.93 14.60 -18.91
C ILE A 340 -17.46 15.67 -19.85
N THR A 341 -18.70 16.08 -19.61
CA THR A 341 -19.37 17.08 -20.44
C THR A 341 -19.29 18.46 -19.78
N VAL A 342 -19.71 19.46 -20.54
CA VAL A 342 -19.75 20.84 -20.05
C VAL A 342 -20.71 20.93 -18.88
N GLU A 343 -21.85 20.24 -18.97
CA GLU A 343 -22.80 20.23 -17.86
C GLU A 343 -22.17 19.65 -16.58
N HIS A 344 -21.32 18.64 -16.72
CA HIS A 344 -20.63 18.10 -15.54
C HIS A 344 -19.73 19.16 -14.95
N MET A 345 -18.99 19.83 -15.84
CA MET A 345 -18.03 20.85 -15.45
C MET A 345 -18.67 22.03 -14.73
N ARG A 346 -19.90 22.38 -15.10
CA ARG A 346 -20.62 23.45 -14.43
C ARG A 346 -21.06 23.14 -13.00
N LYS A 347 -21.06 21.86 -12.63
CA LYS A 347 -21.46 21.44 -11.28
C LYS A 347 -20.25 21.22 -10.34
N MET A 348 -19.04 21.25 -10.89
CA MET A 348 -17.82 21.00 -10.11
C MET A 348 -17.56 22.14 -9.12
N LYS A 349 -16.88 21.79 -8.02
CA LYS A 349 -16.53 22.75 -6.98
C LYS A 349 -15.46 23.71 -7.51
N GLU A 350 -15.30 24.84 -6.83
CA GLU A 350 -14.32 25.85 -7.23
C GLU A 350 -12.90 25.26 -7.34
N ASN A 351 -12.25 25.58 -8.46
CA ASN A 351 -10.89 25.12 -8.78
C ASN A 351 -10.68 23.60 -8.84
N ALA A 352 -11.72 22.88 -9.25
CA ALA A 352 -11.61 21.46 -9.52
C ALA A 352 -10.66 21.31 -10.69
N TYR A 353 -9.86 20.24 -10.66
CA TYR A 353 -8.94 19.94 -11.74
C TYR A 353 -9.48 18.81 -12.61
N ILE A 354 -9.21 18.91 -13.91
CA ILE A 354 -9.67 17.93 -14.88
C ILE A 354 -8.50 17.56 -15.81
N ALA A 355 -8.32 16.27 -16.07
CA ALA A 355 -7.24 15.83 -16.93
C ALA A 355 -7.64 14.56 -17.60
N ASN A 356 -7.00 14.27 -18.73
CA ASN A 356 -7.27 13.07 -19.49
C ASN A 356 -5.96 12.34 -19.72
N ILE A 357 -6.00 11.02 -19.57
CA ILE A 357 -4.84 10.20 -19.84
C ILE A 357 -5.12 9.17 -20.97
N GLY A 358 -6.34 9.17 -21.52
CA GLY A 358 -6.66 8.33 -22.70
C GLY A 358 -5.97 8.91 -23.94
N HIS A 359 -5.93 8.14 -25.03
CA HIS A 359 -5.17 8.57 -26.23
C HIS A 359 -5.67 9.84 -26.91
N PHE A 360 -6.98 10.01 -26.99
CA PHE A 360 -7.57 11.17 -27.61
C PHE A 360 -8.25 12.09 -26.62
N ASP A 361 -8.30 13.38 -27.00
CA ASP A 361 -8.92 14.41 -26.16
C ASP A 361 -10.45 14.34 -26.03
N ASP A 362 -11.10 13.60 -26.93
CA ASP A 362 -12.57 13.43 -26.97
C ASP A 362 -13.25 13.01 -25.64
N GLU A 363 -12.47 12.47 -24.71
CA GLU A 363 -13.02 12.02 -23.42
C GLU A 363 -13.67 13.17 -22.66
N ILE A 364 -13.09 14.35 -22.81
CA ILE A 364 -13.56 15.58 -22.19
C ILE A 364 -14.09 16.51 -23.29
N ASP A 365 -15.23 17.18 -23.03
CA ASP A 365 -15.75 18.11 -24.03
C ASP A 365 -14.98 19.45 -23.97
N VAL A 366 -13.74 19.43 -24.46
CA VAL A 366 -12.90 20.62 -24.47
C VAL A 366 -13.43 21.69 -25.41
N TYR A 367 -13.92 21.28 -26.58
CA TYR A 367 -14.47 22.21 -27.55
C TYR A 367 -15.69 22.96 -26.97
N GLY A 368 -16.57 22.22 -26.30
CA GLY A 368 -17.74 22.81 -25.66
C GLY A 368 -17.34 23.76 -24.53
N LEU A 369 -16.30 23.40 -23.78
CA LEU A 369 -15.86 24.25 -22.70
C LEU A 369 -15.30 25.60 -23.24
N GLU A 370 -14.36 25.51 -24.16
CA GLU A 370 -13.70 26.67 -24.76
C GLU A 370 -14.64 27.61 -25.50
N ASN A 371 -15.71 27.05 -26.06
CA ASN A 371 -16.67 27.83 -26.85
C ASN A 371 -17.98 28.08 -26.11
N TYR A 372 -17.98 27.86 -24.79
CA TYR A 372 -19.18 28.14 -24.00
C TYR A 372 -19.36 29.67 -24.01
N PRO A 373 -20.59 30.16 -24.25
CA PRO A 373 -20.77 31.63 -24.33
C PRO A 373 -20.43 32.36 -23.03
N GLY A 374 -19.57 33.39 -23.16
CA GLY A 374 -19.13 34.17 -22.02
C GLY A 374 -18.07 33.50 -21.15
N ILE A 375 -17.46 32.41 -21.61
CA ILE A 375 -16.45 31.74 -20.80
C ILE A 375 -15.20 32.61 -20.78
N LYS A 376 -14.53 32.65 -19.65
CA LYS A 376 -13.31 33.40 -19.48
C LYS A 376 -12.18 32.36 -19.28
N VAL A 377 -11.07 32.56 -19.97
CA VAL A 377 -9.91 31.65 -19.85
C VAL A 377 -8.63 32.41 -19.53
N ILE A 378 -7.81 31.82 -18.68
CA ILE A 378 -6.47 32.35 -18.41
C ILE A 378 -5.48 31.19 -18.42
N GLU A 379 -4.27 31.51 -18.85
CA GLU A 379 -3.18 30.57 -18.88
C GLU A 379 -2.50 30.61 -17.49
N VAL A 380 -2.63 29.53 -16.73
CA VAL A 380 -2.01 29.40 -15.40
C VAL A 380 -0.49 29.11 -15.56
N LYS A 381 -0.15 28.29 -16.54
CA LYS A 381 1.23 28.00 -16.91
C LYS A 381 1.14 27.36 -18.28
N GLN A 382 2.27 26.95 -18.85
CA GLN A 382 2.25 26.35 -20.18
C GLN A 382 1.34 25.11 -20.17
N ASN A 383 0.35 25.11 -21.06
CA ASN A 383 -0.58 24.00 -21.21
C ASN A 383 -1.46 23.71 -19.98
N VAL A 384 -1.76 24.73 -19.17
CA VAL A 384 -2.69 24.60 -18.06
C VAL A 384 -3.56 25.85 -18.13
N HIS A 385 -4.88 25.65 -18.21
CA HIS A 385 -5.79 26.76 -18.35
C HIS A 385 -6.92 26.73 -17.37
N LYS A 386 -7.28 27.91 -16.85
CA LYS A 386 -8.38 28.04 -15.90
C LYS A 386 -9.56 28.70 -16.61
N PHE A 387 -10.71 28.02 -16.59
CA PHE A 387 -11.93 28.46 -17.24
C PHE A 387 -12.97 28.86 -16.23
N THR A 388 -13.54 30.05 -16.39
CA THR A 388 -14.52 30.57 -15.46
C THR A 388 -15.85 30.79 -16.15
N PHE A 389 -16.90 30.15 -15.66
CA PHE A 389 -18.27 30.32 -16.20
C PHE A 389 -18.82 31.70 -15.80
N PRO A 390 -19.56 32.37 -16.71
CA PRO A 390 -20.07 33.72 -16.42
C PRO A 390 -21.24 33.79 -15.43
N ASP A 391 -22.13 32.82 -15.43
CA ASP A 391 -23.30 32.86 -14.53
C ASP A 391 -22.95 32.54 -13.07
N THR A 392 -22.21 31.48 -12.82
CA THR A 392 -21.83 31.10 -11.47
C THR A 392 -20.52 31.73 -10.95
N GLN A 393 -19.69 32.18 -11.90
N GLN A 393 -19.67 32.18 -11.88
CA GLN A 393 -18.36 32.72 -11.61
CA GLN A 393 -18.36 32.75 -11.53
C GLN A 393 -17.43 31.67 -10.97
C GLN A 393 -17.40 31.66 -11.00
N LYS A 394 -17.78 30.39 -11.11
CA LYS A 394 -16.94 29.31 -10.61
C LYS A 394 -15.96 28.89 -11.70
N SER A 395 -14.81 28.39 -11.29
CA SER A 395 -13.76 27.98 -12.22
C SER A 395 -13.36 26.52 -12.15
N VAL A 396 -12.89 25.99 -13.29
CA VAL A 396 -12.33 24.64 -13.35
C VAL A 396 -10.96 24.82 -14.01
N ILE A 397 -10.03 23.92 -13.71
CA ILE A 397 -8.68 24.00 -14.25
C ILE A 397 -8.44 22.73 -15.06
N LEU A 398 -8.11 22.92 -16.34
CA LEU A 398 -7.91 21.84 -17.28
C LEU A 398 -6.46 21.68 -17.63
N LEU A 399 -5.94 20.46 -17.55
CA LEU A 399 -4.54 20.18 -17.89
C LEU A 399 -4.43 19.86 -19.38
N CYS A 400 -3.48 20.53 -20.03
CA CYS A 400 -3.17 20.49 -21.47
C CYS A 400 -4.29 20.22 -22.46
N LYS A 401 -5.32 21.07 -22.36
CA LYS A 401 -6.45 21.06 -23.27
C LYS A 401 -7.05 19.66 -23.44
N GLY A 402 -6.98 18.86 -22.37
CA GLY A 402 -7.52 17.52 -22.40
C GLY A 402 -6.71 16.49 -23.16
N ARG A 403 -5.51 16.85 -23.61
CA ARG A 403 -4.62 15.90 -24.28
C ARG A 403 -3.95 15.03 -23.20
N LEU A 404 -3.48 13.85 -23.59
CA LEU A 404 -2.90 12.88 -22.64
C LEU A 404 -1.89 13.57 -21.70
N VAL A 405 -2.30 13.68 -20.44
CA VAL A 405 -1.58 14.49 -19.45
C VAL A 405 -0.16 14.07 -19.11
N ASN A 406 0.12 12.77 -19.15
CA ASN A 406 1.45 12.31 -18.81
C ASN A 406 2.50 12.73 -19.86
N LEU A 407 2.05 12.94 -21.11
CA LEU A 407 2.93 13.35 -22.23
C LEU A 407 2.82 14.82 -22.59
N GLY A 408 1.66 15.41 -22.26
CA GLY A 408 1.43 16.83 -22.49
C GLY A 408 2.00 17.73 -21.42
N CYS A 409 1.85 17.32 -20.15
CA CYS A 409 2.33 18.09 -19.00
C CYS A 409 3.56 17.46 -18.33
N ALA A 410 4.08 16.38 -18.90
CA ALA A 410 5.28 15.72 -18.37
C ALA A 410 6.00 15.05 -19.54
N THR A 411 6.96 14.16 -19.25
CA THR A 411 7.77 13.48 -20.26
C THR A 411 7.36 12.03 -20.60
N GLY A 412 6.17 11.62 -20.17
CA GLY A 412 5.67 10.29 -20.46
C GLY A 412 6.25 9.21 -19.58
N HIS A 413 5.95 7.96 -19.93
CA HIS A 413 6.48 6.81 -19.21
C HIS A 413 8.01 6.78 -19.21
N PRO A 414 8.60 6.17 -18.18
CA PRO A 414 10.05 6.03 -18.11
C PRO A 414 10.59 4.93 -19.05
N PRO A 415 11.92 4.97 -19.33
CA PRO A 415 12.55 4.06 -20.30
C PRO A 415 12.33 2.55 -20.12
N LEU A 416 12.35 2.04 -18.89
CA LEU A 416 12.20 0.58 -18.68
C LEU A 416 10.94 0.01 -19.33
N VAL A 417 9.76 0.52 -18.97
CA VAL A 417 8.52 0.00 -19.58
C VAL A 417 8.43 0.32 -21.07
N MET A 418 8.94 1.49 -21.49
CA MET A 418 8.90 1.81 -22.92
C MET A 418 9.77 0.84 -23.71
N SER A 419 10.86 0.38 -23.10
CA SER A 419 11.75 -0.61 -23.76
C SER A 419 11.03 -1.95 -23.97
N MET A 420 10.19 -2.33 -23.02
CA MET A 420 9.39 -3.54 -23.16
C MET A 420 8.40 -3.36 -24.32
N SER A 421 7.69 -2.24 -24.36
CA SER A 421 6.75 -1.98 -25.48
C SER A 421 7.50 -1.85 -26.82
N PHE A 422 8.64 -1.15 -26.80
CA PHE A 422 9.37 -0.93 -28.05
C PHE A 422 10.11 -2.16 -28.57
N THR A 423 10.49 -3.05 -27.66
CA THR A 423 11.10 -4.31 -28.08
C THR A 423 10.03 -5.07 -28.89
N ASN A 424 8.79 -5.06 -28.41
CA ASN A 424 7.67 -5.67 -29.14
C ASN A 424 7.51 -5.01 -30.51
N GLN A 425 7.62 -3.68 -30.58
CA GLN A 425 7.53 -2.96 -31.85
C GLN A 425 8.61 -3.42 -32.85
N VAL A 426 9.85 -3.54 -32.41
CA VAL A 426 10.93 -3.97 -33.31
C VAL A 426 10.69 -5.40 -33.80
N LEU A 427 10.28 -6.31 -32.92
CA LEU A 427 9.97 -7.69 -33.34
C LEU A 427 8.81 -7.75 -34.32
N ALA A 428 7.80 -6.92 -34.10
CA ALA A 428 6.64 -6.81 -35.00
C ALA A 428 7.08 -6.33 -36.36
N GLN A 429 7.88 -5.26 -36.40
CA GLN A 429 8.40 -4.74 -37.67
C GLN A 429 9.23 -5.79 -38.43
N MET A 430 10.06 -6.54 -37.71
CA MET A 430 10.88 -7.62 -38.31
C MET A 430 10.01 -8.72 -38.88
N ASP A 431 8.93 -9.06 -38.16
CA ASP A 431 7.97 -10.09 -38.60
C ASP A 431 7.28 -9.68 -39.90
N LEU A 432 6.76 -8.46 -39.93
CA LEU A 432 6.07 -7.92 -41.13
C LEU A 432 7.02 -7.87 -42.33
N TRP A 433 8.23 -7.38 -42.10
CA TRP A 433 9.23 -7.31 -43.17
C TRP A 433 9.59 -8.70 -43.72
N LYS A 434 9.80 -9.68 -42.84
CA LYS A 434 10.16 -11.04 -43.27
C LYS A 434 9.05 -11.75 -44.04
N SER A 435 7.81 -11.35 -43.79
CA SER A 435 6.64 -11.94 -44.43
C SER A 435 6.14 -11.17 -45.64
N ARG A 436 6.91 -10.18 -46.10
CA ARG A 436 6.46 -9.30 -47.20
C ARG A 436 6.09 -10.01 -48.50
N GLU A 437 6.70 -11.15 -48.80
CA GLU A 437 6.38 -11.88 -50.04
C GLU A 437 5.00 -12.55 -49.99
N LEU A 438 4.48 -12.81 -48.79
CA LEU A 438 3.14 -13.38 -48.62
C LEU A 438 2.02 -12.33 -48.84
N VAL A 439 2.40 -11.07 -49.06
CA VAL A 439 1.45 -10.02 -49.34
C VAL A 439 1.35 -9.96 -50.87
N ASP A 440 0.26 -10.46 -51.44
CA ASP A 440 0.06 -10.46 -52.91
C ASP A 440 -1.22 -9.68 -53.25
N ARG A 441 -1.04 -8.44 -53.68
CA ARG A 441 -2.17 -7.57 -53.99
C ARG A 441 -2.75 -7.77 -55.41
N SER A 442 -3.45 -8.90 -55.56
CA SER A 442 -4.15 -9.28 -56.80
C SER A 442 -5.05 -10.46 -56.41
N LYS A 443 -4.42 -11.51 -55.86
CA LYS A 443 -5.14 -12.69 -55.38
C LYS A 443 -5.60 -12.48 -53.94
N ASN A 444 -4.65 -12.24 -53.03
CA ASN A 444 -4.92 -12.01 -51.60
C ASN A 444 -5.38 -10.56 -51.34
N THR A 445 -6.69 -10.36 -51.25
CA THR A 445 -7.25 -9.03 -51.01
C THR A 445 -7.61 -8.78 -49.53
N ARG A 446 -7.90 -9.84 -48.77
CA ARG A 446 -8.32 -9.66 -47.36
C ARG A 446 -7.19 -9.76 -46.29
N PHE A 447 -7.02 -8.67 -45.52
CA PHE A 447 -5.97 -8.57 -44.51
C PHE A 447 -6.48 -8.67 -43.07
N PHE A 448 -5.59 -9.12 -42.17
CA PHE A 448 -5.95 -9.36 -40.76
C PHE A 448 -5.00 -8.77 -39.72
N VAL A 449 -5.50 -8.74 -38.49
CA VAL A 449 -4.78 -8.27 -37.32
C VAL A 449 -4.32 -9.50 -36.55
N LYS A 450 -3.03 -9.60 -36.24
CA LYS A 450 -2.51 -10.68 -35.41
C LYS A 450 -1.69 -10.12 -34.26
N LYS A 451 -1.32 -11.01 -33.34
CA LYS A 451 -0.51 -10.69 -32.18
C LYS A 451 0.78 -11.50 -32.24
N LEU A 452 1.79 -11.05 -31.53
CA LEU A 452 3.08 -11.74 -31.46
C LEU A 452 2.90 -13.00 -30.60
N SER A 453 3.71 -14.01 -30.85
CA SER A 453 3.62 -15.28 -30.11
C SER A 453 3.98 -15.12 -28.62
N LYS A 454 3.53 -16.07 -27.79
CA LYS A 454 3.89 -16.05 -26.37
C LYS A 454 5.39 -16.25 -26.18
N GLU A 455 6.03 -17.01 -27.07
CA GLU A 455 7.48 -17.20 -27.02
C GLU A 455 8.21 -15.86 -27.07
N LEU A 456 7.81 -14.99 -27.99
CA LEU A 456 8.43 -13.66 -28.12
C LEU A 456 8.07 -12.75 -26.96
N ASP A 457 6.85 -12.91 -26.45
CA ASP A 457 6.36 -12.12 -25.33
C ASP A 457 7.27 -12.43 -24.11
N GLU A 458 7.49 -13.73 -23.87
CA GLU A 458 8.37 -14.16 -22.78
C GLU A 458 9.82 -13.72 -23.01
N TYR A 459 10.24 -13.70 -24.28
CA TYR A 459 11.59 -13.26 -24.61
C TYR A 459 11.78 -11.78 -24.23
N VAL A 460 10.78 -10.95 -24.54
CA VAL A 460 10.85 -9.52 -24.19
C VAL A 460 11.08 -9.35 -22.68
N ALA A 461 10.34 -10.12 -21.90
CA ALA A 461 10.49 -10.10 -20.44
C ALA A 461 11.90 -10.53 -20.04
N ARG A 462 12.39 -11.63 -20.62
CA ARG A 462 13.75 -12.12 -20.30
C ARG A 462 14.81 -11.07 -20.54
N LEU A 463 14.67 -10.30 -21.62
CA LEU A 463 15.64 -9.26 -21.94
C LEU A 463 15.74 -8.12 -20.91
N HIS A 464 14.76 -8.00 -20.02
CA HIS A 464 14.76 -6.92 -19.01
C HIS A 464 14.98 -7.38 -17.57
N LEU A 465 15.13 -8.69 -17.32
CA LEU A 465 15.31 -9.19 -15.95
C LEU A 465 16.56 -8.64 -15.23
N ASP A 466 17.71 -8.59 -15.93
CA ASP A 466 18.96 -8.08 -15.34
C ASP A 466 18.89 -6.63 -14.89
N VAL A 467 18.09 -5.81 -15.57
CA VAL A 467 17.94 -4.40 -15.17
C VAL A 467 17.57 -4.33 -13.68
N LEU A 468 16.68 -5.22 -13.25
CA LEU A 468 16.17 -5.24 -11.91
C LEU A 468 16.80 -6.28 -11.00
N GLY A 469 17.85 -6.96 -11.46
CA GLY A 469 18.49 -7.98 -10.63
C GLY A 469 17.58 -9.16 -10.27
N ILE A 470 16.64 -9.48 -11.16
CA ILE A 470 15.72 -10.59 -10.95
C ILE A 470 16.43 -11.92 -11.28
N LYS A 471 16.33 -12.89 -10.36
CA LYS A 471 16.93 -14.21 -10.57
C LYS A 471 15.82 -15.22 -10.80
N LEU A 472 15.78 -15.75 -12.01
CA LEU A 472 14.73 -16.68 -12.40
C LEU A 472 15.09 -18.11 -12.04
N THR A 473 14.07 -18.87 -11.61
CA THR A 473 14.24 -20.25 -11.25
C THR A 473 14.12 -21.11 -12.52
N LYS A 474 14.90 -22.19 -12.57
CA LYS A 474 14.84 -23.12 -13.69
C LYS A 474 14.16 -24.43 -13.27
N LEU A 475 13.20 -24.88 -14.09
CA LEU A 475 12.50 -26.13 -13.84
C LEU A 475 13.40 -27.33 -14.04
N THR A 476 13.22 -28.37 -13.22
CA THR A 476 13.91 -29.63 -13.46
C THR A 476 13.08 -30.36 -14.53
N GLU A 477 13.63 -31.41 -15.13
CA GLU A 477 12.91 -32.20 -16.13
C GLU A 477 11.62 -32.78 -15.53
N THR A 478 11.70 -33.24 -14.28
CA THR A 478 10.54 -33.82 -13.61
C THR A 478 9.44 -32.79 -13.43
N GLN A 479 9.82 -31.59 -13.02
CA GLN A 479 8.85 -30.52 -12.83
C GLN A 479 8.22 -30.07 -14.15
N ALA A 480 9.05 -29.92 -15.19
CA ALA A 480 8.58 -29.51 -16.51
C ALA A 480 7.51 -30.49 -17.03
N LYS A 481 7.79 -31.78 -16.87
CA LYS A 481 6.85 -32.81 -17.29
C LYS A 481 5.59 -32.76 -16.42
N TYR A 482 5.76 -32.58 -15.12
CA TYR A 482 4.62 -32.52 -14.18
C TYR A 482 3.61 -31.43 -14.53
N ILE A 483 4.08 -30.21 -14.84
CA ILE A 483 3.18 -29.09 -15.22
C ILE A 483 2.95 -28.99 -16.74
N ASN A 484 3.50 -29.95 -17.48
CA ASN A 484 3.32 -30.06 -18.92
C ASN A 484 3.83 -28.85 -19.72
N VAL A 485 5.06 -28.42 -19.46
CA VAL A 485 5.66 -27.33 -20.22
C VAL A 485 7.09 -27.67 -20.55
N SER A 486 7.61 -27.03 -21.58
CA SER A 486 9.00 -27.13 -21.93
C SER A 486 9.79 -26.30 -20.88
N ILE A 487 11.01 -26.73 -20.60
CA ILE A 487 11.90 -26.01 -19.67
C ILE A 487 12.13 -24.55 -20.09
N ASN A 488 12.14 -24.30 -21.40
CA ASN A 488 12.33 -22.96 -21.94
C ASN A 488 11.01 -22.22 -22.23
N GLY A 489 9.88 -22.75 -21.77
CA GLY A 489 8.59 -22.12 -22.03
C GLY A 489 8.13 -22.36 -23.45
N PRO A 490 6.96 -21.85 -23.83
CA PRO A 490 6.08 -21.01 -22.98
C PRO A 490 5.56 -21.71 -21.73
N TYR A 491 5.36 -20.95 -20.67
CA TYR A 491 4.96 -21.49 -19.37
C TYR A 491 3.46 -21.40 -19.11
N LYS A 492 2.73 -20.63 -19.91
CA LYS A 492 1.29 -20.43 -19.71
C LYS A 492 0.50 -20.68 -20.99
N SER A 493 -0.77 -21.05 -20.82
CA SER A 493 -1.67 -21.26 -21.95
C SER A 493 -2.02 -19.90 -22.58
N GLU A 494 -2.51 -19.92 -23.82
CA GLU A 494 -2.81 -18.70 -24.56
C GLU A 494 -3.82 -17.78 -23.90
N ASP A 495 -4.80 -18.36 -23.21
CA ASP A 495 -5.81 -17.56 -22.55
C ASP A 495 -5.42 -17.09 -21.12
N TYR A 496 -4.18 -17.32 -20.70
CA TYR A 496 -3.74 -16.90 -19.35
C TYR A 496 -3.72 -15.38 -19.26
N ARG A 497 -4.22 -14.87 -18.15
CA ARG A 497 -4.39 -13.42 -17.98
C ARG A 497 -3.35 -12.68 -17.15
N TYR A 498 -2.44 -13.43 -16.53
CA TYR A 498 -1.39 -12.84 -15.71
C TYR A 498 -2.00 -11.90 -14.67
N GLU B 7 -27.21 -43.48 5.15
CA GLU B 7 -26.05 -43.88 4.29
C GLU B 7 -24.85 -42.93 4.44
N SER B 8 -25.09 -41.64 4.71
CA SER B 8 -24.01 -40.67 4.88
C SER B 8 -22.98 -41.03 5.97
N ARG B 9 -21.73 -40.62 5.78
CA ARG B 9 -20.67 -40.81 6.78
C ARG B 9 -20.07 -39.44 7.07
N ILE B 10 -20.47 -38.90 8.22
CA ILE B 10 -20.03 -37.60 8.70
C ILE B 10 -19.63 -37.72 10.16
N LYS B 11 -18.99 -36.69 10.70
N LYS B 11 -18.99 -36.68 10.69
CA LYS B 11 -18.50 -36.70 12.07
CA LYS B 11 -18.52 -36.68 12.06
C LYS B 11 -19.58 -36.57 13.16
C LYS B 11 -19.65 -36.64 13.10
N ASP B 12 -20.52 -35.65 13.01
CA ASP B 12 -21.59 -35.46 14.01
C ASP B 12 -22.79 -34.66 13.50
N ILE B 13 -23.93 -35.34 13.38
CA ILE B 13 -25.18 -34.70 12.92
C ILE B 13 -25.69 -33.60 13.87
N SER B 14 -25.38 -33.69 15.17
CA SER B 14 -25.85 -32.68 16.12
C SER B 14 -25.28 -31.28 15.86
N LEU B 15 -24.25 -31.18 15.02
CA LEU B 15 -23.66 -29.90 14.63
C LEU B 15 -24.49 -29.17 13.54
N ALA B 16 -25.59 -29.78 13.07
CA ALA B 16 -26.37 -29.20 11.97
C ALA B 16 -26.90 -27.79 12.16
N GLU B 17 -27.41 -27.49 13.35
CA GLU B 17 -27.97 -26.15 13.61
C GLU B 17 -26.93 -25.05 13.48
N PHE B 18 -25.69 -25.30 13.91
CA PHE B 18 -24.64 -24.30 13.74
C PHE B 18 -24.33 -24.10 12.27
N GLY B 19 -24.40 -25.21 11.52
CA GLY B 19 -24.14 -25.17 10.08
C GLY B 19 -25.23 -24.41 9.32
N LEU B 20 -26.49 -24.68 9.68
CA LEU B 20 -27.63 -24.01 9.07
C LEU B 20 -27.61 -22.51 9.34
N GLN B 21 -27.27 -22.15 10.58
N GLN B 21 -27.28 -22.14 10.59
CA GLN B 21 -27.18 -20.76 11.00
CA GLN B 21 -27.18 -20.73 10.97
C GLN B 21 -26.06 -20.05 10.23
C GLN B 21 -26.06 -20.05 10.19
N ASP B 22 -24.91 -20.72 10.10
CA ASP B 22 -23.77 -20.16 9.33
C ASP B 22 -24.10 -20.00 7.85
N MET B 23 -24.88 -20.94 7.31
CA MET B 23 -25.28 -20.85 5.91
C MET B 23 -26.11 -19.61 5.66
N GLU B 24 -27.07 -19.33 6.54
CA GLU B 24 -27.92 -18.13 6.40
C GLU B 24 -27.13 -16.82 6.48
N ILE B 25 -26.17 -16.75 7.40
CA ILE B 25 -25.32 -15.56 7.53
C ILE B 25 -24.48 -15.38 6.25
N ALA B 26 -23.88 -16.47 5.77
CA ALA B 26 -23.07 -16.43 4.55
C ALA B 26 -23.86 -15.98 3.35
N LYS B 27 -25.13 -16.38 3.29
CA LYS B 27 -25.99 -16.04 2.14
C LYS B 27 -26.24 -14.55 1.93
N THR B 28 -26.02 -13.75 2.96
CA THR B 28 -26.14 -12.30 2.86
C THR B 28 -25.23 -11.77 1.73
N ASP B 29 -24.04 -12.36 1.60
CA ASP B 29 -23.07 -11.95 0.57
C ASP B 29 -23.03 -12.86 -0.67
N MET B 30 -23.67 -14.03 -0.63
CA MET B 30 -23.64 -14.96 -1.77
C MET B 30 -24.82 -14.68 -2.70
N MET B 31 -24.90 -13.43 -3.18
N MET B 31 -24.91 -13.44 -3.18
CA MET B 31 -26.01 -12.99 -4.06
CA MET B 31 -26.06 -13.01 -4.00
C MET B 31 -26.22 -13.80 -5.31
C MET B 31 -26.19 -13.65 -5.39
N GLY B 32 -25.14 -14.28 -5.90
CA GLY B 32 -25.21 -15.02 -7.15
C GLY B 32 -26.01 -16.30 -6.92
N LEU B 33 -25.70 -17.01 -5.84
CA LEU B 33 -26.40 -18.24 -5.53
C LEU B 33 -27.83 -17.99 -5.07
N VAL B 34 -28.05 -16.93 -4.30
CA VAL B 34 -29.39 -16.55 -3.84
C VAL B 34 -30.25 -16.23 -5.06
N GLU B 35 -29.67 -15.50 -6.03
CA GLU B 35 -30.43 -15.15 -7.22
C GLU B 35 -30.73 -16.36 -8.10
N LEU B 36 -29.78 -17.28 -8.26
CA LEU B 36 -30.05 -18.49 -9.07
C LEU B 36 -31.14 -19.33 -8.43
N GLN B 37 -31.16 -19.40 -7.10
CA GLN B 37 -32.22 -20.11 -6.43
C GLN B 37 -33.56 -19.42 -6.69
N ARG B 38 -33.62 -18.10 -6.58
CA ARG B 38 -34.88 -17.38 -6.80
C ARG B 38 -35.39 -17.57 -8.23
N LYS B 39 -34.47 -17.47 -9.18
CA LYS B 39 -34.82 -17.50 -10.61
C LYS B 39 -35.17 -18.89 -11.16
N TYR B 40 -34.54 -19.93 -10.64
CA TYR B 40 -34.69 -21.27 -11.17
C TYR B 40 -35.23 -22.36 -10.26
N ARG B 41 -35.63 -22.05 -9.02
CA ARG B 41 -36.14 -23.11 -8.12
C ARG B 41 -37.47 -23.70 -8.59
N ASP B 42 -38.23 -22.93 -9.37
CA ASP B 42 -39.50 -23.40 -9.91
C ASP B 42 -39.30 -24.17 -11.24
N SER B 43 -38.58 -23.59 -12.19
CA SER B 43 -38.37 -24.25 -13.48
C SER B 43 -37.45 -25.48 -13.36
N LYS B 44 -36.57 -25.47 -12.37
CA LYS B 44 -35.66 -26.57 -12.09
C LYS B 44 -34.87 -27.06 -13.31
N PRO B 45 -33.91 -26.24 -13.78
CA PRO B 45 -33.08 -26.60 -14.94
C PRO B 45 -32.21 -27.85 -14.78
N LEU B 46 -31.95 -28.29 -13.56
CA LEU B 46 -31.17 -29.52 -13.31
C LEU B 46 -32.05 -30.70 -12.86
N LYS B 47 -33.35 -30.58 -13.08
CA LYS B 47 -34.33 -31.60 -12.64
C LYS B 47 -33.90 -33.03 -13.02
N GLY B 48 -33.76 -33.90 -12.01
CA GLY B 48 -33.38 -35.28 -12.22
C GLY B 48 -31.91 -35.61 -12.42
N ALA B 49 -31.05 -34.62 -12.57
CA ALA B 49 -29.62 -34.89 -12.75
C ALA B 49 -28.98 -35.46 -11.47
N ARG B 50 -28.23 -36.55 -11.62
CA ARG B 50 -27.47 -37.15 -10.53
C ARG B 50 -26.11 -36.45 -10.54
N ILE B 51 -25.83 -35.67 -9.51
CA ILE B 51 -24.59 -34.92 -9.43
C ILE B 51 -23.70 -35.42 -8.30
N THR B 52 -22.46 -35.77 -8.64
CA THR B 52 -21.46 -36.15 -7.65
C THR B 52 -20.47 -35.01 -7.59
N GLY B 53 -20.24 -34.53 -6.38
CA GLY B 53 -19.28 -33.47 -6.16
C GLY B 53 -18.12 -33.94 -5.28
N SER B 54 -16.93 -33.45 -5.65
CA SER B 54 -15.67 -33.72 -4.95
C SER B 54 -15.06 -32.34 -4.78
N LEU B 55 -15.43 -31.67 -3.70
CA LEU B 55 -15.02 -30.29 -3.48
C LEU B 55 -15.16 -29.92 -2.01
N HIS B 56 -14.11 -29.29 -1.45
CA HIS B 56 -14.04 -28.89 -0.03
C HIS B 56 -15.41 -28.60 0.56
N LEU B 57 -15.84 -29.42 1.51
CA LEU B 57 -17.17 -29.24 2.04
C LEU B 57 -17.18 -28.22 3.20
N THR B 58 -17.17 -26.95 2.80
CA THR B 58 -17.22 -25.80 3.68
C THR B 58 -18.65 -25.26 3.73
N ILE B 59 -18.88 -24.24 4.53
CA ILE B 59 -20.19 -23.58 4.61
C ILE B 59 -20.55 -23.02 3.24
N GLU B 60 -19.57 -22.41 2.59
CA GLU B 60 -19.76 -21.87 1.25
C GLU B 60 -20.21 -22.96 0.27
N THR B 61 -19.57 -24.13 0.36
CA THR B 61 -19.91 -25.26 -0.49
C THR B 61 -21.32 -25.79 -0.22
N SER B 62 -21.77 -25.74 1.03
N SER B 62 -21.76 -25.75 1.03
CA SER B 62 -23.11 -26.23 1.34
CA SER B 62 -23.10 -26.20 1.38
C SER B 62 -24.16 -25.34 0.69
C SER B 62 -24.18 -25.32 0.74
N VAL B 63 -23.85 -24.06 0.46
CA VAL B 63 -24.77 -23.14 -0.21
C VAL B 63 -24.80 -23.52 -1.70
N LEU B 64 -23.65 -23.90 -2.25
CA LEU B 64 -23.61 -24.38 -3.62
C LEU B 64 -24.48 -25.63 -3.77
N VAL B 65 -24.35 -26.55 -2.82
CA VAL B 65 -25.10 -27.82 -2.84
C VAL B 65 -26.61 -27.54 -2.72
N GLU B 66 -26.98 -26.65 -1.81
CA GLU B 66 -28.36 -26.25 -1.64
C GLU B 66 -28.92 -25.67 -2.95
N THR B 67 -28.08 -24.91 -3.66
CA THR B 67 -28.48 -24.29 -4.93
C THR B 67 -28.75 -25.38 -5.98
N LEU B 68 -27.83 -26.33 -6.13
CA LEU B 68 -28.00 -27.40 -7.11
C LEU B 68 -29.27 -28.22 -6.79
N TYR B 69 -29.51 -28.45 -5.51
CA TYR B 69 -30.69 -29.16 -5.04
C TYR B 69 -31.98 -28.38 -5.37
N GLU B 70 -32.05 -27.09 -5.03
CA GLU B 70 -33.23 -26.27 -5.36
C GLU B 70 -33.51 -26.23 -6.86
N LEU B 71 -32.45 -26.36 -7.68
CA LEU B 71 -32.58 -26.39 -9.15
C LEU B 71 -33.00 -27.79 -9.70
N GLY B 72 -33.25 -28.73 -8.79
CA GLY B 72 -33.77 -30.06 -9.15
C GLY B 72 -32.83 -31.27 -9.14
N ALA B 73 -31.56 -31.11 -8.79
CA ALA B 73 -30.65 -32.25 -8.80
C ALA B 73 -30.64 -33.14 -7.53
N GLU B 74 -30.26 -34.41 -7.73
CA GLU B 74 -30.03 -35.36 -6.64
C GLU B 74 -28.53 -35.26 -6.47
N ILE B 75 -28.07 -35.31 -5.22
CA ILE B 75 -26.65 -35.06 -4.94
C ILE B 75 -25.93 -36.00 -3.97
N ARG B 76 -24.69 -36.36 -4.34
CA ARG B 76 -23.75 -37.12 -3.48
C ARG B 76 -22.50 -36.26 -3.43
N TRP B 77 -21.89 -36.14 -2.27
CA TRP B 77 -20.75 -35.23 -2.12
C TRP B 77 -19.64 -35.74 -1.20
N CYS B 78 -18.40 -35.44 -1.55
CA CYS B 78 -17.23 -35.72 -0.71
C CYS B 78 -16.33 -34.48 -0.83
N SER B 79 -15.33 -34.34 0.06
N SER B 79 -15.33 -34.33 0.06
CA SER B 79 -14.41 -33.21 -0.02
CA SER B 79 -14.44 -33.17 -0.04
C SER B 79 -13.23 -33.63 -0.87
C SER B 79 -13.23 -33.62 -0.86
N CYS B 80 -12.47 -32.65 -1.36
CA CYS B 80 -11.29 -32.95 -2.18
C CYS B 80 -9.97 -32.78 -1.38
N ASN B 81 -10.09 -32.77 -0.06
CA ASN B 81 -8.93 -32.71 0.81
C ASN B 81 -9.28 -33.33 2.13
N ILE B 82 -8.34 -34.09 2.71
CA ILE B 82 -8.54 -34.73 4.00
C ILE B 82 -8.75 -33.79 5.21
N TYR B 83 -8.39 -32.51 5.09
CA TYR B 83 -8.51 -31.54 6.21
C TYR B 83 -9.50 -30.40 5.99
N SER B 84 -10.06 -30.29 4.80
CA SER B 84 -10.86 -29.12 4.48
C SER B 84 -12.32 -29.14 4.85
N THR B 85 -12.87 -30.30 5.17
CA THR B 85 -14.30 -30.37 5.52
C THR B 85 -14.59 -29.59 6.79
N GLN B 86 -15.72 -28.89 6.82
CA GLN B 86 -16.22 -28.21 8.02
C GLN B 86 -17.38 -29.11 8.46
N ASP B 87 -17.21 -29.79 9.58
CA ASP B 87 -18.19 -30.76 10.04
C ASP B 87 -19.60 -30.21 10.23
N HIS B 88 -19.74 -28.94 10.61
CA HIS B 88 -21.08 -28.36 10.78
C HIS B 88 -21.77 -28.16 9.44
N ALA B 89 -20.98 -27.86 8.40
CA ALA B 89 -21.50 -27.71 7.05
C ALA B 89 -21.99 -29.05 6.54
N ALA B 90 -21.20 -30.09 6.80
CA ALA B 90 -21.58 -31.44 6.37
C ALA B 90 -22.86 -31.88 7.07
N ALA B 91 -22.97 -31.60 8.36
CA ALA B 91 -24.15 -31.98 9.15
C ALA B 91 -25.42 -31.27 8.66
N ALA B 92 -25.28 -29.99 8.30
CA ALA B 92 -26.42 -29.20 7.82
C ALA B 92 -27.07 -29.81 6.57
N LEU B 93 -26.24 -30.28 5.62
CA LEU B 93 -26.72 -30.90 4.39
C LEU B 93 -27.43 -32.22 4.66
N VAL B 94 -26.88 -33.05 5.54
CA VAL B 94 -27.50 -34.33 5.88
C VAL B 94 -28.80 -34.11 6.66
N LYS B 95 -28.78 -33.21 7.63
CA LYS B 95 -29.97 -32.91 8.43
C LYS B 95 -31.16 -32.50 7.54
N LYS B 96 -30.91 -31.60 6.58
CA LYS B 96 -31.95 -31.15 5.67
C LYS B 96 -32.23 -32.13 4.53
N ASN B 97 -31.42 -33.18 4.44
CA ASN B 97 -31.60 -34.23 3.42
C ASN B 97 -31.43 -33.70 1.97
N ILE B 98 -30.55 -32.72 1.83
CA ILE B 98 -30.21 -32.06 0.57
C ILE B 98 -29.22 -32.89 -0.26
N ALA B 99 -28.43 -33.70 0.43
CA ALA B 99 -27.41 -34.52 -0.21
C ALA B 99 -26.97 -35.68 0.67
N THR B 100 -26.41 -36.69 0.03
CA THR B 100 -25.82 -37.85 0.72
C THR B 100 -24.35 -37.47 0.77
N VAL B 101 -23.80 -37.41 1.98
CA VAL B 101 -22.42 -36.92 2.19
C VAL B 101 -21.46 -37.94 2.75
N PHE B 102 -20.22 -37.93 2.25
CA PHE B 102 -19.14 -38.80 2.75
C PHE B 102 -17.96 -37.87 2.95
N ALA B 103 -17.91 -37.23 4.12
CA ALA B 103 -16.88 -36.24 4.41
C ALA B 103 -16.76 -35.85 5.87
N TRP B 104 -15.52 -35.70 6.34
CA TRP B 104 -15.25 -35.22 7.69
C TRP B 104 -13.88 -34.61 7.77
N LYS B 105 -13.68 -33.73 8.76
CA LYS B 105 -12.38 -33.11 8.93
C LYS B 105 -11.44 -34.15 9.49
N ASN B 106 -10.21 -34.17 8.98
CA ASN B 106 -9.14 -35.09 9.44
C ASN B 106 -9.34 -36.54 9.04
N GLU B 107 -9.67 -36.77 7.77
CA GLU B 107 -9.81 -38.11 7.24
C GLU B 107 -8.39 -38.68 7.03
N THR B 108 -8.28 -40.01 7.06
CA THR B 108 -7.02 -40.68 6.71
C THR B 108 -7.03 -40.70 5.18
N ILE B 109 -5.88 -40.88 4.57
CA ILE B 109 -5.81 -40.95 3.11
C ILE B 109 -6.65 -42.12 2.58
N GLU B 110 -6.62 -43.26 3.29
CA GLU B 110 -7.44 -44.42 2.89
C GLU B 110 -8.95 -44.08 2.86
N ASP B 111 -9.43 -43.39 3.88
CA ASP B 111 -10.86 -43.02 3.95
C ASP B 111 -11.24 -41.98 2.91
N TYR B 112 -10.30 -41.10 2.53
CA TYR B 112 -10.56 -40.11 1.49
C TYR B 112 -11.01 -40.79 0.21
N TRP B 113 -10.21 -41.74 -0.27
CA TRP B 113 -10.51 -42.47 -1.52
C TRP B 113 -11.76 -43.37 -1.43
N VAL B 114 -12.05 -43.90 -0.24
CA VAL B 114 -13.27 -44.70 -0.04
C VAL B 114 -14.49 -43.73 -0.12
N CYS B 115 -14.38 -42.56 0.50
CA CYS B 115 -15.45 -41.54 0.43
C CYS B 115 -15.71 -41.09 -1.02
N LEU B 116 -14.64 -40.86 -1.78
CA LEU B 116 -14.79 -40.44 -3.17
C LEU B 116 -15.50 -41.50 -3.97
N ASN B 117 -15.01 -42.74 -3.84
CA ASN B 117 -15.57 -43.86 -4.58
C ASN B 117 -17.07 -44.05 -4.23
N ASP B 118 -17.40 -43.92 -2.96
CA ASP B 118 -18.80 -44.03 -2.53
C ASP B 118 -19.63 -42.87 -3.09
N ALA B 119 -19.06 -41.67 -3.18
CA ALA B 119 -19.81 -40.53 -3.74
C ALA B 119 -20.16 -40.73 -5.23
N MET B 120 -19.31 -41.49 -5.93
CA MET B 120 -19.49 -41.80 -7.34
C MET B 120 -20.48 -42.94 -7.60
N THR B 121 -20.83 -43.67 -6.55
CA THR B 121 -21.75 -44.82 -6.65
C THR B 121 -23.20 -44.44 -6.38
N TRP B 122 -24.07 -44.69 -7.35
CA TRP B 122 -25.52 -44.42 -7.27
C TRP B 122 -26.27 -45.75 -7.35
N ARG B 123 -27.26 -45.95 -6.46
CA ARG B 123 -27.97 -47.25 -6.37
C ARG B 123 -29.47 -47.31 -6.74
N ASN B 124 -30.31 -47.65 -5.74
CA ASN B 124 -31.79 -47.91 -5.83
C ASN B 124 -32.28 -48.68 -7.08
N PRO B 125 -33.53 -49.19 -7.05
CA PRO B 125 -34.06 -49.93 -8.22
C PRO B 125 -33.87 -49.25 -9.61
N ASN B 126 -32.62 -49.26 -10.10
CA ASN B 126 -32.24 -48.69 -11.40
C ASN B 126 -31.51 -49.73 -12.26
N LYS B 128 -32.72 -52.90 -12.07
CA LYS B 128 -33.03 -54.00 -11.17
C LYS B 128 -32.84 -53.52 -9.72
N ASP B 129 -31.61 -53.53 -9.24
CA ASP B 129 -31.27 -53.04 -7.91
C ASP B 129 -29.74 -53.02 -7.85
N LYS B 130 -29.17 -52.26 -8.79
CA LYS B 130 -27.71 -52.16 -8.92
C LYS B 130 -27.15 -50.76 -9.22
N ILE B 131 -25.82 -50.75 -9.39
CA ILE B 131 -24.99 -49.56 -9.53
C ILE B 131 -25.00 -48.74 -10.83
N CYS B 132 -25.11 -47.42 -10.66
CA CYS B 132 -25.02 -46.43 -11.73
C CYS B 132 -23.93 -45.41 -11.28
N GLY B 133 -23.54 -44.52 -12.20
CA GLY B 133 -22.59 -43.46 -11.87
C GLY B 133 -23.35 -42.15 -11.94
N PRO B 134 -22.64 -41.04 -11.70
CA PRO B 134 -23.32 -39.77 -11.81
C PRO B 134 -23.56 -39.36 -13.27
N ASN B 135 -24.47 -38.42 -13.47
CA ASN B 135 -24.70 -37.83 -14.79
C ASN B 135 -23.72 -36.67 -14.96
N LEU B 136 -23.43 -35.98 -13.86
CA LEU B 136 -22.57 -34.82 -13.89
C LEU B 136 -21.65 -34.82 -12.69
N ILE B 137 -20.48 -34.23 -12.86
CA ILE B 137 -19.51 -34.14 -11.80
C ILE B 137 -19.05 -32.70 -11.58
N VAL B 138 -19.03 -32.29 -10.30
CA VAL B 138 -18.47 -31.00 -9.86
C VAL B 138 -17.15 -31.46 -9.25
N ASP B 139 -16.03 -31.03 -9.82
CA ASP B 139 -14.72 -31.53 -9.41
C ASP B 139 -13.80 -30.33 -9.08
N ASP B 140 -12.93 -30.54 -8.09
CA ASP B 140 -11.98 -29.51 -7.66
C ASP B 140 -10.65 -30.25 -7.43
N GLY B 141 -9.75 -30.14 -8.40
CA GLY B 141 -8.46 -30.81 -8.33
C GLY B 141 -8.39 -32.01 -9.26
N GLY B 142 -9.54 -32.46 -9.74
CA GLY B 142 -9.59 -33.57 -10.68
C GLY B 142 -9.55 -34.98 -10.14
N ASP B 143 -9.73 -35.17 -8.83
CA ASP B 143 -9.70 -36.55 -8.27
C ASP B 143 -10.88 -37.43 -8.72
N ALA B 144 -12.07 -36.85 -8.84
CA ALA B 144 -13.25 -37.61 -9.29
C ALA B 144 -13.05 -38.02 -10.74
N THR B 145 -12.54 -37.09 -11.52
CA THR B 145 -12.25 -37.33 -12.92
C THR B 145 -11.12 -38.34 -13.09
N LEU B 146 -10.16 -38.31 -12.18
CA LEU B 146 -9.01 -39.21 -12.21
C LEU B 146 -9.43 -40.64 -11.91
N ILE B 147 -10.19 -40.83 -10.84
CA ILE B 147 -10.60 -42.20 -10.49
C ILE B 147 -11.43 -42.83 -11.62
N LEU B 148 -12.25 -42.03 -12.31
CA LEU B 148 -13.04 -42.53 -13.43
C LEU B 148 -12.13 -43.00 -14.58
N HIS B 149 -11.22 -42.14 -15.03
CA HIS B 149 -10.28 -42.48 -16.13
C HIS B 149 -9.31 -43.59 -15.77
N GLU B 150 -8.77 -43.56 -14.58
CA GLU B 150 -7.87 -44.62 -14.13
C GLU B 150 -8.65 -45.94 -13.95
N GLY B 151 -9.92 -45.82 -13.60
CA GLY B 151 -10.79 -46.98 -13.46
C GLY B 151 -10.98 -47.66 -14.81
N VAL B 152 -11.34 -46.87 -15.81
CA VAL B 152 -11.52 -47.36 -17.16
C VAL B 152 -10.21 -47.99 -17.65
N LYS B 153 -9.10 -47.32 -17.41
CA LYS B 153 -7.80 -47.85 -17.83
C LYS B 153 -7.54 -49.22 -17.20
N ALA B 154 -7.83 -49.34 -15.89
CA ALA B 154 -7.64 -50.58 -15.13
C ALA B 154 -8.50 -51.73 -15.67
N GLU B 155 -9.76 -51.41 -16.01
CA GLU B 155 -10.67 -52.43 -16.56
C GLU B 155 -10.18 -52.95 -17.90
N ILE B 156 -9.68 -52.06 -18.76
CA ILE B 156 -9.15 -52.48 -20.07
C ILE B 156 -7.91 -53.37 -19.90
N GLU B 157 -7.03 -53.05 -18.95
CA GLU B 157 -5.84 -53.88 -18.68
C GLU B 157 -6.21 -55.23 -18.08
N TYR B 158 -7.28 -55.23 -17.30
CA TYR B 158 -7.78 -56.43 -16.63
C TYR B 158 -8.24 -57.48 -17.64
N GLU B 159 -9.03 -57.06 -18.64
CA GLU B 159 -9.51 -57.97 -19.69
C GLU B 159 -8.43 -58.31 -20.72
N LYS B 160 -7.41 -57.47 -20.82
CA LYS B 160 -6.31 -57.69 -21.74
C LYS B 160 -5.58 -58.99 -21.39
N TYR B 161 -5.23 -59.16 -20.11
CA TYR B 161 -4.50 -60.36 -19.65
C TYR B 161 -5.24 -61.20 -18.61
N ASN B 162 -6.55 -60.98 -18.45
CA ASN B 162 -7.38 -61.75 -17.51
C ASN B 162 -6.77 -61.90 -16.11
N LYS B 163 -6.24 -60.79 -15.58
CA LYS B 163 -5.66 -60.75 -14.24
C LYS B 163 -5.53 -59.29 -13.77
N ILE B 164 -5.46 -59.11 -12.46
CA ILE B 164 -5.31 -57.78 -11.89
C ILE B 164 -4.03 -57.15 -12.45
N PRO B 165 -4.14 -55.93 -13.02
CA PRO B 165 -2.93 -55.27 -13.54
C PRO B 165 -1.87 -55.11 -12.44
N GLU B 166 -0.66 -55.56 -12.72
CA GLU B 166 0.41 -55.53 -11.73
C GLU B 166 0.85 -54.15 -11.27
N TYR B 167 0.59 -53.10 -12.05
CA TYR B 167 0.95 -51.76 -11.59
C TYR B 167 0.11 -51.39 -10.36
N LEU B 168 -1.04 -52.06 -10.17
CA LEU B 168 -1.91 -51.81 -9.03
C LEU B 168 -1.48 -52.51 -7.75
N GLU B 169 -0.66 -53.54 -7.87
CA GLU B 169 -0.25 -54.36 -6.70
C GLU B 169 1.17 -54.13 -6.19
N THR B 170 1.82 -53.10 -6.70
CA THR B 170 3.16 -52.76 -6.26
C THR B 170 3.13 -51.46 -5.47
N GLU B 171 4.22 -51.19 -4.76
CA GLU B 171 4.37 -49.95 -3.99
C GLU B 171 5.34 -48.99 -4.67
N LEU B 172 5.89 -49.42 -5.80
CA LEU B 172 6.85 -48.64 -6.57
C LEU B 172 6.21 -48.15 -7.86
N ASP B 173 6.75 -47.06 -8.42
CA ASP B 173 6.21 -46.46 -9.65
C ASP B 173 6.94 -47.00 -10.90
N GLU B 174 6.68 -46.40 -12.05
CA GLU B 174 7.30 -46.78 -13.32
C GLU B 174 8.74 -46.25 -13.34
N ASN B 175 9.46 -46.49 -12.24
CA ASN B 175 10.81 -45.94 -12.09
C ASN B 175 11.58 -46.55 -10.90
N GLY B 176 10.88 -46.84 -9.80
CA GLY B 176 11.53 -47.42 -8.61
C GLY B 176 11.22 -46.75 -7.28
N LYS B 177 10.87 -45.47 -7.31
CA LYS B 177 10.51 -44.73 -6.09
C LYS B 177 9.15 -45.16 -5.53
N GLN B 178 8.96 -44.92 -4.24
CA GLN B 178 7.68 -45.20 -3.59
C GLN B 178 6.57 -44.39 -4.22
N LEU B 179 5.42 -45.02 -4.41
CA LEU B 179 4.24 -44.32 -4.90
C LEU B 179 3.74 -43.49 -3.73
N SER B 180 3.12 -42.34 -4.02
CA SER B 180 2.54 -41.53 -2.96
C SER B 180 1.43 -42.35 -2.27
N MET B 181 1.14 -42.03 -1.02
CA MET B 181 0.09 -42.73 -0.28
C MET B 181 -1.27 -42.54 -0.98
N ASP B 182 -1.52 -41.35 -1.52
CA ASP B 182 -2.75 -41.08 -2.27
C ASP B 182 -2.91 -42.03 -3.46
N LEU B 183 -1.82 -42.23 -4.19
CA LEU B 183 -1.83 -43.10 -5.37
C LEU B 183 -2.05 -44.57 -4.97
N LYS B 184 -1.37 -45.02 -3.92
CA LYS B 184 -1.54 -46.39 -3.41
C LYS B 184 -2.96 -46.63 -2.89
N CYS B 185 -3.54 -45.63 -2.23
CA CYS B 185 -4.92 -45.77 -1.74
C CYS B 185 -5.94 -45.75 -2.88
N MET B 186 -5.67 -44.98 -3.95
CA MET B 186 -6.58 -45.00 -5.11
C MET B 186 -6.51 -46.37 -5.81
N TYR B 187 -5.29 -46.85 -6.03
CA TYR B 187 -5.10 -48.16 -6.66
C TYR B 187 -5.74 -49.30 -5.88
N LYS B 188 -5.62 -49.22 -4.55
CA LYS B 188 -6.26 -50.20 -3.66
C LYS B 188 -7.79 -50.23 -3.90
N VAL B 189 -8.41 -49.07 -4.10
CA VAL B 189 -9.86 -48.97 -4.39
C VAL B 189 -10.19 -49.54 -5.77
N LEU B 190 -9.36 -49.22 -6.76
CA LEU B 190 -9.57 -49.72 -8.13
C LEU B 190 -9.43 -51.24 -8.16
N LYS B 191 -8.44 -51.79 -7.48
CA LYS B 191 -8.28 -53.25 -7.42
C LYS B 191 -9.53 -53.89 -6.79
N MET B 192 -9.99 -53.31 -5.70
CA MET B 192 -11.17 -53.78 -4.97
C MET B 192 -12.41 -53.78 -5.86
N GLU B 193 -12.52 -52.77 -6.73
CA GLU B 193 -13.65 -52.68 -7.66
C GLU B 193 -13.54 -53.64 -8.84
N LEU B 194 -12.33 -53.92 -9.30
CA LEU B 194 -12.16 -54.89 -10.39
C LEU B 194 -12.72 -56.25 -9.96
N LEU B 195 -12.42 -56.64 -8.71
CA LEU B 195 -12.90 -57.90 -8.13
C LEU B 195 -14.42 -57.92 -7.91
N LYS B 196 -15.02 -56.81 -7.49
CA LYS B 196 -16.48 -56.73 -7.31
C LYS B 196 -17.23 -56.64 -8.64
N ASN B 197 -16.73 -55.79 -9.54
CA ASN B 197 -17.37 -55.55 -10.84
C ASN B 197 -16.40 -54.93 -11.83
N PRO B 198 -15.85 -55.75 -12.73
CA PRO B 198 -14.87 -55.18 -13.67
C PRO B 198 -15.49 -54.37 -14.84
N PHE B 199 -16.78 -54.09 -14.77
CA PHE B 199 -17.47 -53.28 -15.79
C PHE B 199 -17.99 -51.95 -15.21
N ARG B 200 -17.73 -51.72 -13.91
CA ARG B 200 -18.19 -50.53 -13.19
C ARG B 200 -17.88 -49.21 -13.86
N TRP B 201 -16.60 -48.97 -14.12
CA TRP B 201 -16.18 -47.68 -14.69
C TRP B 201 -16.66 -47.45 -16.11
N ARG B 202 -16.47 -48.42 -17.00
CA ARG B 202 -16.95 -48.26 -18.38
C ARG B 202 -18.47 -48.19 -18.42
N GLY B 203 -19.13 -48.87 -17.47
CA GLY B 203 -20.58 -48.83 -17.38
C GLY B 203 -21.12 -47.44 -17.05
N MET B 204 -20.33 -46.63 -16.35
CA MET B 204 -20.75 -45.27 -16.00
C MET B 204 -20.77 -44.31 -17.18
N LEU B 205 -20.00 -44.61 -18.22
CA LEU B 205 -19.89 -43.70 -19.35
C LEU B 205 -21.17 -43.35 -20.08
N LYS B 206 -22.09 -44.29 -20.27
CA LYS B 206 -23.30 -43.96 -21.04
C LYS B 206 -24.17 -42.86 -20.40
N ASP B 207 -24.08 -42.71 -19.09
CA ASP B 207 -24.84 -41.69 -18.36
C ASP B 207 -24.06 -40.41 -18.03
N LEU B 208 -22.75 -40.38 -18.28
CA LEU B 208 -21.93 -39.18 -17.98
C LEU B 208 -21.99 -38.11 -19.06
N TYR B 209 -22.51 -36.93 -18.69
CA TYR B 209 -22.66 -35.83 -19.65
C TYR B 209 -21.68 -34.69 -19.43
N GLY B 210 -20.88 -34.78 -18.37
CA GLY B 210 -19.84 -33.77 -18.13
C GLY B 210 -19.31 -33.55 -16.73
N VAL B 211 -18.18 -32.85 -16.70
CA VAL B 211 -17.51 -32.41 -15.49
C VAL B 211 -17.20 -30.90 -15.61
N SER B 212 -17.42 -30.18 -14.51
CA SER B 212 -17.09 -28.75 -14.45
C SER B 212 -16.00 -28.68 -13.37
N GLU B 213 -14.78 -28.30 -13.80
CA GLU B 213 -13.59 -28.27 -12.95
C GLU B 213 -13.28 -26.88 -12.38
N GLU B 214 -13.15 -26.84 -11.06
CA GLU B 214 -12.93 -25.63 -10.28
C GLU B 214 -11.54 -24.99 -10.27
N THR B 215 -10.47 -25.78 -10.26
CA THR B 215 -9.15 -25.19 -10.02
C THR B 215 -8.07 -25.45 -11.07
N THR B 216 -7.03 -24.62 -11.02
CA THR B 216 -5.91 -24.64 -11.97
C THR B 216 -5.29 -26.03 -12.18
N THR B 217 -5.05 -26.74 -11.09
CA THR B 217 -4.46 -28.09 -11.13
C THR B 217 -5.37 -29.11 -11.78
N GLY B 218 -6.68 -29.02 -11.52
CA GLY B 218 -7.64 -29.91 -12.17
C GLY B 218 -7.70 -29.63 -13.67
N VAL B 219 -7.69 -28.36 -14.04
CA VAL B 219 -7.73 -27.97 -15.45
C VAL B 219 -6.51 -28.49 -16.20
N LEU B 220 -5.34 -28.38 -15.59
CA LEU B 220 -4.12 -28.92 -16.19
C LEU B 220 -4.31 -30.40 -16.50
N ARG B 221 -4.81 -31.16 -15.52
CA ARG B 221 -5.08 -32.59 -15.70
C ARG B 221 -5.99 -32.82 -16.89
N LEU B 222 -7.08 -32.04 -16.97
CA LEU B 222 -8.02 -32.15 -18.09
C LEU B 222 -7.37 -31.85 -19.45
N LYS B 223 -6.55 -30.81 -19.51
CA LYS B 223 -5.90 -30.40 -20.77
C LYS B 223 -4.90 -31.43 -21.24
N ILE B 224 -4.22 -32.08 -20.32
CA ILE B 224 -3.28 -33.16 -20.66
C ILE B 224 -4.06 -34.32 -21.31
N MET B 225 -5.16 -34.73 -20.69
CA MET B 225 -5.98 -35.82 -21.23
C MET B 225 -6.55 -35.43 -22.58
N GLU B 226 -6.96 -34.17 -22.71
CA GLU B 226 -7.53 -33.68 -23.96
C GLU B 226 -6.51 -33.72 -25.09
N SER B 227 -5.27 -33.29 -24.82
CA SER B 227 -4.24 -33.28 -25.87
C SER B 227 -3.85 -34.69 -26.30
N GLU B 228 -4.03 -35.67 -25.41
CA GLU B 228 -3.74 -37.07 -25.72
C GLU B 228 -4.95 -37.82 -26.26
N GLY B 229 -6.08 -37.12 -26.43
CA GLY B 229 -7.31 -37.76 -26.90
C GLY B 229 -7.83 -38.80 -25.92
N LYS B 230 -7.61 -38.60 -24.62
CA LYS B 230 -8.07 -39.57 -23.60
C LYS B 230 -9.19 -39.06 -22.71
N LEU B 231 -9.73 -37.89 -23.03
CA LEU B 231 -10.81 -37.34 -22.22
C LEU B 231 -12.07 -38.12 -22.57
N LEU B 232 -12.74 -38.65 -21.56
CA LEU B 232 -13.91 -39.49 -21.74
C LEU B 232 -15.27 -38.79 -21.56
N LEU B 233 -15.29 -37.48 -21.30
CA LEU B 233 -16.56 -36.76 -21.14
C LEU B 233 -16.36 -35.28 -21.40
N PRO B 234 -17.44 -34.55 -21.74
CA PRO B 234 -17.29 -33.11 -21.95
C PRO B 234 -16.88 -32.44 -20.66
N ALA B 235 -16.06 -31.40 -20.77
CA ALA B 235 -15.61 -30.67 -19.58
C ALA B 235 -15.71 -29.17 -19.74
N ILE B 236 -16.02 -28.53 -18.62
CA ILE B 236 -16.05 -27.09 -18.55
C ILE B 236 -15.03 -26.65 -17.54
N ASN B 237 -14.16 -25.76 -17.99
CA ASN B 237 -13.12 -25.15 -17.19
C ASN B 237 -13.71 -23.93 -16.49
N VAL B 238 -14.07 -24.11 -15.23
CA VAL B 238 -14.62 -23.01 -14.42
C VAL B 238 -13.52 -22.08 -13.88
N ASN B 239 -12.33 -22.62 -13.64
CA ASN B 239 -11.24 -21.82 -13.10
C ASN B 239 -10.95 -20.57 -13.97
N ASP B 240 -10.97 -20.74 -15.28
CA ASP B 240 -10.64 -19.65 -16.19
C ASP B 240 -11.73 -18.63 -16.54
N SER B 241 -12.88 -18.71 -15.84
CA SER B 241 -13.86 -17.62 -15.93
C SER B 241 -13.13 -16.47 -15.26
N VAL B 242 -13.33 -15.26 -15.78
CA VAL B 242 -12.70 -14.10 -15.19
C VAL B 242 -13.17 -13.91 -13.74
N THR B 243 -14.47 -14.07 -13.52
CA THR B 243 -15.07 -13.91 -12.20
C THR B 243 -14.68 -15.03 -11.23
N LYS B 244 -13.84 -15.95 -11.67
CA LYS B 244 -13.33 -16.99 -10.80
C LYS B 244 -11.83 -16.71 -10.56
N SER B 245 -11.00 -17.00 -11.56
CA SER B 245 -9.55 -16.87 -11.45
C SER B 245 -9.04 -15.50 -10.97
N LYS B 246 -9.67 -14.40 -11.40
CA LYS B 246 -9.23 -13.06 -10.98
C LYS B 246 -9.81 -12.57 -9.65
N PHE B 247 -10.62 -13.39 -8.96
CA PHE B 247 -11.23 -12.99 -7.71
C PHE B 247 -10.95 -14.01 -6.61
N ASP B 248 -11.47 -15.23 -6.77
CA ASP B 248 -11.24 -16.33 -5.83
C ASP B 248 -9.73 -16.56 -5.64
N ASN B 249 -9.01 -16.85 -6.72
CA ASN B 249 -7.62 -17.19 -6.61
C ASN B 249 -6.76 -16.10 -6.00
N THR B 250 -7.06 -14.86 -6.39
N THR B 250 -7.03 -14.83 -6.36
CA THR B 250 -6.31 -13.69 -5.92
CA THR B 250 -6.23 -13.71 -5.87
C THR B 250 -6.78 -13.16 -4.57
C THR B 250 -6.75 -13.12 -4.56
N TYR B 251 -7.94 -12.52 -4.58
CA TYR B 251 -8.49 -11.89 -3.37
C TYR B 251 -8.96 -12.87 -2.30
N GLY B 252 -9.33 -14.07 -2.72
CA GLY B 252 -9.71 -15.11 -1.75
C GLY B 252 -8.50 -15.47 -0.92
N CYS B 253 -7.37 -15.72 -1.59
CA CYS B 253 -6.13 -16.08 -0.87
C CYS B 253 -5.58 -14.94 -0.03
N ARG B 254 -5.71 -13.73 -0.54
CA ARG B 254 -5.23 -12.56 0.18
C ARG B 254 -5.76 -12.55 1.62
N GLN B 255 -7.01 -12.96 1.81
CA GLN B 255 -7.57 -13.04 3.15
C GLN B 255 -7.36 -14.40 3.82
N SER B 256 -7.68 -15.48 3.12
CA SER B 256 -7.63 -16.81 3.72
C SER B 256 -6.21 -17.32 4.05
N LEU B 257 -5.18 -16.91 3.29
CA LEU B 257 -3.81 -17.27 3.64
C LEU B 257 -3.49 -16.71 5.02
N LEU B 258 -3.78 -15.41 5.20
CA LEU B 258 -3.51 -14.76 6.48
C LEU B 258 -4.22 -15.49 7.61
N HIS B 259 -5.45 -15.92 7.36
CA HIS B 259 -6.21 -16.60 8.41
C HIS B 259 -5.52 -17.92 8.80
N GLY B 260 -5.07 -18.66 7.79
CA GLY B 260 -4.37 -19.92 7.99
C GLY B 260 -3.08 -19.72 8.76
N LEU B 261 -2.31 -18.70 8.36
CA LEU B 261 -1.05 -18.36 9.04
C LEU B 261 -1.29 -17.89 10.47
N PHE B 262 -2.28 -17.04 10.68
CA PHE B 262 -2.58 -16.59 12.04
C PHE B 262 -2.98 -17.75 12.96
N ASN B 263 -3.72 -18.72 12.43
CA ASN B 263 -4.16 -19.86 13.26
C ASN B 263 -3.03 -20.83 13.57
N GLY B 264 -2.14 -21.07 12.59
CA GLY B 264 -1.06 -22.07 12.75
C GLY B 264 0.33 -21.61 13.13
N CYS B 265 0.64 -20.35 12.82
CA CYS B 265 1.94 -19.73 13.10
C CYS B 265 1.74 -18.64 14.16
N ILE B 266 2.30 -18.85 15.34
CA ILE B 266 2.16 -17.92 16.45
C ILE B 266 2.92 -16.59 16.22
N GLN B 267 3.91 -16.59 15.34
CA GLN B 267 4.76 -15.42 15.14
C GLN B 267 4.16 -14.26 14.36
N MET B 268 4.77 -13.10 14.55
CA MET B 268 4.40 -11.88 13.88
C MET B 268 4.91 -11.94 12.45
N LEU B 269 4.08 -11.55 11.50
CA LEU B 269 4.49 -11.56 10.11
C LEU B 269 5.26 -10.29 9.76
N ALA B 270 4.95 -9.17 10.45
CA ALA B 270 5.63 -7.90 10.20
C ALA B 270 7.14 -8.02 10.27
N GLY B 271 7.80 -7.47 9.26
CA GLY B 271 9.27 -7.47 9.19
C GLY B 271 9.94 -8.75 8.74
N LYS B 272 9.21 -9.85 8.77
CA LYS B 272 9.77 -11.11 8.40
C LYS B 272 9.96 -11.22 6.91
N LYS B 273 10.98 -11.99 6.53
CA LYS B 273 11.23 -12.31 5.16
C LYS B 273 10.35 -13.53 4.87
N ILE B 274 9.35 -13.32 4.03
CA ILE B 274 8.43 -14.38 3.68
C ILE B 274 8.55 -14.67 2.20
N VAL B 275 8.92 -15.91 1.90
CA VAL B 275 9.11 -16.31 0.52
C VAL B 275 7.82 -16.89 -0.04
N VAL B 276 7.36 -16.28 -1.13
CA VAL B 276 6.19 -16.76 -1.83
C VAL B 276 6.70 -17.41 -3.10
N LEU B 277 6.60 -18.73 -3.16
CA LEU B 277 7.07 -19.49 -4.32
C LEU B 277 5.91 -19.64 -5.29
N GLY B 278 6.03 -18.93 -6.42
CA GLY B 278 5.00 -18.87 -7.44
C GLY B 278 4.30 -17.53 -7.34
N TYR B 279 4.27 -16.80 -8.46
CA TYR B 279 3.61 -15.48 -8.48
C TYR B 279 2.54 -15.44 -9.58
N GLY B 280 1.68 -16.45 -9.58
CA GLY B 280 0.54 -16.54 -10.47
C GLY B 280 -0.65 -15.85 -9.82
N GLU B 281 -1.86 -16.30 -10.13
CA GLU B 281 -3.05 -15.67 -9.54
C GLU B 281 -3.08 -15.82 -8.01
N VAL B 282 -2.74 -17.00 -7.51
CA VAL B 282 -2.73 -17.24 -6.07
C VAL B 282 -1.59 -16.46 -5.39
N GLY B 283 -0.38 -16.63 -5.92
CA GLY B 283 0.79 -15.95 -5.40
C GLY B 283 0.63 -14.44 -5.32
N LYS B 284 0.02 -13.84 -6.35
CA LYS B 284 -0.24 -12.40 -6.34
C LYS B 284 -1.09 -11.98 -5.14
N GLY B 285 -2.16 -12.74 -4.89
CA GLY B 285 -3.04 -12.45 -3.74
C GLY B 285 -2.31 -12.63 -2.41
N CYS B 286 -1.51 -13.70 -2.32
CA CYS B 286 -0.73 -14.01 -1.11
C CYS B 286 0.23 -12.87 -0.76
N ALA B 287 1.02 -12.47 -1.75
CA ALA B 287 1.99 -11.38 -1.55
C ALA B 287 1.30 -10.11 -1.10
N GLN B 288 0.16 -9.78 -1.70
CA GLN B 288 -0.54 -8.55 -1.34
C GLN B 288 -1.00 -8.56 0.15
N GLY B 289 -1.52 -9.69 0.60
CA GLY B 289 -1.97 -9.82 1.98
C GLY B 289 -0.82 -9.80 2.97
N LEU B 290 0.26 -10.50 2.63
CA LEU B 290 1.45 -10.52 3.49
C LEU B 290 2.04 -9.10 3.67
N SER B 291 2.19 -8.37 2.55
N SER B 291 2.21 -8.34 2.58
CA SER B 291 2.71 -6.99 2.60
CA SER B 291 2.77 -6.98 2.68
C SER B 291 1.77 -6.12 3.41
C SER B 291 1.75 -6.01 3.33
N GLY B 292 0.47 -6.36 3.27
CA GLY B 292 -0.57 -5.57 3.96
C GLY B 292 -0.42 -5.63 5.48
N VAL B 293 0.28 -6.65 6.00
CA VAL B 293 0.53 -6.78 7.43
C VAL B 293 2.01 -6.64 7.77
N GLY B 294 2.76 -5.96 6.89
CA GLY B 294 4.16 -5.60 7.16
C GLY B 294 5.30 -6.54 6.82
N ALA B 295 4.97 -7.70 6.24
CA ALA B 295 6.01 -8.65 5.88
C ALA B 295 6.82 -8.15 4.67
N ARG B 296 8.07 -8.61 4.57
CA ARG B 296 8.92 -8.31 3.42
C ARG B 296 8.85 -9.55 2.52
N VAL B 297 8.08 -9.45 1.44
CA VAL B 297 7.87 -10.59 0.57
C VAL B 297 8.97 -10.77 -0.44
N ILE B 298 9.47 -12.00 -0.55
CA ILE B 298 10.47 -12.36 -1.56
C ILE B 298 9.81 -13.42 -2.45
N VAL B 299 9.91 -13.22 -3.77
CA VAL B 299 9.26 -14.12 -4.73
C VAL B 299 10.24 -15.00 -5.51
N THR B 300 9.80 -16.24 -5.81
CA THR B 300 10.52 -17.12 -6.71
C THR B 300 9.56 -17.36 -7.87
N GLU B 301 10.12 -17.50 -9.07
CA GLU B 301 9.35 -17.74 -10.28
C GLU B 301 10.20 -18.38 -11.35
N ILE B 302 9.52 -19.17 -12.20
CA ILE B 302 10.11 -19.76 -13.40
C ILE B 302 9.72 -18.96 -14.66
N ASP B 303 8.62 -18.21 -14.54
CA ASP B 303 8.07 -17.43 -15.68
C ASP B 303 8.62 -15.99 -15.64
N PRO B 304 9.36 -15.57 -16.70
CA PRO B 304 9.96 -14.23 -16.67
C PRO B 304 8.95 -13.08 -16.62
N ILE B 305 7.77 -13.29 -17.19
CA ILE B 305 6.73 -12.26 -17.18
C ILE B 305 6.20 -12.07 -15.75
N CYS B 306 5.85 -13.18 -15.09
CA CYS B 306 5.38 -13.13 -13.70
C CYS B 306 6.47 -12.57 -12.75
N ALA B 307 7.74 -12.90 -13.02
CA ALA B 307 8.84 -12.41 -12.23
C ALA B 307 8.89 -10.87 -12.33
N LEU B 308 8.76 -10.33 -13.54
CA LEU B 308 8.75 -8.89 -13.75
C LEU B 308 7.58 -8.23 -13.06
N GLN B 309 6.41 -8.86 -13.12
CA GLN B 309 5.25 -8.31 -12.41
C GLN B 309 5.57 -8.16 -10.91
N ALA B 310 6.20 -9.18 -10.32
CA ALA B 310 6.54 -9.12 -8.90
C ALA B 310 7.47 -7.96 -8.60
N SER B 311 8.46 -7.79 -9.48
CA SER B 311 9.42 -6.71 -9.35
C SER B 311 8.73 -5.34 -9.42
N MET B 312 7.75 -5.20 -10.31
CA MET B 312 6.98 -3.94 -10.43
C MET B 312 6.16 -3.63 -9.16
N GLU B 313 5.89 -4.64 -8.32
CA GLU B 313 5.19 -4.37 -7.06
C GLU B 313 6.18 -4.16 -5.92
N GLY B 314 7.47 -4.05 -6.24
CA GLY B 314 8.47 -3.79 -5.23
C GLY B 314 9.04 -5.00 -4.52
N TYR B 315 8.81 -6.20 -5.06
CA TYR B 315 9.33 -7.41 -4.43
C TYR B 315 10.62 -7.93 -5.05
N GLN B 316 11.56 -8.33 -4.19
CA GLN B 316 12.79 -9.00 -4.58
C GLN B 316 12.40 -10.35 -5.21
N VAL B 317 13.03 -10.70 -6.31
CA VAL B 317 12.78 -11.97 -6.97
C VAL B 317 14.09 -12.74 -6.95
N SER B 318 14.08 -13.89 -6.28
CA SER B 318 15.27 -14.69 -6.09
C SER B 318 14.99 -16.16 -6.29
N VAL B 319 16.06 -16.95 -6.41
CA VAL B 319 15.93 -18.41 -6.46
C VAL B 319 15.95 -18.88 -5.00
N LEU B 320 15.20 -19.94 -4.69
CA LEU B 320 15.12 -20.42 -3.31
C LEU B 320 16.47 -20.65 -2.63
N GLU B 321 17.41 -21.26 -3.35
CA GLU B 321 18.74 -21.56 -2.82
C GLU B 321 19.48 -20.34 -2.27
N ASP B 322 19.17 -19.16 -2.77
CA ASP B 322 19.82 -17.94 -2.31
C ASP B 322 19.23 -17.33 -1.05
N VAL B 323 18.03 -17.75 -0.65
CA VAL B 323 17.38 -17.15 0.52
C VAL B 323 16.90 -18.16 1.56
N VAL B 324 17.10 -19.45 1.28
CA VAL B 324 16.61 -20.53 2.16
C VAL B 324 17.15 -20.50 3.58
N SER B 325 18.39 -20.04 3.78
CA SER B 325 18.94 -20.00 5.13
C SER B 325 18.65 -18.70 5.87
N GLU B 326 18.08 -17.70 5.19
CA GLU B 326 17.78 -16.38 5.78
C GLU B 326 16.29 -16.07 5.96
N ALA B 327 15.43 -16.63 5.11
CA ALA B 327 14.01 -16.31 5.21
C ALA B 327 13.38 -16.98 6.43
N ASP B 328 12.25 -16.43 6.88
CA ASP B 328 11.58 -16.88 8.09
C ASP B 328 10.39 -17.80 7.84
N ILE B 329 9.67 -17.57 6.74
CA ILE B 329 8.47 -18.33 6.40
C ILE B 329 8.48 -18.60 4.90
N PHE B 330 8.03 -19.78 4.51
CA PHE B 330 8.01 -20.20 3.10
C PHE B 330 6.62 -20.65 2.77
N ILE B 331 6.04 -20.07 1.71
CA ILE B 331 4.70 -20.40 1.25
C ILE B 331 4.75 -20.84 -0.22
N THR B 332 4.43 -22.10 -0.49
CA THR B 332 4.41 -22.60 -1.89
C THR B 332 3.04 -22.36 -2.51
N ALA B 333 3.05 -21.80 -3.73
CA ALA B 333 1.84 -21.46 -4.45
C ALA B 333 2.04 -21.72 -5.96
N THR B 334 2.71 -22.82 -6.29
CA THR B 334 3.08 -23.12 -7.66
C THR B 334 2.20 -24.07 -8.46
N GLY B 335 1.50 -24.98 -7.79
CA GLY B 335 0.78 -26.05 -8.49
C GLY B 335 1.79 -27.07 -9.05
N ASN B 336 3.05 -26.97 -8.62
CA ASN B 336 4.13 -27.86 -9.11
C ASN B 336 4.52 -28.89 -8.02
N LYS B 337 5.64 -29.58 -8.23
CA LYS B 337 6.10 -30.64 -7.38
C LYS B 337 7.54 -30.38 -6.93
N ASP B 338 7.87 -30.82 -5.72
CA ASP B 338 9.23 -30.74 -5.18
C ASP B 338 9.85 -29.34 -5.23
N VAL B 339 9.07 -28.37 -4.80
CA VAL B 339 9.51 -26.98 -4.76
C VAL B 339 10.32 -26.71 -3.50
N ILE B 340 10.00 -27.42 -2.42
CA ILE B 340 10.72 -27.33 -1.16
C ILE B 340 11.06 -28.78 -0.81
N THR B 341 12.36 -29.11 -0.84
CA THR B 341 12.83 -30.47 -0.57
C THR B 341 13.37 -30.58 0.83
N VAL B 342 13.65 -31.81 1.26
CA VAL B 342 14.22 -32.03 2.59
C VAL B 342 15.58 -31.32 2.66
N GLU B 343 16.39 -31.35 1.60
CA GLU B 343 17.68 -30.65 1.65
C GLU B 343 17.49 -29.16 1.89
N HIS B 344 16.41 -28.57 1.35
CA HIS B 344 16.13 -27.16 1.61
C HIS B 344 15.82 -26.93 3.08
N MET B 345 14.98 -27.78 3.63
CA MET B 345 14.54 -27.65 5.01
C MET B 345 15.69 -27.79 6.01
N ARG B 346 16.71 -28.57 5.66
CA ARG B 346 17.87 -28.76 6.54
C ARG B 346 18.73 -27.52 6.68
N LYS B 347 18.62 -26.60 5.71
CA LYS B 347 19.37 -25.33 5.71
C LYS B 347 18.58 -24.15 6.28
N MET B 348 17.31 -24.34 6.59
CA MET B 348 16.50 -23.25 7.14
C MET B 348 16.93 -22.90 8.56
N LYS B 349 16.66 -21.65 8.94
CA LYS B 349 16.95 -21.17 10.28
C LYS B 349 16.02 -21.85 11.31
N GLU B 350 16.39 -21.74 12.57
CA GLU B 350 15.67 -22.37 13.68
C GLU B 350 14.24 -21.86 13.74
N ASN B 351 13.30 -22.80 13.78
CA ASN B 351 11.85 -22.52 13.81
C ASN B 351 11.28 -21.78 12.61
N ALA B 352 11.88 -22.00 11.44
CA ALA B 352 11.29 -21.48 10.21
C ALA B 352 9.94 -22.19 10.01
N TYR B 353 8.97 -21.48 9.46
CA TYR B 353 7.66 -22.03 9.14
C TYR B 353 7.52 -22.34 7.63
N ILE B 354 6.82 -23.44 7.34
CA ILE B 354 6.62 -23.91 5.98
C ILE B 354 5.13 -24.22 5.80
N ALA B 355 4.57 -23.72 4.72
CA ALA B 355 3.17 -23.98 4.39
C ALA B 355 2.99 -23.98 2.87
N ASN B 356 1.94 -24.66 2.44
CA ASN B 356 1.58 -24.78 1.04
C ASN B 356 0.15 -24.29 0.88
N ILE B 357 -0.08 -23.51 -0.18
CA ILE B 357 -1.42 -23.03 -0.51
C ILE B 357 -1.85 -23.55 -1.90
N GLY B 358 -0.98 -24.28 -2.57
CA GLY B 358 -1.33 -24.93 -3.83
C GLY B 358 -2.25 -26.12 -3.54
N HIS B 359 -2.93 -26.61 -4.57
CA HIS B 359 -3.95 -27.66 -4.38
C HIS B 359 -3.46 -28.97 -3.78
N PHE B 360 -2.28 -29.43 -4.20
CA PHE B 360 -1.70 -30.68 -3.69
C PHE B 360 -0.50 -30.45 -2.77
N ASP B 361 -0.30 -31.40 -1.87
CA ASP B 361 0.79 -31.37 -0.90
C ASP B 361 2.16 -31.63 -1.52
N ASP B 362 2.19 -32.18 -2.73
CA ASP B 362 3.42 -32.50 -3.46
C ASP B 362 4.42 -31.33 -3.60
N GLU B 363 3.95 -30.10 -3.41
CA GLU B 363 4.84 -28.93 -3.52
C GLU B 363 5.98 -29.02 -2.50
N ILE B 364 5.70 -29.62 -1.35
CA ILE B 364 6.66 -29.82 -0.26
C ILE B 364 6.96 -31.30 -0.11
N ASP B 365 8.24 -31.63 0.11
CA ASP B 365 8.62 -33.05 0.28
C ASP B 365 8.30 -33.51 1.70
N VAL B 366 7.02 -33.66 1.99
CA VAL B 366 6.56 -34.07 3.33
C VAL B 366 6.98 -35.51 3.62
N TYR B 367 6.85 -36.40 2.63
CA TYR B 367 7.25 -37.79 2.79
C TYR B 367 8.74 -37.84 3.19
N GLY B 368 9.59 -37.14 2.44
CA GLY B 368 11.03 -37.11 2.71
C GLY B 368 11.35 -36.61 4.12
N LEU B 369 10.62 -35.57 4.54
CA LEU B 369 10.79 -35.01 5.87
C LEU B 369 10.36 -36.01 6.95
N GLU B 370 9.17 -36.61 6.82
CA GLU B 370 8.66 -37.55 7.83
C GLU B 370 9.46 -38.84 7.97
N ASN B 371 10.08 -39.28 6.88
CA ASN B 371 10.88 -40.50 6.85
C ASN B 371 12.38 -40.27 6.94
N TYR B 372 12.79 -39.05 7.29
CA TYR B 372 14.21 -38.74 7.42
C TYR B 372 14.72 -39.51 8.65
N PRO B 373 15.86 -40.24 8.52
CA PRO B 373 16.32 -41.06 9.67
C PRO B 373 16.57 -40.26 10.95
N GLY B 374 15.96 -40.68 12.05
CA GLY B 374 16.14 -40.03 13.34
C GLY B 374 15.39 -38.72 13.50
N ILE B 375 14.53 -38.35 12.57
CA ILE B 375 13.77 -37.10 12.71
C ILE B 375 12.84 -37.22 13.94
N LYS B 376 12.71 -36.15 14.73
CA LYS B 376 11.77 -36.12 15.84
C LYS B 376 10.62 -35.19 15.43
N VAL B 377 9.39 -35.60 15.75
CA VAL B 377 8.18 -34.84 15.46
C VAL B 377 7.36 -34.64 16.72
N ILE B 378 6.84 -33.44 16.88
CA ILE B 378 5.99 -33.06 17.99
C ILE B 378 4.82 -32.28 17.40
N GLU B 379 3.64 -32.54 17.94
CA GLU B 379 2.44 -31.84 17.53
C GLU B 379 2.33 -30.58 18.38
N VAL B 380 2.42 -29.43 17.72
CA VAL B 380 2.35 -28.11 18.36
C VAL B 380 0.91 -27.76 18.71
N LYS B 381 0.03 -28.00 17.76
CA LYS B 381 -1.41 -27.79 17.94
C LYS B 381 -2.02 -28.66 16.86
N GLN B 382 -3.35 -28.70 16.78
CA GLN B 382 -3.99 -29.53 15.76
C GLN B 382 -3.44 -29.16 14.37
N ASN B 383 -2.96 -30.18 13.67
CA ASN B 383 -2.42 -30.03 12.33
C ASN B 383 -1.23 -29.06 12.17
N VAL B 384 -0.39 -28.94 13.21
CA VAL B 384 0.84 -28.15 13.13
C VAL B 384 1.90 -29.01 13.79
N HIS B 385 3.00 -29.28 13.08
CA HIS B 385 4.02 -30.17 13.60
C HIS B 385 5.41 -29.57 13.50
N LYS B 386 6.20 -29.74 14.56
CA LYS B 386 7.56 -29.28 14.62
C LYS B 386 8.45 -30.49 14.40
N PHE B 387 9.34 -30.39 13.40
CA PHE B 387 10.26 -31.49 13.06
C PHE B 387 11.68 -31.04 13.39
N THR B 388 12.42 -31.91 14.10
CA THR B 388 13.79 -31.62 14.53
C THR B 388 14.77 -32.60 13.89
N PHE B 389 15.77 -32.09 13.16
CA PHE B 389 16.79 -32.95 12.54
C PHE B 389 17.80 -33.36 13.62
N PRO B 390 18.19 -34.65 13.64
CA PRO B 390 19.08 -35.11 14.72
C PRO B 390 20.54 -34.66 14.66
N ASP B 391 21.02 -34.20 13.51
CA ASP B 391 22.43 -33.80 13.40
C ASP B 391 22.66 -32.35 13.84
N THR B 392 21.83 -31.44 13.37
CA THR B 392 21.92 -30.03 13.72
C THR B 392 21.10 -29.67 14.93
N GLN B 393 20.11 -30.50 15.27
CA GLN B 393 19.17 -30.20 16.35
C GLN B 393 18.30 -28.97 16.01
N LYS B 394 18.26 -28.57 14.73
CA LYS B 394 17.41 -27.45 14.32
C LYS B 394 16.01 -27.95 13.97
N SER B 395 15.02 -27.07 14.11
CA SER B 395 13.65 -27.43 13.83
C SER B 395 13.01 -26.55 12.77
N VAL B 396 12.04 -27.14 12.08
CA VAL B 396 11.19 -26.43 11.13
C VAL B 396 9.76 -26.78 11.56
N ILE B 397 8.83 -25.87 11.31
CA ILE B 397 7.44 -26.07 11.71
C ILE B 397 6.60 -26.08 10.46
N LEU B 398 5.95 -27.22 10.20
CA LEU B 398 5.13 -27.42 9.01
C LEU B 398 3.67 -27.30 9.36
N LEU B 399 2.96 -26.47 8.60
CA LEU B 399 1.54 -26.30 8.83
C LEU B 399 0.77 -27.37 8.03
N CYS B 400 -0.19 -28.00 8.72
CA CYS B 400 -1.07 -29.09 8.24
C CYS B 400 -0.54 -30.06 7.19
N LYS B 401 0.64 -30.61 7.51
CA LYS B 401 1.31 -31.60 6.69
C LYS B 401 1.42 -31.23 5.22
N GLY B 402 1.56 -29.94 4.94
CA GLY B 402 1.73 -29.48 3.57
C GLY B 402 0.45 -29.38 2.74
N ARG B 403 -0.71 -29.65 3.35
CA ARG B 403 -1.98 -29.51 2.65
C ARG B 403 -2.37 -28.03 2.60
N LEU B 404 -3.25 -27.66 1.65
CA LEU B 404 -3.64 -26.25 1.49
C LEU B 404 -4.01 -25.61 2.83
N VAL B 405 -3.13 -24.71 3.26
CA VAL B 405 -3.15 -24.12 4.60
C VAL B 405 -4.36 -23.26 4.94
N ASN B 406 -4.92 -22.58 3.95
CA ASN B 406 -6.09 -21.75 4.17
C ASN B 406 -7.35 -22.59 4.48
N LEU B 407 -7.39 -23.83 4.00
CA LEU B 407 -8.52 -24.76 4.28
C LEU B 407 -8.22 -25.79 5.38
N GLY B 408 -6.94 -26.10 5.57
CA GLY B 408 -6.50 -27.05 6.61
C GLY B 408 -6.35 -26.41 7.98
N CYS B 409 -5.79 -25.19 8.02
CA CYS B 409 -5.59 -24.47 9.29
C CYS B 409 -6.59 -23.36 9.51
N ALA B 410 -7.49 -23.12 8.56
CA ALA B 410 -8.54 -22.13 8.70
C ALA B 410 -9.79 -22.61 7.96
N THR B 411 -10.70 -21.70 7.62
CA THR B 411 -11.97 -22.05 7.00
C THR B 411 -12.07 -21.71 5.50
N GLY B 412 -10.95 -21.46 4.84
CA GLY B 412 -10.97 -21.15 3.41
C GLY B 412 -11.43 -19.74 3.07
N HIS B 413 -11.63 -19.48 1.78
CA HIS B 413 -12.08 -18.16 1.35
C HIS B 413 -13.46 -17.77 1.94
N PRO B 414 -13.75 -16.48 2.04
CA PRO B 414 -15.05 -16.01 2.54
C PRO B 414 -16.16 -16.14 1.49
N PRO B 415 -17.44 -16.05 1.91
CA PRO B 415 -18.59 -16.23 1.04
C PRO B 415 -18.65 -15.45 -0.27
N LEU B 416 -18.31 -14.18 -0.26
CA LEU B 416 -18.43 -13.35 -1.46
C LEU B 416 -17.71 -13.94 -2.66
N VAL B 417 -16.40 -14.17 -2.56
CA VAL B 417 -15.68 -14.74 -3.71
C VAL B 417 -16.09 -16.17 -4.03
N MET B 418 -16.47 -16.96 -3.02
CA MET B 418 -16.94 -18.33 -3.32
C MET B 418 -18.26 -18.28 -4.07
N SER B 419 -19.13 -17.32 -3.75
CA SER B 419 -20.40 -17.20 -4.49
C SER B 419 -20.13 -16.92 -6.00
N MET B 420 -19.10 -16.14 -6.29
CA MET B 420 -18.74 -15.83 -7.69
C MET B 420 -18.25 -17.12 -8.38
N SER B 421 -17.34 -17.83 -7.71
CA SER B 421 -16.84 -19.10 -8.22
C SER B 421 -17.98 -20.10 -8.39
N PHE B 422 -18.83 -20.21 -7.38
CA PHE B 422 -19.90 -21.20 -7.42
C PHE B 422 -21.07 -20.84 -8.33
N THR B 423 -21.29 -19.56 -8.60
CA THR B 423 -22.33 -19.17 -9.54
C THR B 423 -21.87 -19.73 -10.93
N ASN B 424 -20.57 -19.63 -11.23
CA ASN B 424 -20.00 -20.20 -12.45
C ASN B 424 -20.21 -21.71 -12.49
N GLN B 425 -19.98 -22.37 -11.35
CA GLN B 425 -20.20 -23.84 -11.26
C GLN B 425 -21.65 -24.20 -11.61
N VAL B 426 -22.63 -23.50 -11.02
CA VAL B 426 -24.03 -23.82 -11.30
C VAL B 426 -24.36 -23.60 -12.77
N LEU B 427 -23.89 -22.50 -13.34
CA LEU B 427 -24.11 -22.23 -14.76
C LEU B 427 -23.46 -23.31 -15.64
N ALA B 428 -22.27 -23.76 -15.24
CA ALA B 428 -21.55 -24.82 -15.94
C ALA B 428 -22.36 -26.13 -15.93
N GLN B 429 -22.86 -26.51 -14.76
CA GLN B 429 -23.69 -27.72 -14.61
C GLN B 429 -24.94 -27.63 -15.49
N MET B 430 -25.57 -26.46 -15.53
CA MET B 430 -26.76 -26.24 -16.36
C MET B 430 -26.44 -26.43 -17.86
N ASP B 431 -25.29 -25.93 -18.29
CA ASP B 431 -24.86 -26.03 -19.68
C ASP B 431 -24.65 -27.48 -20.05
N LEU B 432 -23.91 -28.20 -19.23
CA LEU B 432 -23.66 -29.63 -19.45
C LEU B 432 -24.96 -30.45 -19.49
N TRP B 433 -25.87 -30.19 -18.55
CA TRP B 433 -27.12 -30.94 -18.47
C TRP B 433 -28.06 -30.66 -19.67
N LYS B 434 -28.18 -29.40 -20.05
CA LYS B 434 -29.05 -29.03 -21.16
C LYS B 434 -28.58 -29.56 -22.51
N SER B 435 -27.29 -29.79 -22.65
CA SER B 435 -26.70 -30.31 -23.87
C SER B 435 -26.54 -31.83 -23.83
N ARG B 436 -27.14 -32.51 -22.85
CA ARG B 436 -26.89 -33.94 -22.72
C ARG B 436 -27.26 -34.77 -23.94
N GLU B 437 -28.29 -34.36 -24.67
CA GLU B 437 -28.70 -35.12 -25.87
C GLU B 437 -27.66 -35.04 -27.01
N LEU B 438 -26.75 -34.07 -26.96
CA LEU B 438 -25.73 -33.93 -27.99
C LEU B 438 -24.52 -34.88 -27.80
N VAL B 439 -24.43 -35.56 -26.66
CA VAL B 439 -23.31 -36.44 -26.39
C VAL B 439 -23.54 -37.79 -27.08
N ASP B 440 -22.79 -38.08 -28.15
CA ASP B 440 -22.98 -39.36 -28.86
C ASP B 440 -21.78 -40.28 -28.57
N ARG B 441 -22.03 -41.34 -27.82
CA ARG B 441 -20.99 -42.31 -27.43
C ARG B 441 -20.59 -43.25 -28.57
N SER B 442 -21.58 -43.90 -29.17
CA SER B 442 -21.36 -44.84 -30.28
C SER B 442 -20.58 -44.24 -31.45
N LYS B 443 -20.69 -42.93 -31.62
CA LYS B 443 -20.09 -42.24 -32.74
C LYS B 443 -18.70 -41.61 -32.52
N ASN B 444 -18.66 -40.42 -31.89
CA ASN B 444 -17.40 -39.65 -31.77
C ASN B 444 -16.34 -40.12 -30.75
N THR B 445 -16.67 -40.02 -29.45
CA THR B 445 -15.74 -40.39 -28.35
C THR B 445 -14.48 -39.48 -28.32
N ARG B 446 -14.67 -38.23 -28.75
CA ARG B 446 -13.61 -37.22 -28.75
C ARG B 446 -14.13 -35.99 -28.01
N PHE B 447 -13.76 -35.87 -26.73
CA PHE B 447 -14.25 -34.76 -25.89
C PHE B 447 -13.27 -33.63 -25.66
N PHE B 448 -13.83 -32.44 -25.41
CA PHE B 448 -13.06 -31.22 -25.24
C PHE B 448 -13.39 -30.44 -23.99
N VAL B 449 -12.47 -29.52 -23.68
CA VAL B 449 -12.61 -28.61 -22.55
C VAL B 449 -13.05 -27.29 -23.11
N LYS B 450 -14.10 -26.71 -22.55
CA LYS B 450 -14.53 -25.39 -22.99
C LYS B 450 -14.73 -24.51 -21.77
N LYS B 451 -14.91 -23.22 -22.03
CA LYS B 451 -15.16 -22.22 -21.00
C LYS B 451 -16.54 -21.60 -21.17
N LEU B 452 -17.05 -20.94 -20.14
CA LEU B 452 -18.32 -20.22 -20.22
C LEU B 452 -18.10 -18.92 -20.99
N SER B 453 -19.16 -18.43 -21.62
CA SER B 453 -19.10 -17.19 -22.42
C SER B 453 -18.83 -15.96 -21.56
N LYS B 454 -18.32 -14.90 -22.20
CA LYS B 454 -18.09 -13.64 -21.50
C LYS B 454 -19.42 -13.04 -21.03
N GLU B 455 -20.49 -13.24 -21.79
CA GLU B 455 -21.84 -12.79 -21.38
C GLU B 455 -22.17 -13.33 -19.98
N LEU B 456 -21.97 -14.63 -19.78
CA LEU B 456 -22.22 -15.26 -18.47
C LEU B 456 -21.24 -14.79 -17.41
N ASP B 457 -19.99 -14.58 -17.82
CA ASP B 457 -18.94 -14.14 -16.91
C ASP B 457 -19.32 -12.74 -16.35
N GLU B 458 -19.77 -11.85 -17.26
CA GLU B 458 -20.21 -10.51 -16.86
C GLU B 458 -21.45 -10.60 -16.00
N TYR B 459 -22.34 -11.52 -16.31
CA TYR B 459 -23.55 -11.73 -15.49
C TYR B 459 -23.20 -12.08 -14.04
N VAL B 460 -22.21 -12.96 -13.82
CA VAL B 460 -21.81 -13.33 -12.45
C VAL B 460 -21.40 -12.08 -11.66
N ALA B 461 -20.65 -11.19 -12.31
CA ALA B 461 -20.20 -9.96 -11.69
C ALA B 461 -21.40 -9.06 -11.38
N ARG B 462 -22.31 -8.90 -12.34
CA ARG B 462 -23.51 -8.08 -12.11
C ARG B 462 -24.29 -8.52 -10.90
N LEU B 463 -24.40 -9.83 -10.71
CA LEU B 463 -25.15 -10.38 -9.56
C LEU B 463 -24.53 -10.04 -8.20
N HIS B 464 -23.27 -9.62 -8.18
CA HIS B 464 -22.61 -9.32 -6.91
C HIS B 464 -22.35 -7.83 -6.64
N LEU B 465 -22.71 -6.95 -7.58
CA LEU B 465 -22.45 -5.53 -7.42
C LEU B 465 -23.15 -4.90 -6.19
N ASP B 466 -24.42 -5.24 -5.98
CA ASP B 466 -25.18 -4.66 -4.85
C ASP B 466 -24.67 -5.01 -3.47
N VAL B 467 -24.03 -6.16 -3.32
CA VAL B 467 -23.44 -6.56 -2.05
C VAL B 467 -22.55 -5.43 -1.51
N LEU B 468 -21.77 -4.82 -2.40
CA LEU B 468 -20.82 -3.79 -2.05
C LEU B 468 -21.24 -2.37 -2.42
N GLY B 469 -22.50 -2.16 -2.75
CA GLY B 469 -22.95 -0.81 -3.11
C GLY B 469 -22.30 -0.20 -4.34
N ILE B 470 -21.83 -1.04 -5.26
CA ILE B 470 -21.22 -0.57 -6.50
C ILE B 470 -22.31 -0.05 -7.45
N LYS B 471 -22.14 1.16 -7.98
CA LYS B 471 -23.09 1.75 -8.94
C LYS B 471 -22.42 1.78 -10.29
N LEU B 472 -22.99 1.04 -11.23
CA LEU B 472 -22.42 0.93 -12.56
C LEU B 472 -22.93 2.05 -13.44
N THR B 473 -22.07 2.51 -14.34
CA THR B 473 -22.41 3.55 -15.29
C THR B 473 -23.00 2.90 -16.54
N LYS B 474 -23.97 3.57 -17.17
CA LYS B 474 -24.61 3.07 -18.39
C LYS B 474 -24.10 3.85 -19.60
N LEU B 475 -23.66 3.13 -20.62
CA LEU B 475 -23.18 3.79 -21.84
C LEU B 475 -24.35 4.41 -22.61
N THR B 476 -24.12 5.54 -23.24
CA THR B 476 -25.14 6.10 -24.13
C THR B 476 -24.95 5.38 -25.47
N GLU B 477 -25.95 5.46 -26.34
N GLU B 477 -25.95 5.49 -26.34
CA GLU B 477 -25.87 4.85 -27.67
CA GLU B 477 -25.90 4.88 -27.68
C GLU B 477 -24.65 5.35 -28.44
C GLU B 477 -24.65 5.35 -28.44
N THR B 478 -24.39 6.65 -28.37
CA THR B 478 -23.24 7.25 -29.04
C THR B 478 -21.91 6.65 -28.52
N GLN B 479 -21.82 6.47 -27.21
CA GLN B 479 -20.62 5.90 -26.60
C GLN B 479 -20.44 4.44 -26.99
N ALA B 480 -21.50 3.66 -26.90
CA ALA B 480 -21.46 2.24 -27.27
C ALA B 480 -20.95 2.09 -28.71
N LYS B 481 -21.49 2.89 -29.61
CA LYS B 481 -21.09 2.87 -31.01
C LYS B 481 -19.58 3.22 -31.14
N TYR B 482 -19.15 4.28 -30.45
CA TYR B 482 -17.76 4.74 -30.47
C TYR B 482 -16.77 3.64 -30.04
N ILE B 483 -17.04 2.93 -28.97
CA ILE B 483 -16.14 1.84 -28.53
C ILE B 483 -16.53 0.47 -29.12
N ASN B 484 -17.56 0.44 -29.97
CA ASN B 484 -17.96 -0.76 -30.69
C ASN B 484 -18.42 -1.93 -29.80
N VAL B 485 -19.27 -1.64 -28.85
CA VAL B 485 -19.83 -2.67 -27.98
C VAL B 485 -21.32 -2.44 -27.87
N SER B 486 -22.04 -3.45 -27.46
CA SER B 486 -23.45 -3.31 -27.18
C SER B 486 -23.60 -2.66 -25.81
N ILE B 487 -24.66 -1.89 -25.60
CA ILE B 487 -24.91 -1.24 -24.30
C ILE B 487 -24.93 -2.27 -23.14
N ASN B 488 -25.40 -3.48 -23.42
CA ASN B 488 -25.49 -4.55 -22.43
C ASN B 488 -24.28 -5.47 -22.39
N GLY B 489 -23.23 -5.15 -23.13
CA GLY B 489 -22.04 -6.00 -23.15
C GLY B 489 -22.20 -7.15 -24.13
N PRO B 490 -21.19 -7.99 -24.27
CA PRO B 490 -19.93 -7.91 -23.51
C PRO B 490 -19.14 -6.67 -23.84
N TYR B 491 -18.31 -6.22 -22.89
CA TYR B 491 -17.59 -4.97 -23.05
C TYR B 491 -16.15 -5.09 -23.45
N LYS B 492 -15.60 -6.29 -23.48
CA LYS B 492 -14.19 -6.52 -23.80
C LYS B 492 -14.03 -7.66 -24.79
N SER B 493 -12.93 -7.64 -25.54
CA SER B 493 -12.65 -8.71 -26.48
C SER B 493 -12.30 -9.96 -25.69
N GLU B 494 -12.36 -11.11 -26.36
CA GLU B 494 -12.10 -12.42 -25.76
C GLU B 494 -10.71 -12.58 -25.16
N ASP B 495 -9.71 -11.92 -25.74
CA ASP B 495 -8.35 -12.02 -25.23
C ASP B 495 -8.01 -10.98 -24.13
N TYR B 496 -9.01 -10.23 -23.66
CA TYR B 496 -8.77 -9.19 -22.66
C TYR B 496 -8.37 -9.83 -21.33
N ARG B 497 -7.35 -9.26 -20.68
CA ARG B 497 -6.77 -9.84 -19.46
C ARG B 497 -7.19 -9.27 -18.12
N TYR B 498 -7.95 -8.19 -18.13
CA TYR B 498 -8.42 -7.57 -16.88
C TYR B 498 -7.28 -7.27 -15.93
N TYR C 4 9.82 48.95 -2.50
CA TYR C 4 9.95 47.48 -2.70
C TYR C 4 10.55 47.18 -4.09
N LYS C 5 10.01 47.82 -5.13
CA LYS C 5 10.55 47.65 -6.50
C LYS C 5 11.91 48.35 -6.56
N MET C 6 11.94 49.53 -5.95
CA MET C 6 13.13 50.38 -5.84
C MET C 6 14.39 49.66 -5.33
N GLU C 7 14.22 48.67 -4.43
CA GLU C 7 15.36 47.99 -3.80
C GLU C 7 15.48 46.47 -4.00
N SER C 8 14.39 45.78 -4.30
CA SER C 8 14.45 44.33 -4.46
C SER C 8 15.42 43.88 -5.54
N ARG C 9 15.94 42.66 -5.38
CA ARG C 9 16.80 42.03 -6.38
C ARG C 9 16.19 40.68 -6.69
N ILE C 10 15.54 40.59 -7.85
CA ILE C 10 14.86 39.37 -8.31
C ILE C 10 15.17 39.18 -9.78
N LYS C 11 14.81 38.03 -10.33
N LYS C 11 14.83 38.02 -10.35
CA LYS C 11 15.08 37.70 -11.72
CA LYS C 11 15.15 37.80 -11.77
C LYS C 11 14.29 38.53 -12.74
C LYS C 11 14.29 38.56 -12.77
N ASP C 12 12.97 38.55 -12.59
CA ASP C 12 12.08 39.21 -13.55
C ASP C 12 10.72 39.60 -12.96
N ILE C 13 10.48 40.90 -12.87
CA ILE C 13 9.24 41.43 -12.35
C ILE C 13 8.04 41.03 -13.22
N SER C 14 8.27 40.79 -14.52
CA SER C 14 7.21 40.42 -15.48
C SER C 14 6.51 39.09 -15.22
N LEU C 15 7.10 38.24 -14.38
CA LEU C 15 6.51 36.95 -14.03
C LEU C 15 5.43 37.12 -12.95
N ALA C 16 5.29 38.33 -12.43
CA ALA C 16 4.37 38.62 -11.32
C ALA C 16 2.96 38.06 -11.45
N GLU C 17 2.33 38.26 -12.61
CA GLU C 17 0.96 37.82 -12.79
C GLU C 17 0.79 36.30 -12.70
N PHE C 18 1.80 35.54 -13.15
CA PHE C 18 1.74 34.07 -13.01
C PHE C 18 1.85 33.71 -11.53
N GLY C 19 2.68 34.45 -10.80
CA GLY C 19 2.82 34.24 -9.36
C GLY C 19 1.54 34.56 -8.61
N LEU C 20 0.89 35.65 -8.99
CA LEU C 20 -0.36 36.06 -8.34
C LEU C 20 -1.51 35.06 -8.58
N GLN C 21 -1.63 34.54 -9.81
CA GLN C 21 -2.66 33.52 -10.15
C GLN C 21 -2.40 32.25 -9.35
N ASP C 22 -1.14 31.78 -9.35
CA ASP C 22 -0.78 30.61 -8.54
C ASP C 22 -1.06 30.80 -7.06
N MET C 23 -0.80 31.99 -6.52
CA MET C 23 -1.11 32.25 -5.11
C MET C 23 -2.61 32.08 -4.85
N GLU C 24 -3.46 32.64 -5.72
CA GLU C 24 -4.91 32.50 -5.55
C GLU C 24 -5.38 31.07 -5.62
N ILE C 25 -4.81 30.28 -6.54
CA ILE C 25 -5.18 28.86 -6.63
C ILE C 25 -4.71 28.16 -5.34
N ALA C 26 -3.46 28.42 -4.96
CA ALA C 26 -2.91 27.84 -3.73
C ALA C 26 -3.79 28.15 -2.51
N LYS C 27 -4.32 29.37 -2.42
CA LYS C 27 -5.17 29.78 -1.26
C LYS C 27 -6.45 28.97 -1.06
N THR C 28 -6.91 28.27 -2.10
CA THR C 28 -8.06 27.37 -1.99
C THR C 28 -7.79 26.33 -0.91
N ASP C 29 -6.54 25.87 -0.83
CA ASP C 29 -6.14 24.87 0.17
C ASP C 29 -5.42 25.40 1.42
N MET C 30 -4.92 26.63 1.39
CA MET C 30 -4.19 27.17 2.54
C MET C 30 -5.16 27.91 3.47
N MET C 31 -6.17 27.19 3.97
N MET C 31 -6.18 27.17 3.95
CA MET C 31 -7.23 27.82 4.77
CA MET C 31 -7.22 27.72 4.83
C MET C 31 -6.84 28.35 6.16
C MET C 31 -6.75 28.45 6.06
N GLY C 32 -5.70 27.92 6.69
CA GLY C 32 -5.18 28.46 7.93
C GLY C 32 -4.69 29.88 7.69
N LEU C 33 -3.97 30.10 6.60
CA LEU C 33 -3.48 31.44 6.28
C LEU C 33 -4.60 32.37 5.85
N VAL C 34 -5.58 31.83 5.13
CA VAL C 34 -6.74 32.57 4.67
C VAL C 34 -7.56 33.05 5.89
N GLU C 35 -7.76 32.15 6.87
CA GLU C 35 -8.51 32.49 8.08
C GLU C 35 -7.77 33.50 8.97
N LEU C 36 -6.44 33.37 9.08
CA LEU C 36 -5.65 34.33 9.86
C LEU C 36 -5.78 35.72 9.23
N GLN C 37 -5.76 35.80 7.91
CA GLN C 37 -5.94 37.11 7.24
C GLN C 37 -7.34 37.65 7.51
N ARG C 38 -8.35 36.81 7.37
CA ARG C 38 -9.71 37.26 7.59
C ARG C 38 -9.87 37.81 9.02
N LYS C 39 -9.40 37.04 9.99
CA LYS C 39 -9.57 37.35 11.40
C LYS C 39 -8.75 38.49 11.96
N TYR C 40 -7.54 38.69 11.42
CA TYR C 40 -6.58 39.66 11.96
C TYR C 40 -6.14 40.81 11.06
N ARG C 41 -6.65 40.90 9.84
CA ARG C 41 -6.23 42.00 8.96
C ARG C 41 -6.68 43.39 9.45
N ASP C 42 -7.75 43.46 10.23
CA ASP C 42 -8.17 44.75 10.78
C ASP C 42 -7.40 45.15 12.04
N SER C 43 -7.31 44.22 12.99
N SER C 43 -7.30 44.24 13.01
CA SER C 43 -6.58 44.44 14.26
CA SER C 43 -6.60 44.53 14.28
C SER C 43 -5.10 44.63 14.09
C SER C 43 -5.09 44.61 14.12
N LYS C 44 -4.53 43.93 13.10
CA LYS C 44 -3.09 43.97 12.80
C LYS C 44 -2.20 43.68 14.03
N PRO C 45 -2.23 42.42 14.52
CA PRO C 45 -1.42 42.01 15.67
C PRO C 45 0.09 42.16 15.47
N LEU C 46 0.54 42.33 14.23
CA LEU C 46 1.96 42.54 13.95
C LEU C 46 2.28 43.94 13.47
N LYS C 47 1.39 44.91 13.72
CA LYS C 47 1.58 46.24 13.17
C LYS C 47 2.88 46.92 13.58
N GLY C 48 3.64 47.35 12.56
CA GLY C 48 4.92 48.01 12.74
C GLY C 48 6.12 47.10 12.92
N ALA C 49 5.90 45.79 13.06
CA ALA C 49 7.02 44.84 13.21
C ALA C 49 7.86 44.76 11.93
N ARG C 50 9.17 44.86 12.09
CA ARG C 50 10.11 44.69 10.97
C ARG C 50 10.49 43.21 10.98
N ILE C 51 10.06 42.46 9.98
CA ILE C 51 10.32 41.03 9.91
C ILE C 51 11.25 40.69 8.78
N THR C 52 12.32 39.97 9.10
CA THR C 52 13.22 39.48 8.08
C THR C 52 13.03 37.97 8.01
N GLY C 53 12.81 37.47 6.80
CA GLY C 53 12.64 36.06 6.57
C GLY C 53 13.74 35.50 5.70
N SER C 54 14.15 34.29 6.03
CA SER C 54 15.16 33.53 5.27
C SER C 54 14.54 32.15 5.17
N LEU C 55 13.77 31.97 4.09
CA LEU C 55 13.01 30.74 3.89
C LEU C 55 12.63 30.62 2.41
N HIS C 56 12.88 29.44 1.85
CA HIS C 56 12.62 29.10 0.40
C HIS C 56 11.45 29.90 -0.14
N LEU C 57 11.74 30.83 -1.06
CA LEU C 57 10.68 31.70 -1.57
C LEU C 57 9.89 31.07 -2.70
N THR C 58 8.93 30.25 -2.29
CA THR C 58 8.03 29.54 -3.15
C THR C 58 6.67 30.26 -3.15
N ILE C 59 5.73 29.74 -3.94
CA ILE C 59 4.39 30.28 -4.00
C ILE C 59 3.74 30.15 -2.61
N GLU C 60 4.02 29.05 -1.93
CA GLU C 60 3.47 28.81 -0.60
C GLU C 60 4.00 29.88 0.38
N THR C 61 5.30 30.17 0.27
CA THR C 61 5.92 31.18 1.11
C THR C 61 5.35 32.56 0.82
N SER C 62 5.03 32.82 -0.45
CA SER C 62 4.43 34.12 -0.80
C SER C 62 3.12 34.35 -0.05
N VAL C 63 2.35 33.29 0.17
CA VAL C 63 1.09 33.41 0.90
C VAL C 63 1.40 33.69 2.38
N LEU C 64 2.44 33.07 2.92
CA LEU C 64 2.90 33.34 4.29
C LEU C 64 3.27 34.83 4.41
N VAL C 65 4.09 35.31 3.48
CA VAL C 65 4.52 36.72 3.48
C VAL C 65 3.32 37.67 3.38
N GLU C 66 2.37 37.34 2.51
CA GLU C 66 1.15 38.13 2.35
C GLU C 66 0.37 38.16 3.67
N THR C 67 0.38 37.03 4.39
CA THR C 67 -0.33 36.94 5.66
C THR C 67 0.29 37.86 6.71
N LEU C 68 1.62 37.83 6.80
CA LEU C 68 2.35 38.67 7.73
C LEU C 68 2.08 40.14 7.39
N TYR C 69 2.06 40.46 6.10
CA TYR C 69 1.82 41.81 5.63
C TYR C 69 0.41 42.29 5.97
N GLU C 70 -0.60 41.50 5.68
CA GLU C 70 -1.99 41.85 6.02
C GLU C 70 -2.14 42.04 7.52
N LEU C 71 -1.35 41.29 8.30
CA LEU C 71 -1.37 41.41 9.76
C LEU C 71 -0.58 42.61 10.31
N GLY C 72 -0.01 43.42 9.43
CA GLY C 72 0.65 44.67 9.82
C GLY C 72 2.14 44.81 9.71
N ALA C 73 2.85 43.74 9.34
CA ALA C 73 4.29 43.80 9.29
C ALA C 73 4.90 44.45 8.04
N GLU C 74 6.11 44.97 8.21
CA GLU C 74 6.96 45.46 7.11
C GLU C 74 7.89 44.27 6.93
N ILE C 75 8.17 43.89 5.69
CA ILE C 75 8.91 42.67 5.43
C ILE C 75 10.10 42.73 4.46
N ARG C 76 11.18 42.03 4.81
CA ARG C 76 12.34 41.84 3.90
C ARG C 76 12.55 40.33 3.87
N TRP C 77 12.79 39.78 2.66
CA TRP C 77 12.87 38.32 2.51
C TRP C 77 13.96 37.85 1.55
N CYS C 78 14.52 36.69 1.88
CA CYS C 78 15.48 36.02 1.05
C CYS C 78 15.19 34.52 1.17
N SER C 79 15.71 33.72 0.24
CA SER C 79 15.57 32.26 0.31
C SER C 79 16.69 31.66 1.16
N CYS C 80 16.43 30.48 1.72
CA CYS C 80 17.43 29.77 2.50
C CYS C 80 18.08 28.66 1.68
N ASN C 81 18.00 28.75 0.36
CA ASN C 81 18.75 27.83 -0.52
C ASN C 81 18.93 28.51 -1.89
N ILE C 82 20.09 28.28 -2.50
CA ILE C 82 20.40 28.89 -3.80
C ILE C 82 19.51 28.44 -4.97
N TYR C 83 18.88 27.26 -4.84
CA TYR C 83 18.06 26.72 -5.92
C TYR C 83 16.54 26.72 -5.65
N SER C 84 16.09 27.10 -4.47
CA SER C 84 14.69 26.90 -4.14
C SER C 84 13.71 28.03 -4.45
N THR C 85 14.21 29.21 -4.78
CA THR C 85 13.34 30.31 -5.10
C THR C 85 12.55 30.02 -6.38
N GLN C 86 11.27 30.36 -6.37
CA GLN C 86 10.40 30.30 -7.54
C GLN C 86 10.29 31.75 -7.97
N ASP C 87 10.89 32.08 -9.10
CA ASP C 87 10.95 33.48 -9.55
C ASP C 87 9.58 34.19 -9.72
N HIS C 88 8.55 33.46 -10.13
CA HIS C 88 7.23 34.09 -10.28
C HIS C 88 6.63 34.43 -8.90
N ALA C 89 6.96 33.62 -7.87
CA ALA C 89 6.52 33.87 -6.50
C ALA C 89 7.21 35.14 -5.96
N ALA C 90 8.49 35.26 -6.24
CA ALA C 90 9.26 36.43 -5.83
C ALA C 90 8.71 37.70 -6.51
N ALA C 91 8.46 37.59 -7.82
CA ALA C 91 7.96 38.74 -8.59
C ALA C 91 6.59 39.23 -8.07
N ALA C 92 5.74 38.30 -7.68
CA ALA C 92 4.41 38.66 -7.17
C ALA C 92 4.49 39.51 -5.91
N LEU C 93 5.42 39.20 -5.00
CA LEU C 93 5.57 39.98 -3.78
C LEU C 93 6.07 41.40 -4.04
N VAL C 94 7.06 41.51 -4.90
CA VAL C 94 7.65 42.80 -5.26
C VAL C 94 6.63 43.67 -5.99
N LYS C 95 5.97 43.08 -6.98
CA LYS C 95 4.95 43.74 -7.79
C LYS C 95 3.82 44.32 -6.94
N LYS C 96 3.34 43.58 -5.97
CA LYS C 96 2.29 44.08 -5.08
C LYS C 96 2.78 44.96 -3.92
N ASN C 97 4.08 45.21 -3.81
CA ASN C 97 4.65 46.02 -2.70
C ASN C 97 4.37 45.40 -1.31
N ILE C 98 4.43 44.06 -1.24
CA ILE C 98 4.19 43.30 -0.01
C ILE C 98 5.48 43.13 0.80
N ALA C 99 6.59 43.03 0.08
CA ALA C 99 7.89 42.84 0.72
C ALA C 99 9.06 43.24 -0.20
N THR C 100 10.19 43.58 0.43
CA THR C 100 11.44 43.84 -0.27
C THR C 100 12.09 42.47 -0.35
N VAL C 101 12.42 42.02 -1.56
CA VAL C 101 12.93 40.67 -1.80
C VAL C 101 14.31 40.61 -2.41
N PHE C 102 15.16 39.70 -1.88
CA PHE C 102 16.52 39.44 -2.39
C PHE C 102 16.62 37.93 -2.59
N ALA C 103 16.21 37.48 -3.78
CA ALA C 103 16.14 36.06 -4.09
C ALA C 103 15.83 35.76 -5.54
N TRP C 104 16.51 34.74 -6.06
CA TRP C 104 16.27 34.23 -7.40
C TRP C 104 16.73 32.79 -7.46
N LYS C 105 16.17 32.03 -8.40
CA LYS C 105 16.55 30.64 -8.55
C LYS C 105 17.95 30.64 -9.16
N ASN C 106 18.81 29.75 -8.68
CA ASN C 106 20.18 29.57 -9.16
C ASN C 106 21.13 30.70 -8.79
N GLU C 107 21.12 31.11 -7.52
CA GLU C 107 22.07 32.11 -7.03
C GLU C 107 23.44 31.44 -6.89
N THR C 108 24.50 32.23 -6.92
CA THR C 108 25.83 31.70 -6.59
C THR C 108 25.86 31.75 -5.05
N ILE C 109 26.76 30.99 -4.43
CA ILE C 109 26.89 31.04 -2.96
C ILE C 109 27.26 32.46 -2.46
N GLU C 110 28.06 33.18 -3.25
CA GLU C 110 28.41 34.57 -2.96
C GLU C 110 27.13 35.41 -2.87
N ASP C 111 26.27 35.31 -3.88
CA ASP C 111 25.03 36.07 -3.91
C ASP C 111 24.06 35.67 -2.78
N TYR C 112 24.06 34.41 -2.39
CA TYR C 112 23.20 33.93 -1.30
C TYR C 112 23.48 34.73 -0.02
N TRP C 113 24.75 34.81 0.38
CA TRP C 113 25.13 35.50 1.61
C TRP C 113 24.91 37.01 1.53
N VAL C 114 25.15 37.60 0.36
CA VAL C 114 24.91 39.03 0.15
C VAL C 114 23.40 39.27 0.27
N CYS C 115 22.59 38.38 -0.29
CA CYS C 115 21.13 38.50 -0.21
C CYS C 115 20.64 38.43 1.23
N LEU C 116 21.20 37.52 2.01
CA LEU C 116 20.80 37.36 3.41
C LEU C 116 21.16 38.60 4.20
N ASN C 117 22.38 39.11 3.98
CA ASN C 117 22.84 40.31 4.67
C ASN C 117 21.91 41.50 4.33
N ASP C 118 21.56 41.67 3.04
CA ASP C 118 20.61 42.74 2.64
C ASP C 118 19.23 42.58 3.30
N ALA C 119 18.70 41.35 3.38
CA ALA C 119 17.41 41.12 4.01
C ALA C 119 17.44 41.51 5.50
N MET C 120 18.60 41.36 6.14
CA MET C 120 18.80 41.73 7.55
C MET C 120 19.04 43.26 7.78
N THR C 121 19.25 44.02 6.71
CA THR C 121 19.53 45.45 6.80
C THR C 121 18.31 46.33 6.59
N TRP C 122 17.93 47.08 7.61
CA TRP C 122 16.77 47.95 7.56
C TRP C 122 17.24 49.39 7.71
N ARG C 123 16.84 50.26 6.80
CA ARG C 123 17.21 51.67 6.88
C ARG C 123 16.12 52.54 7.43
N ASN C 124 16.53 53.51 8.26
CA ASN C 124 15.61 54.49 8.82
C ASN C 124 16.18 55.84 8.34
N PRO C 125 15.60 56.40 7.24
CA PRO C 125 16.11 57.67 6.69
C PRO C 125 15.76 58.89 7.54
N ASP C 129 21.20 57.40 6.23
CA ASP C 129 21.31 57.92 7.59
C ASP C 129 21.81 56.78 8.53
N LYS C 130 20.92 56.11 9.27
CA LYS C 130 21.31 55.00 10.18
C LYS C 130 20.74 53.64 9.75
N ILE C 131 21.41 52.58 10.21
CA ILE C 131 21.03 51.19 9.95
C ILE C 131 20.40 50.59 11.19
N CYS C 132 19.44 49.71 10.97
CA CYS C 132 18.78 48.96 12.02
C CYS C 132 18.70 47.51 11.57
N GLY C 133 18.26 46.65 12.47
CA GLY C 133 18.06 45.26 12.16
C GLY C 133 16.56 44.99 12.23
N PRO C 134 16.18 43.73 12.02
CA PRO C 134 14.79 43.36 12.11
C PRO C 134 14.37 43.23 13.56
N ASN C 135 13.07 43.30 13.79
CA ASN C 135 12.51 43.06 15.13
C ASN C 135 12.31 41.55 15.35
N LEU C 136 11.92 40.86 14.28
CA LEU C 136 11.60 39.44 14.31
C LEU C 136 12.23 38.75 13.11
N ILE C 137 12.61 37.49 13.28
CA ILE C 137 13.18 36.72 12.18
C ILE C 137 12.39 35.44 11.97
N VAL C 138 12.06 35.16 10.72
CA VAL C 138 11.47 33.87 10.32
C VAL C 138 12.66 33.16 9.67
N ASP C 139 13.11 32.07 10.26
CA ASP C 139 14.31 31.37 9.80
C ASP C 139 14.00 29.90 9.47
N ASP C 140 14.70 29.38 8.47
CA ASP C 140 14.55 27.99 8.06
C ASP C 140 15.97 27.48 7.80
N GLY C 141 16.49 26.73 8.76
CA GLY C 141 17.85 26.18 8.68
C GLY C 141 18.86 26.92 9.53
N GLY C 142 18.46 28.09 10.03
CA GLY C 142 19.29 28.87 10.92
C GLY C 142 20.34 29.81 10.35
N ASP C 143 20.37 30.03 9.04
CA ASP C 143 21.38 30.93 8.45
C ASP C 143 21.24 32.40 8.89
N ALA C 144 20.01 32.93 8.98
CA ALA C 144 19.83 34.31 9.43
C ALA C 144 20.28 34.43 10.90
N THR C 145 19.93 33.42 11.70
CA THR C 145 20.31 33.38 13.11
C THR C 145 21.82 33.23 13.22
N LEU C 146 22.40 32.43 12.33
CA LEU C 146 23.83 32.21 12.32
C LEU C 146 24.61 33.48 12.00
N ILE C 147 24.23 34.20 10.94
CA ILE C 147 25.00 35.41 10.55
C ILE C 147 24.99 36.48 11.69
N LEU C 148 23.87 36.57 12.40
CA LEU C 148 23.74 37.48 13.53
C LEU C 148 24.76 37.12 14.61
N HIS C 149 24.72 35.86 15.07
CA HIS C 149 25.64 35.40 16.12
C HIS C 149 27.10 35.46 15.70
N GLU C 150 27.40 35.08 14.46
CA GLU C 150 28.78 35.14 13.97
C GLU C 150 29.20 36.59 13.80
N GLY C 151 28.24 37.46 13.47
CA GLY C 151 28.49 38.87 13.31
C GLY C 151 28.87 39.49 14.63
N VAL C 152 28.14 39.14 15.68
CA VAL C 152 28.42 39.63 17.03
C VAL C 152 29.80 39.14 17.46
N LYS C 153 30.06 37.85 17.22
CA LYS C 153 31.36 37.26 17.56
C LYS C 153 32.50 38.00 16.82
N ALA C 154 32.30 38.29 15.54
CA ALA C 154 33.31 38.99 14.76
C ALA C 154 33.59 40.41 15.31
N GLU C 155 32.56 41.10 15.78
CA GLU C 155 32.73 42.46 16.34
C GLU C 155 33.51 42.47 17.65
N ILE C 156 33.22 41.49 18.50
CA ILE C 156 33.92 41.35 19.78
C ILE C 156 35.41 41.07 19.52
N GLU C 157 35.70 40.10 18.65
CA GLU C 157 37.07 39.75 18.29
C GLU C 157 37.80 40.96 17.67
N TYR C 158 37.08 41.71 16.85
CA TYR C 158 37.62 42.91 16.20
C TYR C 158 38.06 44.00 17.20
N GLU C 159 37.26 44.23 18.25
CA GLU C 159 37.58 45.26 19.25
C GLU C 159 38.71 44.96 20.23
N LYS C 160 38.86 43.71 20.65
N LYS C 160 38.84 43.69 20.61
CA LYS C 160 39.92 43.39 21.62
CA LYS C 160 39.86 43.27 21.57
C LYS C 160 41.33 43.44 21.03
C LYS C 160 41.29 43.36 21.04
N TYR C 161 41.47 43.10 19.75
CA TYR C 161 42.80 43.16 19.10
C TYR C 161 42.89 44.34 18.09
N ASN C 162 41.81 45.09 17.92
CA ASN C 162 41.76 46.25 17.01
C ASN C 162 42.29 45.98 15.60
N LYS C 163 41.72 44.96 14.96
CA LYS C 163 42.08 44.51 13.61
C LYS C 163 41.07 43.47 13.15
N ILE C 164 40.98 43.28 11.83
CA ILE C 164 40.08 42.28 11.28
C ILE C 164 40.59 40.92 11.76
N PRO C 165 39.71 40.11 12.37
CA PRO C 165 40.14 38.78 12.84
C PRO C 165 40.72 37.94 11.73
N GLU C 166 41.84 37.27 12.01
CA GLU C 166 42.54 36.46 11.03
C GLU C 166 41.67 35.36 10.42
N TYR C 167 40.77 34.77 11.20
CA TYR C 167 39.93 33.68 10.71
C TYR C 167 39.01 34.09 9.54
N LEU C 168 38.70 35.39 9.44
CA LEU C 168 37.85 35.90 8.36
C LEU C 168 38.62 36.17 7.08
N GLU C 169 39.95 36.08 7.13
CA GLU C 169 40.80 36.40 5.98
C GLU C 169 41.55 35.21 5.40
N THR C 170 41.13 34.00 5.72
CA THR C 170 41.82 32.80 5.22
C THR C 170 40.87 31.81 4.56
N GLU C 171 41.42 31.01 3.65
CA GLU C 171 40.65 29.96 3.00
C GLU C 171 40.59 28.69 3.86
N LEU C 172 41.42 28.63 4.91
CA LEU C 172 41.55 27.45 5.77
C LEU C 172 41.00 27.61 7.19
N ASP C 173 40.64 26.46 7.79
CA ASP C 173 40.19 26.42 9.20
C ASP C 173 41.43 26.22 10.07
N GLU C 174 41.23 26.04 11.37
CA GLU C 174 42.36 25.88 12.30
C GLU C 174 43.29 24.68 12.00
N ASN C 175 42.78 23.65 11.32
CA ASN C 175 43.56 22.45 11.01
C ASN C 175 44.17 22.39 9.59
N GLY C 176 44.10 23.51 8.85
CA GLY C 176 44.63 23.53 7.47
C GLY C 176 43.71 22.91 6.43
N LYS C 177 42.48 22.62 6.82
CA LYS C 177 41.49 22.09 5.89
C LYS C 177 40.77 23.29 5.24
N GLN C 178 40.37 23.11 3.99
CA GLN C 178 39.67 24.14 3.22
C GLN C 178 38.27 24.43 3.83
N LEU C 179 37.97 25.70 4.09
CA LEU C 179 36.63 26.07 4.55
C LEU C 179 35.63 25.84 3.46
N SER C 180 34.38 25.58 3.84
CA SER C 180 33.28 25.44 2.88
C SER C 180 33.03 26.78 2.19
N MET C 181 32.48 26.75 0.97
CA MET C 181 32.17 28.01 0.25
C MET C 181 31.23 28.88 1.04
N ASP C 182 30.24 28.26 1.69
CA ASP C 182 29.29 28.98 2.53
C ASP C 182 29.99 29.76 3.65
N LEU C 183 30.97 29.14 4.31
CA LEU C 183 31.71 29.86 5.34
C LEU C 183 32.56 30.97 4.79
N LYS C 184 33.30 30.71 3.71
CA LYS C 184 34.12 31.74 3.09
C LYS C 184 33.29 32.95 2.71
N CYS C 185 32.14 32.70 2.08
CA CYS C 185 31.27 33.80 1.64
C CYS C 185 30.64 34.53 2.82
N MET C 186 30.23 33.80 3.86
CA MET C 186 29.69 34.45 5.05
C MET C 186 30.77 35.30 5.66
N TYR C 187 31.97 34.72 5.76
CA TYR C 187 33.11 35.44 6.34
C TYR C 187 33.48 36.72 5.57
N LYS C 188 33.40 36.68 4.24
N LYS C 188 33.40 36.66 4.25
CA LYS C 188 33.70 37.85 3.40
CA LYS C 188 33.64 37.81 3.37
C LYS C 188 32.63 38.95 3.65
C LYS C 188 32.65 38.93 3.72
N VAL C 189 31.38 38.56 3.89
CA VAL C 189 30.31 39.51 4.22
C VAL C 189 30.57 40.16 5.59
N LEU C 190 30.92 39.35 6.59
CA LEU C 190 31.19 39.87 7.91
C LEU C 190 32.38 40.80 7.90
N LYS C 191 33.38 40.48 7.08
CA LYS C 191 34.56 41.34 6.98
C LYS C 191 34.18 42.72 6.44
N MET C 192 33.37 42.75 5.38
CA MET C 192 32.88 43.99 4.77
C MET C 192 32.08 44.82 5.77
N GLU C 193 31.23 44.19 6.58
CA GLU C 193 30.44 44.92 7.57
C GLU C 193 31.28 45.47 8.73
N LEU C 194 32.37 44.80 9.09
CA LEU C 194 33.27 45.33 10.11
C LEU C 194 33.90 46.64 9.61
N LEU C 195 34.23 46.71 8.32
CA LEU C 195 34.83 47.92 7.72
C LEU C 195 33.81 49.06 7.57
N LYS C 196 32.53 48.73 7.32
CA LYS C 196 31.47 49.77 7.18
C LYS C 196 30.95 50.23 8.53
N ASN C 197 30.74 49.28 9.44
CA ASN C 197 30.23 49.62 10.78
C ASN C 197 30.46 48.47 11.76
N PRO C 198 31.51 48.56 12.58
CA PRO C 198 31.82 47.51 13.55
C PRO C 198 30.84 47.37 14.75
N PHE C 199 29.72 48.11 14.74
CA PHE C 199 28.72 48.01 15.83
C PHE C 199 27.35 47.59 15.26
N ARG C 200 27.34 47.24 13.99
CA ARG C 200 26.14 46.80 13.30
C ARG C 200 25.37 45.67 13.99
N TRP C 201 26.05 44.55 14.21
CA TRP C 201 25.42 43.37 14.74
C TRP C 201 24.99 43.55 16.18
N ARG C 202 25.88 44.08 17.01
CA ARG C 202 25.56 44.32 18.40
C ARG C 202 24.44 45.32 18.55
N GLY C 203 24.41 46.33 17.67
CA GLY C 203 23.36 47.34 17.64
C GLY C 203 21.97 46.79 17.38
N MET C 204 21.88 45.71 16.59
CA MET C 204 20.59 45.08 16.29
C MET C 204 19.91 44.42 17.48
N LEU C 205 20.71 43.95 18.46
CA LEU C 205 20.17 43.21 19.62
C LEU C 205 19.10 43.97 20.38
N LYS C 206 19.32 45.28 20.52
CA LYS C 206 18.38 46.15 21.22
C LYS C 206 16.95 45.91 20.78
N ASP C 207 16.74 45.89 19.46
CA ASP C 207 15.41 45.77 18.84
C ASP C 207 14.95 44.36 18.42
N LEU C 208 15.79 43.33 18.65
CA LEU C 208 15.45 41.95 18.33
C LEU C 208 14.61 41.28 19.41
N TYR C 209 13.39 40.87 19.06
CA TYR C 209 12.49 40.23 20.00
C TYR C 209 12.33 38.73 19.82
N GLY C 210 12.87 38.17 18.74
CA GLY C 210 12.78 36.74 18.52
C GLY C 210 12.89 36.20 17.12
N VAL C 211 13.11 34.88 17.06
CA VAL C 211 13.20 34.10 15.84
C VAL C 211 12.30 32.88 15.98
N SER C 212 11.57 32.56 14.92
CA SER C 212 10.73 31.35 14.87
C SER C 212 11.38 30.47 13.81
N GLU C 213 11.86 29.29 14.22
CA GLU C 213 12.63 28.39 13.36
C GLU C 213 11.79 27.22 12.82
N GLU C 214 11.84 27.08 11.51
CA GLU C 214 11.03 26.12 10.73
C GLU C 214 11.48 24.66 10.72
N THR C 215 12.79 24.41 10.66
CA THR C 215 13.26 23.05 10.41
C THR C 215 14.17 22.43 11.46
N THR C 216 14.19 21.11 11.45
CA THR C 216 14.95 20.30 12.38
C THR C 216 16.42 20.73 12.49
N THR C 217 17.08 20.89 11.36
CA THR C 217 18.48 21.29 11.39
C THR C 217 18.70 22.67 12.04
N GLY C 218 17.74 23.58 11.86
CA GLY C 218 17.82 24.90 12.45
C GLY C 218 17.58 24.82 13.95
N VAL C 219 16.66 23.97 14.35
CA VAL C 219 16.38 23.77 15.78
C VAL C 219 17.61 23.19 16.46
N LEU C 220 18.29 22.24 15.81
CA LEU C 220 19.54 21.68 16.37
C LEU C 220 20.53 22.83 16.67
N ARG C 221 20.70 23.73 15.71
CA ARG C 221 21.56 24.91 15.88
C ARG C 221 21.12 25.76 17.08
N LEU C 222 19.81 26.00 17.22
CA LEU C 222 19.29 26.79 18.37
C LEU C 222 19.55 26.11 19.72
N LYS C 223 19.31 24.80 19.78
CA LYS C 223 19.52 24.05 21.02
C LYS C 223 21.00 24.04 21.46
N ILE C 224 21.93 23.94 20.52
CA ILE C 224 23.35 23.98 20.85
C ILE C 224 23.68 25.34 21.48
N MET C 225 23.22 26.42 20.86
CA MET C 225 23.47 27.75 21.38
C MET C 225 22.85 27.93 22.76
N GLU C 226 21.63 27.42 22.93
CA GLU C 226 20.92 27.51 24.20
C GLU C 226 21.69 26.77 25.29
N SER C 227 22.18 25.57 24.98
CA SER C 227 22.93 24.78 25.98
C SER C 227 24.24 25.46 26.36
N GLU C 228 24.84 26.21 25.44
CA GLU C 228 26.09 26.92 25.74
C GLU C 228 25.87 28.32 26.32
N GLY C 229 24.62 28.73 26.51
CA GLY C 229 24.34 30.06 27.03
C GLY C 229 24.72 31.16 26.05
N LYS C 230 24.77 30.85 24.75
CA LYS C 230 25.15 31.82 23.71
C LYS C 230 24.00 32.35 22.86
N LEU C 231 22.77 31.89 23.13
CA LEU C 231 21.62 32.34 22.35
C LEU C 231 21.34 33.79 22.69
N LEU C 232 21.30 34.63 21.66
CA LEU C 232 21.13 36.07 21.81
C LEU C 232 19.71 36.61 21.68
N LEU C 233 18.73 35.74 21.48
CA LEU C 233 17.36 36.20 21.38
C LEU C 233 16.37 35.07 21.69
N PRO C 234 15.13 35.42 22.07
CA PRO C 234 14.14 34.37 22.28
C PRO C 234 13.89 33.61 20.98
N ALA C 235 13.59 32.32 21.10
CA ALA C 235 13.33 31.49 19.93
C ALA C 235 12.13 30.61 20.15
N ILE C 236 11.39 30.38 19.06
CA ILE C 236 10.28 29.45 19.04
C ILE C 236 10.60 28.38 18.02
N ASN C 237 10.47 27.13 18.46
CA ASN C 237 10.71 25.97 17.62
C ASN C 237 9.38 25.58 16.98
N VAL C 238 9.23 25.88 15.68
CA VAL C 238 8.00 25.58 14.94
C VAL C 238 8.04 24.16 14.40
N ASN C 239 9.23 23.67 14.06
CA ASN C 239 9.36 22.30 13.55
C ASN C 239 8.64 21.26 14.42
N ASP C 240 8.72 21.43 15.75
CA ASP C 240 8.15 20.42 16.64
C ASP C 240 6.69 20.60 17.04
N SER C 241 5.98 21.53 16.39
CA SER C 241 4.54 21.55 16.53
C SER C 241 4.14 20.25 15.83
N VAL C 242 3.11 19.60 16.37
CA VAL C 242 2.61 18.37 15.78
C VAL C 242 2.11 18.61 14.35
N THR C 243 1.39 19.72 14.15
CA THR C 243 0.85 20.07 12.83
C THR C 243 1.90 20.50 11.82
N LYS C 244 3.16 20.46 12.24
CA LYS C 244 4.28 20.76 11.34
C LYS C 244 5.02 19.45 11.09
N SER C 245 5.76 18.99 12.10
CA SER C 245 6.61 17.77 11.99
C SER C 245 5.91 16.49 11.51
N LYS C 246 4.68 16.24 11.97
CA LYS C 246 3.94 15.05 11.55
C LYS C 246 3.21 15.18 10.20
N PHE C 247 3.26 16.35 9.57
CA PHE C 247 2.56 16.55 8.30
C PHE C 247 3.51 17.01 7.17
N ASP C 248 4.11 18.19 7.34
CA ASP C 248 5.05 18.75 6.38
C ASP C 248 6.22 17.80 6.12
N ASN C 249 6.94 17.45 7.18
CA ASN C 249 8.13 16.61 7.03
C ASN C 249 7.86 15.23 6.41
N THR C 250 6.74 14.62 6.78
N THR C 250 6.73 14.63 6.82
CA THR C 250 6.38 13.29 6.27
CA THR C 250 6.31 13.32 6.35
C THR C 250 5.56 13.36 4.98
C THR C 250 5.56 13.37 5.01
N TYR C 251 4.31 13.82 5.05
CA TYR C 251 3.45 13.85 3.86
C TYR C 251 3.86 14.83 2.76
N GLY C 252 4.53 15.91 3.14
CA GLY C 252 5.03 16.84 2.17
C GLY C 252 6.06 16.15 1.30
N CYS C 253 7.02 15.46 1.94
CA CYS C 253 8.10 14.76 1.22
C CYS C 253 7.59 13.57 0.43
N ARG C 254 6.56 12.90 0.93
CA ARG C 254 5.98 11.78 0.22
C ARG C 254 5.60 12.19 -1.21
N GLN C 255 5.09 13.42 -1.38
CA GLN C 255 4.75 13.91 -2.70
C GLN C 255 5.92 14.63 -3.38
N SER C 256 6.56 15.58 -2.69
CA SER C 256 7.59 16.40 -3.34
C SER C 256 8.94 15.68 -3.66
N LEU C 257 9.28 14.65 -2.90
CA LEU C 257 10.47 13.86 -3.25
C LEU C 257 10.23 13.24 -4.60
N LEU C 258 9.04 12.67 -4.78
CA LEU C 258 8.72 12.02 -6.05
C LEU C 258 8.74 13.02 -7.20
N HIS C 259 8.19 14.22 -6.96
CA HIS C 259 8.19 15.25 -7.99
C HIS C 259 9.64 15.55 -8.40
N GLY C 260 10.49 15.75 -7.39
CA GLY C 260 11.92 16.04 -7.61
C GLY C 260 12.61 14.95 -8.40
N LEU C 261 12.37 13.69 -8.02
CA LEU C 261 12.96 12.53 -8.74
C LEU C 261 12.43 12.40 -10.16
N PHE C 262 11.14 12.60 -10.35
CA PHE C 262 10.59 12.52 -11.69
C PHE C 262 11.19 13.59 -12.62
N ASN C 263 11.40 14.80 -12.12
CA ASN C 263 11.98 15.86 -12.95
C ASN C 263 13.47 15.62 -13.22
N GLY C 264 14.21 15.15 -12.21
CA GLY C 264 15.66 15.02 -12.34
C GLY C 264 16.21 13.71 -12.85
N CYS C 265 15.51 12.64 -12.52
CA CYS C 265 15.92 11.30 -12.86
C CYS C 265 14.96 10.74 -13.90
N ILE C 266 15.50 10.40 -15.05
CA ILE C 266 14.69 9.90 -16.15
C ILE C 266 14.14 8.48 -15.93
N GLN C 267 14.79 7.69 -15.08
CA GLN C 267 14.43 6.29 -14.91
C GLN C 267 13.19 5.98 -14.12
N MET C 268 12.67 4.79 -14.38
CA MET C 268 11.52 4.26 -13.68
C MET C 268 11.92 3.91 -12.26
N LEU C 269 11.07 4.25 -11.28
CA LEU C 269 11.38 3.95 -9.88
C LEU C 269 10.94 2.53 -9.49
N ALA C 270 9.90 2.02 -10.12
CA ALA C 270 9.41 0.67 -9.84
C ALA C 270 10.47 -0.43 -10.02
N GLY C 271 10.54 -1.31 -9.01
CA GLY C 271 11.46 -2.43 -9.03
C GLY C 271 12.89 -2.08 -8.69
N LYS C 272 13.21 -0.80 -8.60
CA LYS C 272 14.56 -0.38 -8.27
C LYS C 272 14.83 -0.52 -6.78
N LYS C 273 16.09 -0.82 -6.44
CA LYS C 273 16.53 -0.81 -5.05
C LYS C 273 16.90 0.64 -4.75
N ILE C 274 16.09 1.27 -3.91
CA ILE C 274 16.27 2.67 -3.54
C ILE C 274 16.55 2.77 -2.05
N VAL C 275 17.75 3.26 -1.74
CA VAL C 275 18.20 3.40 -0.39
C VAL C 275 17.81 4.77 0.16
N VAL C 276 17.12 4.75 1.29
CA VAL C 276 16.74 5.96 2.00
C VAL C 276 17.60 5.94 3.27
N LEU C 277 18.53 6.88 3.35
CA LEU C 277 19.41 6.97 4.50
C LEU C 277 18.78 7.90 5.52
N GLY C 278 18.37 7.33 6.64
CA GLY C 278 17.67 8.09 7.67
C GLY C 278 16.17 7.82 7.57
N TYR C 279 15.59 7.31 8.66
CA TYR C 279 14.17 6.97 8.71
C TYR C 279 13.46 7.74 9.82
N GLY C 280 13.69 9.05 9.84
CA GLY C 280 13.01 9.96 10.76
C GLY C 280 11.71 10.45 10.11
N GLU C 281 11.29 11.66 10.45
CA GLU C 281 10.03 12.17 9.90
C GLU C 281 10.07 12.31 8.35
N VAL C 282 11.19 12.79 7.81
CA VAL C 282 11.36 12.91 6.38
C VAL C 282 11.48 11.54 5.70
N GLY C 283 12.42 10.72 6.16
CA GLY C 283 12.63 9.38 5.61
C GLY C 283 11.39 8.53 5.57
N LYS C 284 10.56 8.61 6.62
CA LYS C 284 9.30 7.86 6.66
C LYS C 284 8.42 8.22 5.47
N GLY C 285 8.28 9.52 5.21
CA GLY C 285 7.48 10.01 4.07
C GLY C 285 8.09 9.63 2.73
N CYS C 286 9.40 9.77 2.60
CA CYS C 286 10.10 9.39 1.36
C CYS C 286 9.82 7.92 1.03
N ALA C 287 10.00 7.05 2.04
CA ALA C 287 9.80 5.63 1.86
C ALA C 287 8.40 5.30 1.42
N GLN C 288 7.41 5.93 2.04
CA GLN C 288 6.03 5.65 1.69
C GLN C 288 5.76 6.04 0.21
N GLY C 289 6.25 7.19 -0.22
CA GLY C 289 6.06 7.63 -1.59
C GLY C 289 6.75 6.70 -2.60
N LEU C 290 7.99 6.35 -2.32
CA LEU C 290 8.75 5.47 -3.19
C LEU C 290 8.08 4.08 -3.38
N SER C 291 7.63 3.46 -2.27
CA SER C 291 6.92 2.16 -2.32
C SER C 291 5.61 2.32 -3.06
N GLY C 292 4.97 3.48 -2.89
CA GLY C 292 3.71 3.79 -3.57
C GLY C 292 3.80 3.71 -5.09
N VAL C 293 4.99 3.93 -5.65
CA VAL C 293 5.24 3.78 -7.09
C VAL C 293 6.09 2.54 -7.42
N GLY C 294 6.11 1.55 -6.51
CA GLY C 294 6.76 0.25 -6.77
C GLY C 294 8.23 0.05 -6.52
N ALA C 295 8.90 1.04 -5.95
CA ALA C 295 10.31 0.90 -5.62
C ALA C 295 10.44 -0.08 -4.46
N ARG C 296 11.61 -0.72 -4.39
CA ARG C 296 11.95 -1.57 -3.27
C ARG C 296 12.88 -0.71 -2.40
N VAL C 297 12.34 -0.23 -1.29
CA VAL C 297 13.07 0.65 -0.37
C VAL C 297 13.91 -0.11 0.67
N ILE C 298 15.17 0.31 0.75
CA ILE C 298 16.14 -0.19 1.72
C ILE C 298 16.49 1.03 2.60
N VAL C 299 16.40 0.87 3.91
CA VAL C 299 16.68 1.93 4.88
C VAL C 299 18.02 1.77 5.61
N THR C 300 18.71 2.87 5.88
CA THR C 300 19.90 2.85 6.75
C THR C 300 19.47 3.72 7.92
N GLU C 301 19.98 3.38 9.09
CA GLU C 301 19.69 4.09 10.33
C GLU C 301 20.73 3.84 11.40
N ILE C 302 20.88 4.84 12.27
CA ILE C 302 21.73 4.74 13.44
C ILE C 302 20.88 4.52 14.69
N ASP C 303 19.59 4.82 14.60
CA ASP C 303 18.70 4.76 15.75
C ASP C 303 17.95 3.43 15.72
N PRO C 304 18.13 2.59 16.74
CA PRO C 304 17.50 1.27 16.75
C PRO C 304 15.98 1.29 16.75
N ILE C 305 15.39 2.33 17.32
CA ILE C 305 13.92 2.47 17.36
C ILE C 305 13.42 2.76 15.95
N CYS C 306 14.04 3.74 15.29
CA CYS C 306 13.64 4.10 13.94
C CYS C 306 13.85 2.91 12.98
N ALA C 307 14.94 2.18 13.18
CA ALA C 307 15.26 1.00 12.36
C ALA C 307 14.16 -0.04 12.50
N LEU C 308 13.73 -0.27 13.74
CA LEU C 308 12.65 -1.22 13.97
C LEU C 308 11.35 -0.74 13.32
N GLN C 309 11.10 0.56 13.34
CA GLN C 309 9.90 1.06 12.67
C GLN C 309 9.93 0.75 11.18
N ALA C 310 11.09 0.94 10.53
CA ALA C 310 11.21 0.64 9.10
C ALA C 310 10.89 -0.82 8.82
N SER C 311 11.42 -1.70 9.66
CA SER C 311 11.23 -3.13 9.50
C SER C 311 9.75 -3.50 9.60
N MET C 312 9.02 -2.84 10.49
CA MET C 312 7.59 -3.11 10.68
C MET C 312 6.75 -2.71 9.46
N GLU C 313 7.32 -1.89 8.59
CA GLU C 313 6.69 -1.51 7.32
C GLU C 313 7.20 -2.37 6.16
N GLY C 314 7.98 -3.40 6.47
CA GLY C 314 8.47 -4.30 5.45
C GLY C 314 9.73 -3.88 4.72
N TYR C 315 10.48 -2.93 5.28
CA TYR C 315 11.69 -2.49 4.61
C TYR C 315 12.95 -3.15 5.20
N GLN C 316 13.82 -3.59 4.31
CA GLN C 316 15.11 -4.10 4.68
C GLN C 316 15.89 -2.94 5.28
N VAL C 317 16.62 -3.22 6.36
CA VAL C 317 17.49 -2.24 7.01
C VAL C 317 18.91 -2.76 6.96
N SER C 318 19.78 -2.03 6.24
CA SER C 318 21.17 -2.39 6.03
C SER C 318 22.12 -1.23 6.22
N VAL C 319 23.42 -1.53 6.34
CA VAL C 319 24.43 -0.47 6.40
C VAL C 319 24.76 -0.15 4.94
N LEU C 320 25.07 1.11 4.66
CA LEU C 320 25.32 1.51 3.26
C LEU C 320 26.36 0.64 2.53
N GLU C 321 27.44 0.27 3.22
CA GLU C 321 28.52 -0.51 2.60
C GLU C 321 28.06 -1.85 2.04
N ASP C 322 27.04 -2.46 2.65
CA ASP C 322 26.53 -3.74 2.16
C ASP C 322 25.64 -3.66 0.93
N VAL C 323 25.15 -2.47 0.57
CA VAL C 323 24.26 -2.33 -0.60
C VAL C 323 24.70 -1.29 -1.63
N VAL C 324 25.77 -0.55 -1.32
CA VAL C 324 26.26 0.52 -2.19
C VAL C 324 26.57 0.07 -3.63
N SER C 325 27.02 -1.15 -3.82
CA SER C 325 27.34 -1.65 -5.17
C SER C 325 26.16 -2.21 -5.94
N GLU C 326 25.07 -2.48 -5.24
CA GLU C 326 23.90 -3.09 -5.86
C GLU C 326 22.70 -2.17 -6.01
N ALA C 327 22.60 -1.12 -5.20
CA ALA C 327 21.41 -0.26 -5.26
C ALA C 327 21.42 0.68 -6.46
N ASP C 328 20.26 1.21 -6.78
CA ASP C 328 20.11 2.02 -7.98
C ASP C 328 20.08 3.50 -7.73
N ILE C 329 19.46 3.88 -6.61
CA ILE C 329 19.25 5.26 -6.26
C ILE C 329 19.45 5.41 -4.76
N PHE C 330 20.11 6.50 -4.38
CA PHE C 330 20.42 6.80 -2.98
C PHE C 330 19.87 8.18 -2.62
N ILE C 331 19.03 8.24 -1.58
CA ILE C 331 18.40 9.46 -1.09
C ILE C 331 18.81 9.71 0.38
N THR C 332 19.54 10.80 0.66
CA THR C 332 19.94 11.10 2.04
C THR C 332 18.88 11.97 2.73
N ALA C 333 18.43 11.54 3.91
CA ALA C 333 17.41 12.24 4.69
C ALA C 333 17.78 12.25 6.17
N THR C 334 19.06 12.48 6.45
CA THR C 334 19.58 12.40 7.82
C THR C 334 19.78 13.67 8.60
N GLY C 335 20.10 14.77 7.91
CA GLY C 335 20.47 16.03 8.60
C GLY C 335 21.90 15.91 9.16
N ASN C 336 22.61 14.86 8.79
CA ASN C 336 23.97 14.60 9.28
C ASN C 336 24.94 14.97 8.16
N LYS C 337 26.21 14.61 8.29
CA LYS C 337 27.15 14.92 7.22
C LYS C 337 27.97 13.73 6.86
N ASP C 338 28.54 13.76 5.65
CA ASP C 338 29.40 12.68 5.15
C ASP C 338 28.71 11.33 5.16
N VAL C 339 27.43 11.31 4.82
CA VAL C 339 26.65 10.09 4.77
C VAL C 339 26.96 9.31 3.46
N ILE C 340 27.26 10.06 2.39
CA ILE C 340 27.67 9.48 1.14
C ILE C 340 28.98 10.16 0.76
N THR C 341 30.05 9.37 0.78
CA THR C 341 31.40 9.84 0.52
C THR C 341 31.84 9.52 -0.90
N VAL C 342 32.94 10.13 -1.32
CA VAL C 342 33.52 9.82 -2.64
C VAL C 342 33.81 8.32 -2.77
N GLU C 343 34.31 7.69 -1.71
N GLU C 343 34.29 7.71 -1.69
CA GLU C 343 34.62 6.26 -1.79
CA GLU C 343 34.62 6.27 -1.72
C GLU C 343 33.35 5.43 -2.05
C GLU C 343 33.36 5.44 -2.03
N HIS C 344 32.22 5.83 -1.45
CA HIS C 344 30.94 5.13 -1.70
C HIS C 344 30.58 5.25 -3.18
N MET C 345 30.64 6.48 -3.69
CA MET C 345 30.31 6.77 -5.10
C MET C 345 31.18 6.01 -6.11
N ARG C 346 32.45 5.80 -5.78
CA ARG C 346 33.34 5.02 -6.68
C ARG C 346 32.96 3.54 -6.78
N LYS C 347 32.18 3.04 -5.82
CA LYS C 347 31.69 1.65 -5.84
C LYS C 347 30.30 1.47 -6.42
N MET C 348 29.59 2.57 -6.71
CA MET C 348 28.23 2.47 -7.24
C MET C 348 28.16 1.92 -8.66
N LYS C 349 27.03 1.33 -9.01
CA LYS C 349 26.85 0.81 -10.37
C LYS C 349 26.75 1.99 -11.36
N GLU C 350 26.96 1.67 -12.64
CA GLU C 350 26.93 2.64 -13.74
C GLU C 350 25.57 3.35 -13.78
N ASN C 351 25.65 4.68 -13.84
CA ASN C 351 24.48 5.55 -13.85
C ASN C 351 23.59 5.49 -12.61
N ALA C 352 24.18 5.13 -11.46
CA ALA C 352 23.45 5.20 -10.20
C ALA C 352 23.10 6.69 -9.96
N TYR C 353 21.93 6.95 -9.38
CA TYR C 353 21.50 8.31 -9.05
C TYR C 353 21.66 8.62 -7.55
N ILE C 354 22.02 9.86 -7.25
CA ILE C 354 22.24 10.32 -5.88
C ILE C 354 21.53 11.65 -5.66
N ALA C 355 20.85 11.76 -4.54
CA ALA C 355 20.12 12.96 -4.21
C ALA C 355 19.99 13.10 -2.70
N ASN C 356 19.80 14.34 -2.28
CA ASN C 356 19.67 14.67 -0.88
C ASN C 356 18.38 15.42 -0.67
N ILE C 357 17.68 15.09 0.41
CA ILE C 357 16.45 15.78 0.76
C ILE C 357 16.59 16.44 2.15
N GLY C 358 17.76 16.32 2.78
CA GLY C 358 18.02 16.98 4.07
C GLY C 358 18.29 18.47 3.82
N HIS C 359 18.23 19.28 4.87
CA HIS C 359 18.37 20.74 4.69
C HIS C 359 19.65 21.22 4.00
N PHE C 360 20.79 20.67 4.38
CA PHE C 360 22.08 21.09 3.81
C PHE C 360 22.72 20.04 2.92
N ASP C 361 23.56 20.51 1.99
CA ASP C 361 24.25 19.63 1.05
C ASP C 361 25.35 18.75 1.67
N ASP C 362 25.71 19.04 2.90
CA ASP C 362 26.76 18.30 3.61
C ASP C 362 26.58 16.78 3.66
N GLU C 363 25.35 16.31 3.45
CA GLU C 363 25.07 14.88 3.54
C GLU C 363 25.87 14.05 2.53
N ILE C 364 26.19 14.66 1.40
CA ILE C 364 26.92 14.04 0.30
C ILE C 364 28.21 14.85 0.15
N ASP C 365 29.33 14.17 -0.11
CA ASP C 365 30.57 14.86 -0.28
C ASP C 365 30.69 15.39 -1.72
N VAL C 366 29.90 16.43 -2.00
CA VAL C 366 29.88 17.04 -3.34
C VAL C 366 31.21 17.71 -3.66
N TYR C 367 31.83 18.35 -2.68
CA TYR C 367 33.13 18.99 -2.90
C TYR C 367 34.19 17.97 -3.31
N GLY C 368 34.25 16.85 -2.62
CA GLY C 368 35.23 15.79 -2.94
C GLY C 368 35.00 15.19 -4.32
N LEU C 369 33.73 15.09 -4.71
CA LEU C 369 33.37 14.56 -6.02
C LEU C 369 33.79 15.53 -7.14
N GLU C 370 33.45 16.81 -7.00
CA GLU C 370 33.78 17.83 -7.99
C GLU C 370 35.28 18.06 -8.18
N ASN C 371 36.04 17.85 -7.12
CA ASN C 371 37.49 18.06 -7.10
C ASN C 371 38.30 16.79 -7.20
N TYR C 372 37.64 15.67 -7.49
CA TYR C 372 38.34 14.42 -7.64
C TYR C 372 39.29 14.56 -8.85
N PRO C 373 40.56 14.16 -8.71
CA PRO C 373 41.50 14.38 -9.84
C PRO C 373 41.08 13.69 -11.15
N GLY C 374 40.97 14.48 -12.21
CA GLY C 374 40.61 13.96 -13.52
C GLY C 374 39.15 13.62 -13.69
N ILE C 375 38.29 14.10 -12.80
CA ILE C 375 36.86 13.80 -12.91
C ILE C 375 36.32 14.54 -14.15
N LYS C 376 35.38 13.91 -14.84
CA LYS C 376 34.75 14.49 -16.00
C LYS C 376 33.31 14.78 -15.59
N VAL C 377 32.83 15.98 -15.84
CA VAL C 377 31.45 16.32 -15.48
C VAL C 377 30.70 16.82 -16.71
N ILE C 378 29.43 16.42 -16.82
CA ILE C 378 28.58 16.78 -17.93
C ILE C 378 27.23 17.22 -17.36
N GLU C 379 26.66 18.29 -17.93
CA GLU C 379 25.33 18.76 -17.50
C GLU C 379 24.25 17.99 -18.28
N VAL C 380 23.46 17.21 -17.57
CA VAL C 380 22.41 16.39 -18.18
C VAL C 380 21.20 17.25 -18.49
N LYS C 381 20.85 18.10 -17.55
CA LYS C 381 19.75 19.05 -17.71
C LYS C 381 19.98 20.09 -16.61
N GLN C 382 19.14 21.10 -16.53
CA GLN C 382 19.33 22.12 -15.51
C GLN C 382 19.43 21.43 -14.13
N ASN C 383 20.52 21.72 -13.43
CA ASN C 383 20.78 21.19 -12.11
C ASN C 383 20.84 19.66 -11.97
N VAL C 384 21.30 18.96 -13.01
CA VAL C 384 21.51 17.52 -12.95
C VAL C 384 22.82 17.26 -13.68
N HIS C 385 23.78 16.67 -12.97
CA HIS C 385 25.12 16.44 -13.53
C HIS C 385 25.58 15.01 -13.43
N LYS C 386 26.24 14.56 -14.49
CA LYS C 386 26.81 13.21 -14.55
C LYS C 386 28.31 13.30 -14.38
N PHE C 387 28.84 12.57 -13.41
CA PHE C 387 30.26 12.54 -13.08
C PHE C 387 30.86 11.21 -13.45
N THR C 388 31.98 11.24 -14.17
CA THR C 388 32.67 10.04 -14.60
C THR C 388 34.08 9.97 -14.02
N PHE C 389 34.41 8.87 -13.33
CA PHE C 389 35.73 8.68 -12.74
C PHE C 389 36.70 8.22 -13.84
N PRO C 390 37.94 8.77 -13.84
CA PRO C 390 38.90 8.46 -14.90
C PRO C 390 39.41 7.03 -14.90
N ASP C 391 39.60 6.43 -13.73
CA ASP C 391 40.15 5.06 -13.64
C ASP C 391 39.16 3.97 -14.03
N THR C 392 37.94 4.02 -13.49
CA THR C 392 36.93 3.02 -13.81
C THR C 392 36.08 3.35 -15.05
N GLN C 393 36.00 4.64 -15.41
CA GLN C 393 35.16 5.12 -16.52
C GLN C 393 33.67 4.89 -16.19
N LYS C 394 33.36 4.73 -14.90
CA LYS C 394 31.99 4.58 -14.47
C LYS C 394 31.49 5.94 -14.06
N SER C 395 30.18 6.14 -14.15
CA SER C 395 29.57 7.41 -13.82
C SER C 395 28.44 7.32 -12.79
N VAL C 396 28.24 8.43 -12.08
CA VAL C 396 27.14 8.61 -11.15
C VAL C 396 26.44 9.89 -11.56
N ILE C 397 25.15 9.98 -11.30
CA ILE C 397 24.32 11.15 -11.65
C ILE C 397 23.80 11.80 -10.35
N LEU C 398 24.26 13.02 -10.12
CA LEU C 398 23.92 13.78 -8.93
C LEU C 398 22.81 14.77 -9.23
N LEU C 399 21.75 14.78 -8.44
CA LEU C 399 20.66 15.74 -8.62
C LEU C 399 20.94 17.01 -7.81
N CYS C 400 20.79 18.15 -8.50
CA CYS C 400 21.02 19.53 -8.01
C CYS C 400 22.16 19.76 -7.02
N LYS C 401 23.32 19.24 -7.40
CA LYS C 401 24.56 19.40 -6.63
C LYS C 401 24.37 19.06 -5.13
N GLY C 402 23.50 18.11 -4.84
CA GLY C 402 23.29 17.69 -3.48
C GLY C 402 22.42 18.58 -2.64
N ARG C 403 21.81 19.60 -3.23
CA ARG C 403 20.91 20.47 -2.49
C ARG C 403 19.54 19.80 -2.41
N LEU C 404 18.72 20.17 -1.43
CA LEU C 404 17.42 19.51 -1.24
C LEU C 404 16.68 19.37 -2.56
N VAL C 405 16.53 18.11 -2.97
CA VAL C 405 16.02 17.78 -4.29
C VAL C 405 14.56 18.14 -4.59
N ASN C 406 13.72 18.12 -3.57
CA ASN C 406 12.32 18.45 -3.78
C ASN C 406 12.10 19.93 -4.12
N LEU C 407 13.00 20.81 -3.67
CA LEU C 407 12.92 22.28 -3.94
C LEU C 407 13.88 22.72 -5.04
N GLY C 408 14.95 21.97 -5.23
CA GLY C 408 15.96 22.29 -6.24
C GLY C 408 15.58 21.78 -7.61
N CYS C 409 14.98 20.60 -7.67
CA CYS C 409 14.58 19.98 -8.93
C CYS C 409 13.08 19.99 -9.16
N ALA C 410 12.32 20.47 -8.18
CA ALA C 410 10.87 20.56 -8.29
C ALA C 410 10.42 21.78 -7.52
N THR C 411 9.14 21.86 -7.17
CA THR C 411 8.59 23.04 -6.52
C THR C 411 8.29 22.90 -5.04
N GLY C 412 8.85 21.90 -4.40
CA GLY C 412 8.64 21.67 -2.97
C GLY C 412 7.27 21.13 -2.62
N HIS C 413 6.99 21.07 -1.32
CA HIS C 413 5.71 20.58 -0.81
C HIS C 413 4.52 21.38 -1.37
N PRO C 414 3.34 20.74 -1.43
CA PRO C 414 2.18 21.45 -1.95
C PRO C 414 1.57 22.38 -0.90
N PRO C 415 0.61 23.23 -1.30
CA PRO C 415 0.04 24.22 -0.38
C PRO C 415 -0.62 23.75 0.91
N LEU C 416 -1.32 22.63 0.91
CA LEU C 416 -2.05 22.21 2.12
C LEU C 416 -1.12 22.04 3.32
N VAL C 417 -0.05 21.24 3.16
CA VAL C 417 0.83 21.07 4.30
C VAL C 417 1.63 22.31 4.63
N MET C 418 2.01 23.10 3.63
CA MET C 418 2.74 24.33 3.92
C MET C 418 1.87 25.30 4.69
N SER C 419 0.57 25.31 4.44
CA SER C 419 -0.34 26.18 5.16
C SER C 419 -0.31 25.83 6.66
N MET C 420 -0.27 24.54 6.97
CA MET C 420 -0.21 24.07 8.35
C MET C 420 1.09 24.54 9.01
N SER C 421 2.22 24.34 8.36
CA SER C 421 3.49 24.82 8.89
C SER C 421 3.50 26.34 9.04
N PHE C 422 3.02 27.02 8.01
CA PHE C 422 3.02 28.46 8.01
C PHE C 422 1.99 29.12 8.96
N THR C 423 0.90 28.42 9.29
CA THR C 423 -0.05 28.96 10.26
C THR C 423 0.68 29.01 11.61
N ASN C 424 1.45 27.97 11.91
CA ASN C 424 2.31 27.92 13.11
C ASN C 424 3.35 29.08 13.12
N GLN C 425 3.96 29.35 11.97
CA GLN C 425 4.93 30.47 11.85
C GLN C 425 4.29 31.82 12.17
N VAL C 426 3.11 32.09 11.63
CA VAL C 426 2.42 33.35 11.90
C VAL C 426 2.08 33.44 13.41
N LEU C 427 1.57 32.36 13.99
CA LEU C 427 1.24 32.34 15.44
C LEU C 427 2.49 32.58 16.28
N ALA C 428 3.62 31.99 15.87
CA ALA C 428 4.88 32.18 16.59
C ALA C 428 5.32 33.64 16.54
N GLN C 429 5.22 34.25 15.35
CA GLN C 429 5.58 35.66 15.15
C GLN C 429 4.70 36.55 16.02
N MET C 430 3.41 36.27 16.07
CA MET C 430 2.50 37.06 16.95
C MET C 430 2.92 36.92 18.43
N ASP C 431 3.20 35.71 18.86
CA ASP C 431 3.61 35.44 20.22
C ASP C 431 4.85 36.26 20.58
N LEU C 432 5.87 36.20 19.74
CA LEU C 432 7.12 36.94 19.99
C LEU C 432 6.92 38.46 20.00
N TRP C 433 6.16 38.98 19.05
CA TRP C 433 5.92 40.41 18.96
C TRP C 433 5.11 40.91 20.16
N LYS C 434 4.05 40.18 20.53
CA LYS C 434 3.21 40.52 21.69
C LYS C 434 3.94 40.57 23.04
N SER C 435 5.02 39.82 23.17
CA SER C 435 5.82 39.77 24.40
C SER C 435 7.09 40.63 24.29
N ARG C 436 7.21 41.48 23.28
CA ARG C 436 8.43 42.27 23.09
C ARG C 436 8.86 43.10 24.32
N GLU C 437 7.90 43.67 25.03
CA GLU C 437 8.19 44.47 26.21
C GLU C 437 8.84 43.66 27.35
N LEU C 438 8.64 42.34 27.37
CA LEU C 438 9.20 41.48 28.39
C LEU C 438 10.64 41.07 28.12
N VAL C 439 11.17 41.45 26.97
CA VAL C 439 12.56 41.10 26.66
C VAL C 439 13.42 42.17 27.32
N ASP C 440 14.26 41.77 28.27
CA ASP C 440 15.10 42.73 28.99
C ASP C 440 16.56 42.45 28.71
N ARG C 441 17.19 43.35 27.95
CA ARG C 441 18.59 43.21 27.57
C ARG C 441 19.57 43.43 28.72
N SER C 442 19.31 44.46 29.54
CA SER C 442 20.18 44.73 30.69
C SER C 442 20.28 43.54 31.67
N LYS C 443 19.24 43.30 32.47
CA LYS C 443 19.28 42.18 33.46
C LYS C 443 19.43 40.76 32.88
N ASN C 444 18.32 40.16 32.45
CA ASN C 444 18.32 38.77 31.96
C ASN C 444 18.89 38.60 30.54
N THR C 445 20.16 38.18 30.47
CA THR C 445 20.83 37.95 29.19
C THR C 445 20.74 36.46 28.78
N ARG C 446 19.90 35.67 29.46
CA ARG C 446 19.75 34.25 29.08
C ARG C 446 18.44 33.94 28.33
N PHE C 447 18.55 33.52 27.08
CA PHE C 447 17.37 33.21 26.25
C PHE C 447 17.18 31.72 25.99
N PHE C 448 15.94 31.33 25.72
CA PHE C 448 15.55 29.93 25.54
C PHE C 448 14.73 29.66 24.29
N VAL C 449 14.55 28.38 24.00
CA VAL C 449 13.77 27.89 22.88
C VAL C 449 12.49 27.32 23.46
N LYS C 450 11.35 27.75 22.97
CA LYS C 450 10.07 27.18 23.43
C LYS C 450 9.27 26.74 22.22
N LYS C 451 8.14 26.09 22.47
CA LYS C 451 7.23 25.60 21.42
C LYS C 451 5.86 26.18 21.65
N LEU C 452 5.01 26.17 20.62
CA LEU C 452 3.63 26.63 20.75
C LEU C 452 2.81 25.64 21.58
N SER C 453 1.72 26.11 22.19
CA SER C 453 0.88 25.27 23.04
C SER C 453 0.12 24.22 22.21
N LYS C 454 -0.35 23.16 22.87
CA LYS C 454 -1.15 22.14 22.20
C LYS C 454 -2.49 22.73 21.76
N GLU C 455 -3.01 23.73 22.49
CA GLU C 455 -4.23 24.43 22.07
C GLU C 455 -4.06 25.04 20.68
N LEU C 456 -2.94 25.72 20.45
CA LEU C 456 -2.68 26.33 19.14
C LEU C 456 -2.44 25.28 18.06
N ASP C 457 -1.81 24.19 18.46
CA ASP C 457 -1.51 23.09 17.55
C ASP C 457 -2.85 22.47 17.04
N GLU C 458 -3.76 22.16 17.96
CA GLU C 458 -5.08 21.64 17.58
C GLU C 458 -5.84 22.65 16.74
N TYR C 459 -5.74 23.93 17.09
CA TYR C 459 -6.36 25.01 16.31
C TYR C 459 -5.89 25.01 14.83
N VAL C 460 -4.60 24.78 14.60
CA VAL C 460 -4.05 24.76 13.26
C VAL C 460 -4.74 23.64 12.47
N ALA C 461 -4.90 22.49 13.11
CA ALA C 461 -5.54 21.36 12.46
C ALA C 461 -7.01 21.67 12.18
N ARG C 462 -7.72 22.24 13.14
CA ARG C 462 -9.13 22.62 12.94
C ARG C 462 -9.33 23.53 11.72
N LEU C 463 -8.42 24.48 11.54
CA LEU C 463 -8.52 25.38 10.40
C LEU C 463 -8.43 24.69 9.04
N HIS C 464 -7.88 23.48 8.99
CA HIS C 464 -7.73 22.81 7.69
C HIS C 464 -8.67 21.65 7.45
N LEU C 465 -9.58 21.36 8.38
CA LEU C 465 -10.49 20.22 8.21
C LEU C 465 -11.46 20.32 7.04
N ASP C 466 -12.04 21.50 6.83
N ASP C 466 -12.03 21.51 6.85
CA ASP C 466 -13.01 21.70 5.75
CA ASP C 466 -13.02 21.78 5.78
C ASP C 466 -12.41 21.53 4.35
C ASP C 466 -12.43 21.61 4.36
N VAL C 467 -11.11 21.75 4.21
CA VAL C 467 -10.44 21.57 2.89
C VAL C 467 -10.67 20.16 2.35
N LEU C 468 -10.58 19.17 3.24
CA LEU C 468 -10.73 17.77 2.89
C LEU C 468 -12.09 17.17 3.24
N GLY C 469 -13.06 18.01 3.59
CA GLY C 469 -14.39 17.53 3.95
C GLY C 469 -14.43 16.64 5.17
N ILE C 470 -13.52 16.86 6.12
CA ILE C 470 -13.48 16.06 7.36
C ILE C 470 -14.56 16.51 8.34
N LYS C 471 -15.34 15.56 8.87
CA LYS C 471 -16.38 15.90 9.85
C LYS C 471 -15.90 15.36 11.19
N LEU C 472 -15.68 16.26 12.12
CA LEU C 472 -15.17 15.92 13.42
C LEU C 472 -16.32 15.56 14.39
N THR C 473 -16.10 14.56 15.24
CA THR C 473 -17.09 14.14 16.24
C THR C 473 -16.95 15.03 17.46
N LYS C 474 -18.06 15.28 18.14
CA LYS C 474 -18.09 16.14 19.30
C LYS C 474 -18.36 15.26 20.53
N LEU C 475 -17.53 15.38 21.56
CA LEU C 475 -17.72 14.60 22.78
C LEU C 475 -18.95 15.04 23.55
N THR C 476 -19.65 14.10 24.17
CA THR C 476 -20.76 14.47 25.06
C THR C 476 -20.06 14.86 26.37
N GLU C 477 -20.80 15.52 27.25
CA GLU C 477 -20.24 15.94 28.53
C GLU C 477 -19.79 14.71 29.35
N THR C 478 -20.56 13.63 29.30
CA THR C 478 -20.22 12.40 30.02
C THR C 478 -18.92 11.77 29.46
N GLN C 479 -18.78 11.79 28.14
CA GLN C 479 -17.58 11.24 27.50
C GLN C 479 -16.36 12.06 27.86
N ALA C 480 -16.51 13.37 27.89
CA ALA C 480 -15.42 14.28 28.25
C ALA C 480 -14.93 13.99 29.68
N LYS C 481 -15.84 13.75 30.62
CA LYS C 481 -15.44 13.36 31.98
C LYS C 481 -14.72 12.02 31.99
N TYR C 482 -15.29 11.04 31.32
CA TYR C 482 -14.71 9.70 31.28
C TYR C 482 -13.24 9.71 30.86
N ILE C 483 -12.91 10.39 29.77
CA ILE C 483 -11.50 10.46 29.34
C ILE C 483 -10.74 11.66 29.92
N ASN C 484 -11.40 12.42 30.81
CA ASN C 484 -10.76 13.53 31.53
C ASN C 484 -10.19 14.66 30.63
N VAL C 485 -10.96 15.10 29.65
CA VAL C 485 -10.56 16.21 28.80
C VAL C 485 -11.71 17.19 28.69
N SER C 486 -11.39 18.40 28.25
CA SER C 486 -12.42 19.40 27.99
C SER C 486 -13.03 19.08 26.63
N ILE C 487 -14.29 19.41 26.42
CA ILE C 487 -14.98 19.18 25.15
C ILE C 487 -14.21 19.84 24.00
N ASN C 488 -13.59 20.98 24.28
CA ASN C 488 -12.82 21.72 23.27
C ASN C 488 -11.33 21.39 23.27
N GLY C 489 -10.91 20.37 24.00
CA GLY C 489 -9.49 20.02 24.04
C GLY C 489 -8.68 20.95 24.95
N PRO C 490 -7.36 20.76 25.01
CA PRO C 490 -6.64 19.71 24.29
C PRO C 490 -7.11 18.29 24.62
N TYR C 491 -7.01 17.41 23.64
CA TYR C 491 -7.46 16.03 23.78
C TYR C 491 -6.39 15.02 24.16
N LYS C 492 -5.12 15.43 24.16
CA LYS C 492 -4.01 14.51 24.44
C LYS C 492 -2.99 15.09 25.43
N SER C 493 -2.26 14.20 26.12
CA SER C 493 -1.16 14.57 27.02
C SER C 493 -0.07 15.28 26.24
N GLU C 494 0.74 16.08 26.93
CA GLU C 494 1.86 16.79 26.29
C GLU C 494 2.89 15.86 25.67
N ASP C 495 3.02 14.64 26.19
CA ASP C 495 3.99 13.69 25.64
C ASP C 495 3.42 12.73 24.56
N TYR C 496 2.16 12.94 24.14
CA TYR C 496 1.54 12.08 23.14
C TYR C 496 2.28 12.22 21.81
N ARG C 497 2.52 11.09 21.16
CA ARG C 497 3.33 11.08 19.93
C ARG C 497 2.55 11.02 18.63
N TYR C 498 1.22 10.90 18.68
CA TYR C 498 0.42 10.85 17.45
C TYR C 498 0.97 9.79 16.49
N MET D 6 -3.65 -28.28 44.97
CA MET D 6 -2.98 -27.04 44.50
C MET D 6 -3.80 -25.79 44.84
N GLU D 7 -3.10 -24.71 45.21
CA GLU D 7 -3.77 -23.45 45.52
C GLU D 7 -4.28 -22.77 44.22
N SER D 8 -3.55 -22.93 43.13
CA SER D 8 -3.95 -22.33 41.85
C SER D 8 -5.31 -22.80 41.35
N ARG D 9 -6.01 -21.92 40.64
CA ARG D 9 -7.30 -22.24 40.05
C ARG D 9 -7.24 -21.98 38.55
N ILE D 10 -7.15 -23.07 37.80
CA ILE D 10 -7.07 -23.06 36.36
C ILE D 10 -7.97 -24.14 35.77
N LYS D 11 -8.17 -24.05 34.46
CA LYS D 11 -9.06 -24.96 33.76
C LYS D 11 -8.58 -26.42 33.71
N ASP D 12 -7.31 -26.64 33.36
CA ASP D 12 -6.81 -28.01 33.17
C ASP D 12 -5.28 -28.10 33.09
N ILE D 13 -4.69 -28.63 34.15
CA ILE D 13 -3.23 -28.81 34.26
C ILE D 13 -2.65 -29.72 33.14
N SER D 14 -3.47 -30.61 32.57
CA SER D 14 -2.97 -31.54 31.53
C SER D 14 -2.63 -30.86 30.20
N LEU D 15 -2.99 -29.57 30.07
CA LEU D 15 -2.65 -28.79 28.86
C LEU D 15 -1.24 -28.19 28.96
N ALA D 16 -0.58 -28.38 30.10
CA ALA D 16 0.75 -27.79 30.34
C ALA D 16 1.80 -28.01 29.27
N GLU D 17 1.89 -29.24 28.76
CA GLU D 17 2.90 -29.59 27.75
C GLU D 17 2.75 -28.75 26.49
N PHE D 18 1.51 -28.51 26.05
CA PHE D 18 1.28 -27.69 24.87
C PHE D 18 1.71 -26.25 25.16
N GLY D 19 1.40 -25.77 26.36
CA GLY D 19 1.81 -24.44 26.75
C GLY D 19 3.33 -24.29 26.77
N LEU D 20 4.03 -25.30 27.29
CA LEU D 20 5.50 -25.25 27.38
C LEU D 20 6.13 -25.24 25.98
N GLN D 21 5.60 -26.02 25.05
N GLN D 21 5.59 -26.03 25.06
CA GLN D 21 6.15 -26.04 23.70
CA GLN D 21 6.08 -26.07 23.68
C GLN D 21 5.90 -24.70 22.96
C GLN D 21 5.88 -24.72 22.96
N ASP D 22 4.71 -24.10 23.17
CA ASP D 22 4.40 -22.77 22.55
C ASP D 22 5.29 -21.68 23.12
N MET D 23 5.58 -21.76 24.42
CA MET D 23 6.50 -20.82 25.05
C MET D 23 7.86 -20.91 24.39
N GLU D 24 8.37 -22.12 24.15
N GLU D 24 8.34 -22.14 24.15
CA GLU D 24 9.70 -22.28 23.52
CA GLU D 24 9.66 -22.38 23.51
C GLU D 24 9.72 -21.77 22.07
C GLU D 24 9.71 -21.80 22.09
N ILE D 25 8.64 -21.98 21.33
CA ILE D 25 8.55 -21.45 19.96
C ILE D 25 8.49 -19.90 20.03
N ALA D 26 7.67 -19.41 20.95
CA ALA D 26 7.54 -17.97 21.14
C ALA D 26 8.86 -17.31 21.43
N LYS D 27 9.69 -17.96 22.26
CA LYS D 27 10.97 -17.38 22.68
C LYS D 27 11.93 -17.06 21.55
N THR D 28 11.78 -17.72 20.41
CA THR D 28 12.61 -17.44 19.24
C THR D 28 12.55 -15.94 18.88
N ASP D 29 11.37 -15.33 19.03
CA ASP D 29 11.16 -13.91 18.72
C ASP D 29 11.20 -12.98 19.95
N MET D 30 11.01 -13.53 21.15
CA MET D 30 11.00 -12.69 22.35
C MET D 30 12.42 -12.52 22.89
N MET D 31 13.31 -11.99 22.04
N MET D 31 13.32 -12.01 22.05
CA MET D 31 14.73 -11.81 22.41
CA MET D 31 14.74 -11.93 22.46
C MET D 31 15.00 -11.02 23.66
C MET D 31 15.06 -10.96 23.60
N GLY D 32 14.19 -9.99 23.88
CA GLY D 32 14.37 -9.10 25.01
C GLY D 32 14.21 -9.88 26.32
N LEU D 33 13.15 -10.69 26.40
CA LEU D 33 12.93 -11.50 27.61
C LEU D 33 14.01 -12.60 27.77
N VAL D 34 14.41 -13.22 26.65
CA VAL D 34 15.44 -14.25 26.65
C VAL D 34 16.77 -13.66 27.16
N GLU D 35 17.12 -12.47 26.67
CA GLU D 35 18.37 -11.80 27.10
C GLU D 35 18.32 -11.38 28.58
N LEU D 36 17.18 -10.89 29.06
CA LEU D 36 17.08 -10.53 30.47
C LEU D 36 17.26 -11.79 31.36
N GLN D 37 16.68 -12.90 30.93
CA GLN D 37 16.87 -14.15 31.68
C GLN D 37 18.35 -14.53 31.67
N ARG D 38 18.98 -14.50 30.51
CA ARG D 38 20.37 -14.90 30.40
C ARG D 38 21.25 -14.04 31.31
N LYS D 39 21.03 -12.73 31.24
CA LYS D 39 21.88 -11.78 31.94
C LYS D 39 21.68 -11.68 33.44
N TYR D 40 20.44 -11.78 33.91
CA TYR D 40 20.12 -11.57 35.32
C TYR D 40 19.69 -12.77 36.13
N ARG D 41 19.63 -13.97 35.55
CA ARG D 41 19.18 -15.15 36.31
C ARG D 41 20.16 -15.54 37.43
N ASP D 42 21.46 -15.27 37.25
CA ASP D 42 22.43 -15.61 38.30
C ASP D 42 22.41 -14.63 39.47
N SER D 43 22.41 -13.33 39.16
CA SER D 43 22.41 -12.29 40.18
C SER D 43 21.05 -12.07 40.84
N LYS D 44 19.98 -12.51 40.20
CA LYS D 44 18.61 -12.36 40.75
C LYS D 44 18.28 -11.00 41.39
N PRO D 45 18.18 -9.94 40.56
CA PRO D 45 17.91 -8.58 41.08
C PRO D 45 16.54 -8.38 41.72
N LEU D 46 15.59 -9.29 41.47
CA LEU D 46 14.27 -9.20 42.09
C LEU D 46 14.11 -10.21 43.23
N LYS D 47 15.21 -10.81 43.68
CA LYS D 47 15.13 -11.82 44.75
C LYS D 47 14.40 -11.30 46.00
N GLY D 48 13.38 -12.02 46.44
CA GLY D 48 12.60 -11.63 47.62
C GLY D 48 11.33 -10.85 47.34
N ALA D 49 11.20 -10.31 46.13
CA ALA D 49 10.03 -9.51 45.77
C ALA D 49 8.80 -10.38 45.54
N ARG D 50 7.67 -9.94 46.09
CA ARG D 50 6.39 -10.61 45.88
C ARG D 50 5.66 -9.78 44.83
N ILE D 51 5.46 -10.37 43.65
CA ILE D 51 4.81 -9.69 42.53
C ILE D 51 3.45 -10.25 42.19
N THR D 52 2.44 -9.37 42.16
CA THR D 52 1.08 -9.73 41.72
C THR D 52 0.84 -9.10 40.37
N GLY D 53 0.47 -9.93 39.40
CA GLY D 53 0.15 -9.46 38.08
C GLY D 53 -1.31 -9.67 37.71
N SER D 54 -1.90 -8.67 37.05
CA SER D 54 -3.25 -8.71 36.50
C SER D 54 -3.07 -8.31 35.04
N LEU D 55 -2.86 -9.31 34.18
CA LEU D 55 -2.58 -9.05 32.78
C LEU D 55 -2.87 -10.32 31.99
N HIS D 56 -3.70 -10.19 30.95
CA HIS D 56 -4.15 -11.30 30.07
C HIS D 56 -3.15 -12.46 30.06
N LEU D 57 -3.58 -13.61 30.59
CA LEU D 57 -2.65 -14.73 30.72
C LEU D 57 -2.54 -15.57 29.42
N THR D 58 -1.72 -15.07 28.50
CA THR D 58 -1.46 -15.68 27.22
C THR D 58 -0.10 -16.37 27.26
N ILE D 59 0.27 -17.03 26.18
CA ILE D 59 1.59 -17.65 26.08
C ILE D 59 2.68 -16.60 26.24
N GLU D 60 2.49 -15.43 25.63
CA GLU D 60 3.48 -14.35 25.72
C GLU D 60 3.65 -13.89 27.16
N THR D 61 2.54 -13.73 27.86
CA THR D 61 2.56 -13.34 29.26
C THR D 61 3.26 -14.37 30.09
N SER D 62 3.10 -15.66 29.73
CA SER D 62 3.76 -16.71 30.51
C SER D 62 5.28 -16.57 30.42
N VAL D 63 5.80 -16.02 29.30
CA VAL D 63 7.25 -15.80 29.17
C VAL D 63 7.68 -14.60 30.06
N LEU D 64 6.83 -13.59 30.15
CA LEU D 64 7.08 -12.47 31.08
C LEU D 64 7.17 -13.00 32.54
N VAL D 65 6.20 -13.82 32.94
CA VAL D 65 6.18 -14.38 34.29
C VAL D 65 7.42 -15.22 34.55
N GLU D 66 7.77 -16.07 33.60
CA GLU D 66 8.98 -16.89 33.69
C GLU D 66 10.20 -16.00 33.88
N THR D 67 10.25 -14.89 33.15
CA THR D 67 11.37 -13.96 33.27
C THR D 67 11.50 -13.36 34.69
N LEU D 68 10.38 -12.88 35.24
CA LEU D 68 10.36 -12.34 36.60
C LEU D 68 10.79 -13.42 37.61
N TYR D 69 10.37 -14.66 37.34
CA TYR D 69 10.70 -15.80 38.18
C TYR D 69 12.20 -16.10 38.14
N GLU D 70 12.78 -16.22 36.94
CA GLU D 70 14.23 -16.44 36.81
C GLU D 70 15.04 -15.33 37.49
N LEU D 71 14.48 -14.14 37.53
CA LEU D 71 15.11 -12.98 38.18
C LEU D 71 14.92 -12.97 39.72
N GLY D 72 14.26 -14.00 40.25
CA GLY D 72 14.12 -14.15 41.70
C GLY D 72 12.80 -13.80 42.35
N ALA D 73 11.82 -13.34 41.58
CA ALA D 73 10.52 -12.96 42.16
C ALA D 73 9.61 -14.14 42.51
N GLU D 74 8.80 -13.98 43.54
CA GLU D 74 7.74 -14.93 43.86
C GLU D 74 6.53 -14.30 43.17
N ILE D 75 5.67 -15.12 42.56
CA ILE D 75 4.58 -14.58 41.75
C ILE D 75 3.16 -15.15 41.94
N ARG D 76 2.16 -14.27 41.88
CA ARG D 76 0.73 -14.63 41.83
C ARG D 76 0.16 -13.89 40.63
N TRP D 77 -0.69 -14.56 39.84
CA TRP D 77 -1.17 -13.97 38.61
C TRP D 77 -2.65 -14.23 38.31
N CYS D 78 -3.26 -13.28 37.63
CA CYS D 78 -4.65 -13.36 37.15
C CYS D 78 -4.71 -12.59 35.83
N SER D 79 -5.78 -12.78 35.07
CA SER D 79 -5.95 -12.08 33.80
C SER D 79 -6.74 -10.84 34.04
N CYS D 80 -6.62 -9.88 33.13
CA CYS D 80 -7.35 -8.62 33.23
C CYS D 80 -8.56 -8.58 32.30
N ASN D 81 -8.99 -9.76 31.85
CA ASN D 81 -10.21 -9.89 31.04
C ASN D 81 -10.77 -11.32 31.15
N ILE D 82 -12.10 -11.43 31.20
CA ILE D 82 -12.74 -12.75 31.34
C ILE D 82 -12.54 -13.74 30.19
N TYR D 83 -12.16 -13.26 29.02
CA TYR D 83 -11.97 -14.14 27.85
C TYR D 83 -10.56 -14.28 27.33
N SER D 84 -9.59 -13.55 27.87
CA SER D 84 -8.26 -13.51 27.25
C SER D 84 -7.26 -14.59 27.64
N THR D 85 -7.50 -15.26 28.76
CA THR D 85 -6.62 -16.30 29.21
C THR D 85 -6.53 -17.45 28.19
N GLN D 86 -5.32 -17.95 28.00
CA GLN D 86 -5.05 -19.13 27.18
C GLN D 86 -4.75 -20.24 28.21
N ASP D 87 -5.69 -21.14 28.36
CA ASP D 87 -5.60 -22.20 29.35
C ASP D 87 -4.32 -23.02 29.34
N HIS D 88 -3.74 -23.25 28.15
CA HIS D 88 -2.46 -24.00 28.07
C HIS D 88 -1.33 -23.16 28.66
N ALA D 89 -1.43 -21.83 28.52
CA ALA D 89 -0.41 -20.93 29.10
C ALA D 89 -0.49 -20.92 30.63
N ALA D 90 -1.70 -20.92 31.16
CA ALA D 90 -1.93 -20.94 32.60
C ALA D 90 -1.40 -22.24 33.18
N ALA D 91 -1.75 -23.34 32.52
CA ALA D 91 -1.31 -24.67 32.92
C ALA D 91 0.22 -24.81 32.98
N ALA D 92 0.91 -24.19 32.01
CA ALA D 92 2.36 -24.26 31.94
C ALA D 92 3.03 -23.66 33.18
N LEU D 93 2.57 -22.49 33.59
CA LEU D 93 3.11 -21.81 34.77
C LEU D 93 2.91 -22.65 36.04
N VAL D 94 1.70 -23.20 36.22
CA VAL D 94 1.39 -24.01 37.42
C VAL D 94 2.21 -25.32 37.44
N LYS D 95 2.28 -25.98 36.28
CA LYS D 95 3.02 -27.25 36.13
C LYS D 95 4.48 -27.10 36.55
N LYS D 96 5.09 -25.98 36.16
CA LYS D 96 6.47 -25.69 36.53
C LYS D 96 6.67 -24.96 37.85
N ASN D 97 5.61 -24.70 38.64
CA ASN D 97 5.74 -23.95 39.92
C ASN D 97 6.31 -22.55 39.78
N ILE D 98 6.16 -21.96 38.61
CA ILE D 98 6.68 -20.62 38.33
C ILE D 98 5.81 -19.54 39.01
N ALA D 99 4.51 -19.84 39.18
CA ALA D 99 3.58 -18.90 39.78
C ALA D 99 2.29 -19.57 40.26
N THR D 100 1.60 -18.89 41.18
CA THR D 100 0.30 -19.34 41.67
C THR D 100 -0.65 -18.55 40.77
N VAL D 101 -1.52 -19.27 40.06
CA VAL D 101 -2.40 -18.67 39.06
C VAL D 101 -3.89 -18.78 39.35
N PHE D 102 -4.62 -17.70 39.08
CA PHE D 102 -6.09 -17.66 39.24
C PHE D 102 -6.63 -17.10 37.94
N ALA D 103 -6.77 -17.98 36.94
CA ALA D 103 -7.24 -17.57 35.61
C ALA D 103 -7.65 -18.71 34.69
N TRP D 104 -8.68 -18.47 33.90
CA TRP D 104 -9.15 -19.41 32.91
C TRP D 104 -9.95 -18.68 31.84
N LYS D 105 -10.04 -19.23 30.64
CA LYS D 105 -10.82 -18.60 29.59
C LYS D 105 -12.29 -18.77 29.93
N ASN D 106 -13.09 -17.75 29.64
CA ASN D 106 -14.57 -17.75 29.88
C ASN D 106 -14.97 -17.75 31.36
N GLU D 107 -14.42 -16.81 32.11
CA GLU D 107 -14.76 -16.61 33.51
C GLU D 107 -16.03 -15.79 33.61
N THR D 108 -16.80 -16.01 34.67
CA THR D 108 -17.96 -15.16 34.92
C THR D 108 -17.34 -13.88 35.52
N ILE D 109 -18.09 -12.79 35.50
CA ILE D 109 -17.60 -11.53 36.09
C ILE D 109 -17.35 -11.72 37.59
N GLU D 110 -18.24 -12.42 38.29
CA GLU D 110 -18.04 -12.69 39.72
C GLU D 110 -16.65 -13.35 39.99
N ASP D 111 -16.36 -14.43 39.27
CA ASP D 111 -15.08 -15.14 39.41
C ASP D 111 -13.86 -14.29 39.05
N TYR D 112 -14.02 -13.35 38.11
CA TYR D 112 -12.91 -12.47 37.73
C TYR D 112 -12.41 -11.69 38.94
N TRP D 113 -13.34 -11.03 39.63
CA TRP D 113 -13.00 -10.22 40.80
C TRP D 113 -12.50 -11.08 41.98
N VAL D 114 -13.01 -12.31 42.10
CA VAL D 114 -12.53 -13.23 43.15
C VAL D 114 -11.08 -13.64 42.81
N CYS D 115 -10.81 -13.90 41.52
CA CYS D 115 -9.44 -14.27 41.10
C CYS D 115 -8.43 -13.16 41.40
N LEU D 116 -8.79 -11.93 41.07
CA LEU D 116 -7.93 -10.77 41.31
C LEU D 116 -7.65 -10.59 42.82
N ASN D 117 -8.69 -10.71 43.63
CA ASN D 117 -8.53 -10.57 45.06
C ASN D 117 -7.58 -11.64 45.61
N ASP D 118 -7.73 -12.87 45.12
CA ASP D 118 -6.85 -13.97 45.55
C ASP D 118 -5.41 -13.72 45.08
N ALA D 119 -5.24 -13.15 43.89
CA ALA D 119 -3.90 -12.86 43.38
C ALA D 119 -3.20 -11.81 44.27
N MET D 120 -3.99 -10.89 44.81
CA MET D 120 -3.46 -9.84 45.71
C MET D 120 -3.18 -10.35 47.15
N THR D 121 -3.59 -11.58 47.47
CA THR D 121 -3.42 -12.13 48.84
C THR D 121 -2.20 -13.02 48.98
N TRP D 122 -1.29 -12.63 49.87
CA TRP D 122 -0.08 -13.38 50.15
C TRP D 122 -0.05 -13.83 51.61
N ARG D 123 0.65 -14.93 51.89
CA ARG D 123 0.79 -15.43 53.25
C ARG D 123 2.01 -14.83 53.92
N ASN D 124 1.97 -14.75 55.25
CA ASN D 124 3.05 -14.19 56.07
C ASN D 124 3.85 -15.35 56.70
N PRO D 125 5.14 -15.50 56.33
CA PRO D 125 5.95 -16.58 56.95
C PRO D 125 6.28 -16.31 58.42
N LYS D 128 2.87 -16.34 60.36
CA LYS D 128 2.58 -17.74 60.04
C LYS D 128 1.17 -17.93 59.50
N ASP D 129 0.18 -17.52 60.30
CA ASP D 129 -1.25 -17.65 59.94
C ASP D 129 -1.88 -16.26 59.80
N LYS D 130 -1.33 -15.46 58.89
CA LYS D 130 -1.81 -14.09 58.64
C LYS D 130 -1.49 -13.68 57.19
N ILE D 131 -2.10 -12.60 56.70
CA ILE D 131 -1.88 -12.18 55.30
C ILE D 131 -1.07 -10.90 55.10
N CYS D 132 -0.45 -10.83 53.91
CA CYS D 132 0.32 -9.69 53.43
C CYS D 132 -0.20 -9.39 52.02
N GLY D 133 0.30 -8.30 51.44
CA GLY D 133 -0.02 -7.91 50.08
C GLY D 133 1.24 -8.06 49.26
N PRO D 134 1.18 -7.67 47.98
CA PRO D 134 2.37 -7.75 47.13
C PRO D 134 3.32 -6.59 47.38
N ASN D 135 4.59 -6.76 46.98
CA ASN D 135 5.58 -5.69 47.03
C ASN D 135 5.44 -4.85 45.76
N LEU D 136 5.14 -5.54 44.65
CA LEU D 136 5.03 -4.90 43.36
C LEU D 136 3.84 -5.44 42.60
N ILE D 137 3.26 -4.59 41.76
CA ILE D 137 2.12 -4.94 40.93
C ILE D 137 2.41 -4.69 39.45
N VAL D 138 2.11 -5.68 38.61
CA VAL D 138 2.17 -5.55 37.15
C VAL D 138 0.69 -5.44 36.78
N ASP D 139 0.28 -4.29 36.24
CA ASP D 139 -1.15 -4.07 35.96
C ASP D 139 -1.37 -3.72 34.48
N ASP D 140 -2.52 -4.16 33.96
CA ASP D 140 -2.93 -3.90 32.59
C ASP D 140 -4.40 -3.51 32.67
N GLY D 141 -4.66 -2.21 32.58
CA GLY D 141 -6.03 -1.68 32.64
C GLY D 141 -6.35 -1.06 33.99
N GLY D 142 -5.52 -1.33 34.98
CA GLY D 142 -5.66 -0.74 36.29
C GLY D 142 -6.61 -1.38 37.30
N ASP D 143 -7.13 -2.58 37.02
CA ASP D 143 -8.05 -3.25 37.96
C ASP D 143 -7.42 -3.60 39.30
N ALA D 144 -6.16 -4.06 39.28
CA ALA D 144 -5.46 -4.38 40.54
C ALA D 144 -5.27 -3.12 41.37
N THR D 145 -4.85 -2.06 40.66
CA THR D 145 -4.66 -0.75 41.25
C THR D 145 -6.03 -0.25 41.77
N LEU D 146 -7.07 -0.49 40.97
CA LEU D 146 -8.41 -0.04 41.35
C LEU D 146 -8.92 -0.71 42.63
N ILE D 147 -8.79 -2.03 42.73
CA ILE D 147 -9.30 -2.74 43.93
C ILE D 147 -8.58 -2.30 45.22
N LEU D 148 -7.28 -1.99 45.10
CA LEU D 148 -6.47 -1.50 46.23
C LEU D 148 -6.98 -0.17 46.75
N HIS D 149 -7.11 0.79 45.86
CA HIS D 149 -7.58 2.14 46.24
C HIS D 149 -9.01 2.17 46.72
N GLU D 150 -9.87 1.43 46.04
CA GLU D 150 -11.26 1.33 46.45
C GLU D 150 -11.37 0.57 47.78
N GLY D 151 -10.44 -0.36 47.98
CA GLY D 151 -10.38 -1.13 49.21
C GLY D 151 -10.06 -0.23 50.38
N VAL D 152 -9.00 0.58 50.22
CA VAL D 152 -8.58 1.54 51.25
C VAL D 152 -9.72 2.50 51.57
N LYS D 153 -10.29 3.08 50.51
CA LYS D 153 -11.41 4.01 50.60
C LYS D 153 -12.60 3.44 51.39
N ALA D 154 -12.91 2.16 51.15
CA ALA D 154 -14.01 1.47 51.81
C ALA D 154 -13.72 1.18 53.27
N GLU D 155 -12.46 0.91 53.60
CA GLU D 155 -12.06 0.67 55.00
C GLU D 155 -12.18 1.96 55.83
N ILE D 156 -11.70 3.07 55.27
CA ILE D 156 -11.77 4.38 55.93
C ILE D 156 -13.24 4.80 56.15
N GLU D 157 -14.05 4.54 55.13
CA GLU D 157 -15.48 4.85 55.17
C GLU D 157 -16.18 3.96 56.19
N TYR D 158 -15.72 2.72 56.29
CA TYR D 158 -16.27 1.72 57.23
C TYR D 158 -16.02 2.12 58.70
N GLU D 159 -14.81 2.59 59.00
CA GLU D 159 -14.46 3.02 60.35
C GLU D 159 -15.10 4.33 60.76
N LYS D 160 -15.27 5.24 59.80
CA LYS D 160 -15.86 6.54 60.08
C LYS D 160 -17.28 6.44 60.66
N TYR D 161 -18.12 5.56 60.10
CA TYR D 161 -19.52 5.41 60.58
C TYR D 161 -19.83 4.04 61.22
N ASN D 162 -18.80 3.28 61.59
CA ASN D 162 -18.96 1.95 62.24
C ASN D 162 -19.99 1.01 61.59
N LYS D 163 -20.07 1.03 60.26
CA LYS D 163 -20.98 0.16 59.49
C LYS D 163 -20.51 0.04 58.03
N ILE D 164 -21.14 -0.89 57.29
CA ILE D 164 -20.81 -1.11 55.90
C ILE D 164 -21.24 0.11 55.08
N PRO D 165 -20.30 0.71 54.31
CA PRO D 165 -20.67 1.84 53.47
C PRO D 165 -21.86 1.44 52.61
N GLU D 166 -22.90 2.26 52.63
CA GLU D 166 -24.12 1.93 51.89
C GLU D 166 -23.93 1.89 50.37
N TYR D 167 -22.89 2.57 49.84
CA TYR D 167 -22.65 2.54 48.39
C TYR D 167 -22.24 1.13 47.92
N LEU D 168 -21.81 0.27 48.85
CA LEU D 168 -21.44 -1.11 48.54
C LEU D 168 -22.66 -2.06 48.52
N GLU D 169 -23.85 -1.55 48.86
CA GLU D 169 -25.09 -2.34 48.91
C GLU D 169 -26.26 -1.70 48.17
N THR D 170 -26.01 -0.69 47.33
CA THR D 170 -27.08 0.04 46.66
C THR D 170 -27.62 -0.62 45.41
N GLU D 171 -26.71 -1.12 44.56
CA GLU D 171 -27.04 -1.72 43.25
C GLU D 171 -27.13 -0.60 42.19
N LEU D 172 -27.53 0.59 42.63
CA LEU D 172 -27.59 1.78 41.75
C LEU D 172 -26.38 2.66 42.04
N ASP D 173 -25.89 3.35 41.03
CA ASP D 173 -24.73 4.25 41.19
C ASP D 173 -25.11 5.57 41.88
N GLU D 174 -24.13 6.45 42.03
CA GLU D 174 -24.34 7.78 42.63
C GLU D 174 -25.47 8.55 41.94
N ASN D 175 -25.59 8.36 40.63
CA ASN D 175 -26.62 9.02 39.81
C ASN D 175 -27.94 8.22 39.81
N GLY D 176 -27.86 6.92 40.09
CA GLY D 176 -29.05 6.05 40.14
C GLY D 176 -29.44 5.52 38.77
N LYS D 177 -28.45 4.97 38.04
CA LYS D 177 -28.64 4.45 36.67
C LYS D 177 -28.17 2.98 36.50
N GLN D 178 -28.10 2.24 37.61
CA GLN D 178 -27.67 0.82 37.61
C GLN D 178 -26.16 0.68 37.38
N LEU D 179 -25.50 0.10 38.38
CA LEU D 179 -24.06 -0.13 38.33
C LEU D 179 -23.74 -1.20 37.32
N SER D 180 -22.53 -1.13 36.76
CA SER D 180 -22.09 -2.16 35.81
C SER D 180 -21.91 -3.45 36.62
N MET D 181 -21.94 -4.59 35.94
CA MET D 181 -21.77 -5.87 36.63
C MET D 181 -20.37 -5.93 37.25
N ASP D 182 -19.37 -5.37 36.56
CA ASP D 182 -17.99 -5.32 37.07
C ASP D 182 -17.90 -4.60 38.43
N LEU D 183 -18.56 -3.45 38.56
CA LEU D 183 -18.58 -2.73 39.85
C LEU D 183 -19.32 -3.47 40.96
N LYS D 184 -20.43 -4.11 40.63
CA LYS D 184 -21.19 -4.84 41.65
C LYS D 184 -20.35 -5.97 42.21
N CYS D 185 -19.63 -6.66 41.33
CA CYS D 185 -18.82 -7.78 41.75
C CYS D 185 -17.62 -7.34 42.56
N MET D 186 -16.98 -6.23 42.19
CA MET D 186 -15.86 -5.71 42.96
C MET D 186 -16.35 -5.29 44.35
N TYR D 187 -17.50 -4.61 44.40
CA TYR D 187 -18.07 -4.19 45.68
C TYR D 187 -18.47 -5.39 46.55
N LYS D 188 -18.89 -6.50 45.93
CA LYS D 188 -19.25 -7.71 46.71
C LYS D 188 -17.98 -8.26 47.39
N VAL D 189 -16.86 -8.24 46.66
CA VAL D 189 -15.57 -8.71 47.21
C VAL D 189 -15.12 -7.81 48.37
N LEU D 190 -15.20 -6.49 48.15
CA LEU D 190 -14.79 -5.52 49.19
C LEU D 190 -15.67 -5.60 50.43
N LYS D 191 -16.95 -5.91 50.27
CA LYS D 191 -17.86 -6.04 51.42
C LYS D 191 -17.44 -7.26 52.24
N MET D 192 -17.14 -8.36 51.55
CA MET D 192 -16.72 -9.61 52.17
C MET D 192 -15.42 -9.41 52.95
N GLU D 193 -14.47 -8.70 52.33
CA GLU D 193 -13.18 -8.45 52.96
C GLU D 193 -13.28 -7.51 54.14
N LEU D 194 -14.27 -6.61 54.15
CA LEU D 194 -14.48 -5.74 55.31
C LEU D 194 -14.96 -6.56 56.52
N LEU D 195 -15.89 -7.48 56.30
CA LEU D 195 -16.42 -8.33 57.37
C LEU D 195 -15.37 -9.34 57.84
N LYS D 196 -14.41 -9.66 56.98
CA LYS D 196 -13.36 -10.65 57.28
C LYS D 196 -12.08 -10.00 57.86
N ASN D 197 -11.70 -8.84 57.34
CA ASN D 197 -10.50 -8.12 57.82
C ASN D 197 -10.53 -6.65 57.34
N PRO D 198 -11.12 -5.75 58.14
CA PRO D 198 -11.23 -4.33 57.76
C PRO D 198 -9.92 -3.51 57.70
N PHE D 199 -8.78 -4.18 57.93
CA PHE D 199 -7.46 -3.53 57.86
C PHE D 199 -6.63 -4.08 56.69
N ARG D 200 -7.19 -5.06 55.98
CA ARG D 200 -6.53 -5.71 54.83
C ARG D 200 -5.79 -4.77 53.87
N TRP D 201 -6.54 -3.89 53.24
CA TRP D 201 -6.02 -2.96 52.21
C TRP D 201 -4.98 -1.96 52.69
N ARG D 202 -5.27 -1.31 53.81
CA ARG D 202 -4.32 -0.36 54.40
C ARG D 202 -3.04 -1.07 54.88
N GLY D 203 -3.19 -2.30 55.39
CA GLY D 203 -2.05 -3.11 55.84
C GLY D 203 -1.07 -3.45 54.71
N MET D 204 -1.55 -3.46 53.47
CA MET D 204 -0.69 -3.75 52.31
C MET D 204 0.21 -2.58 51.92
N LEU D 205 -0.19 -1.35 52.23
CA LEU D 205 0.58 -0.16 51.84
C LEU D 205 2.01 -0.18 52.36
N LYS D 206 2.18 -0.75 53.55
CA LYS D 206 3.48 -0.90 54.20
C LYS D 206 4.59 -1.47 53.29
N ASP D 207 4.30 -2.60 52.66
CA ASP D 207 5.27 -3.30 51.81
C ASP D 207 5.08 -3.09 50.31
N LEU D 208 4.19 -2.17 49.93
CA LEU D 208 3.89 -1.93 48.53
C LEU D 208 4.79 -0.83 47.97
N TYR D 209 5.64 -1.18 47.00
CA TYR D 209 6.64 -0.23 46.47
C TYR D 209 6.36 0.30 45.08
N GLY D 210 5.35 -0.23 44.40
CA GLY D 210 5.03 0.32 43.08
C GLY D 210 4.22 -0.56 42.17
N VAL D 211 3.65 0.07 41.16
CA VAL D 211 2.90 -0.59 40.09
C VAL D 211 3.44 -0.13 38.74
N SER D 212 3.55 -1.04 37.78
CA SER D 212 3.94 -0.73 36.40
C SER D 212 2.71 -1.04 35.55
N GLU D 213 2.15 0.02 34.94
CA GLU D 213 0.91 -0.06 34.16
C GLU D 213 1.15 -0.14 32.63
N GLU D 214 0.56 -1.17 32.03
CA GLU D 214 0.75 -1.53 30.63
C GLU D 214 -0.01 -0.74 29.56
N THR D 215 -1.26 -0.33 29.82
CA THR D 215 -2.08 0.24 28.75
C THR D 215 -2.67 1.64 28.97
N THR D 216 -3.01 2.27 27.86
CA THR D 216 -3.56 3.63 27.81
C THR D 216 -4.67 3.89 28.84
N THR D 217 -5.68 3.02 28.86
CA THR D 217 -6.79 3.16 29.82
C THR D 217 -6.33 3.12 31.27
N GLY D 218 -5.35 2.26 31.56
CA GLY D 218 -4.82 2.14 32.91
C GLY D 218 -4.03 3.35 33.33
N VAL D 219 -3.28 3.93 32.38
CA VAL D 219 -2.47 5.13 32.64
C VAL D 219 -3.39 6.32 32.92
N LEU D 220 -4.49 6.43 32.19
CA LEU D 220 -5.45 7.51 32.41
C LEU D 220 -5.94 7.45 33.85
N ARG D 221 -6.29 6.25 34.32
CA ARG D 221 -6.72 6.03 35.69
C ARG D 221 -5.63 6.47 36.67
N LEU D 222 -4.37 6.15 36.37
CA LEU D 222 -3.25 6.58 37.23
C LEU D 222 -3.12 8.10 37.25
N LYS D 223 -3.16 8.72 36.08
N LYS D 223 -3.16 8.72 36.08
CA LYS D 223 -3.05 10.18 35.95
CA LYS D 223 -3.03 10.18 35.95
C LYS D 223 -4.15 10.93 36.69
C LYS D 223 -4.14 10.93 36.69
N ILE D 224 -5.37 10.38 36.68
CA ILE D 224 -6.50 10.99 37.39
C ILE D 224 -6.23 10.96 38.92
N MET D 225 -5.82 9.81 39.43
CA MET D 225 -5.50 9.69 40.88
C MET D 225 -4.33 10.56 41.30
N GLU D 226 -3.32 10.65 40.43
CA GLU D 226 -2.13 11.45 40.69
C GLU D 226 -2.53 12.92 40.84
N SER D 227 -3.29 13.43 39.87
CA SER D 227 -3.71 14.83 39.85
C SER D 227 -4.56 15.22 41.05
N GLU D 228 -5.31 14.26 41.61
CA GLU D 228 -6.14 14.50 42.78
C GLU D 228 -5.39 14.15 44.07
N GLY D 229 -4.09 13.87 43.97
CA GLY D 229 -3.29 13.52 45.15
C GLY D 229 -3.70 12.25 45.88
N LYS D 230 -4.42 11.36 45.20
CA LYS D 230 -4.90 10.11 45.80
C LYS D 230 -4.13 8.84 45.43
N LEU D 231 -3.06 8.97 44.66
CA LEU D 231 -2.26 7.80 44.29
C LEU D 231 -1.52 7.31 45.54
N LEU D 232 -1.64 6.03 45.85
CA LEU D 232 -1.06 5.44 47.07
C LEU D 232 0.27 4.71 46.93
N LEU D 233 0.84 4.68 45.73
CA LEU D 233 2.14 4.03 45.55
C LEU D 233 2.78 4.59 44.30
N PRO D 234 4.12 4.49 44.19
CA PRO D 234 4.78 4.96 42.98
C PRO D 234 4.30 4.16 41.76
N ALA D 235 4.25 4.80 40.59
CA ALA D 235 3.83 4.14 39.37
C ALA D 235 4.74 4.43 38.21
N ILE D 236 4.88 3.43 37.32
CA ILE D 236 5.62 3.56 36.09
C ILE D 236 4.66 3.33 34.93
N ASN D 237 4.64 4.29 34.01
CA ASN D 237 3.80 4.26 32.84
C ASN D 237 4.61 3.53 31.77
N VAL D 238 4.32 2.24 31.61
CA VAL D 238 4.98 1.41 30.60
C VAL D 238 4.40 1.66 29.20
N ASN D 239 3.11 1.98 29.11
CA ASN D 239 2.45 2.24 27.82
C ASN D 239 3.19 3.29 26.97
N ASP D 240 3.61 4.39 27.59
CA ASP D 240 4.24 5.49 26.87
C ASP D 240 5.73 5.35 26.55
N SER D 241 6.32 4.18 26.80
CA SER D 241 7.65 3.91 26.26
C SER D 241 7.43 3.87 24.73
N VAL D 242 8.37 4.39 23.98
CA VAL D 242 8.26 4.37 22.52
C VAL D 242 8.17 2.94 22.01
N THR D 243 9.00 2.06 22.55
CA THR D 243 9.02 0.65 22.15
C THR D 243 7.76 -0.10 22.61
N LYS D 244 6.81 0.59 23.24
CA LYS D 244 5.59 -0.06 23.62
C LYS D 244 4.46 0.56 22.77
N SER D 245 4.05 1.79 23.06
CA SER D 245 2.93 2.45 22.35
C SER D 245 3.07 2.52 20.82
N LYS D 246 4.27 2.72 20.32
CA LYS D 246 4.49 2.78 18.86
C LYS D 246 4.65 1.42 18.18
N PHE D 247 4.62 0.33 18.94
CA PHE D 247 4.79 -1.00 18.35
C PHE D 247 3.65 -1.95 18.69
N ASP D 248 3.48 -2.21 19.97
CA ASP D 248 2.39 -3.06 20.47
C ASP D 248 1.03 -2.50 20.02
N ASN D 249 0.75 -1.26 20.38
CA ASN D 249 -0.56 -0.66 20.11
C ASN D 249 -0.92 -0.55 18.62
N THR D 250 0.08 -0.24 17.78
N THR D 250 0.10 -0.24 17.81
CA THR D 250 -0.14 -0.08 16.34
CA THR D 250 -0.06 -0.06 16.38
C THR D 250 0.03 -1.39 15.55
C THR D 250 0.04 -1.38 15.60
N TYR D 251 1.26 -1.91 15.49
CA TYR D 251 1.52 -3.12 14.72
C TYR D 251 0.95 -4.40 15.33
N GLY D 252 0.83 -4.42 16.65
CA GLY D 252 0.23 -5.57 17.31
C GLY D 252 -1.22 -5.70 16.84
N CYS D 253 -1.97 -4.60 16.90
CA CYS D 253 -3.39 -4.59 16.47
C CYS D 253 -3.58 -4.80 14.99
N ARG D 254 -2.64 -4.29 14.18
CA ARG D 254 -2.73 -4.47 12.74
C ARG D 254 -2.89 -5.93 12.43
N GLN D 255 -2.20 -6.78 13.16
CA GLN D 255 -2.29 -8.22 12.90
C GLN D 255 -3.38 -8.89 13.73
N SER D 256 -3.45 -8.59 15.02
CA SER D 256 -4.39 -9.32 15.89
C SER D 256 -5.85 -8.90 15.72
N LEU D 257 -6.11 -7.70 15.21
CA LEU D 257 -7.49 -7.31 14.91
C LEU D 257 -7.99 -8.21 13.79
N LEU D 258 -7.16 -8.37 12.76
CA LEU D 258 -7.53 -9.21 11.62
C LEU D 258 -7.79 -10.63 12.06
N HIS D 259 -6.93 -11.16 12.94
CA HIS D 259 -7.10 -12.52 13.42
C HIS D 259 -8.47 -12.66 14.12
N GLY D 260 -8.78 -11.71 15.00
CA GLY D 260 -10.06 -11.67 15.70
C GLY D 260 -11.26 -11.61 14.75
N LEU D 261 -11.17 -10.73 13.75
CA LEU D 261 -12.26 -10.61 12.77
C LEU D 261 -12.42 -11.84 11.89
N PHE D 262 -11.31 -12.40 11.41
CA PHE D 262 -11.39 -13.61 10.62
C PHE D 262 -12.02 -14.76 11.41
N ASN D 263 -11.75 -14.85 12.71
CA ASN D 263 -12.33 -15.94 13.53
C ASN D 263 -13.82 -15.71 13.85
N GLY D 264 -14.21 -14.47 14.10
CA GLY D 264 -15.59 -14.17 14.50
C GLY D 264 -16.56 -13.75 13.42
N CYS D 265 -16.02 -13.23 12.32
CA CYS D 265 -16.82 -12.73 11.19
C CYS D 265 -16.52 -13.57 9.94
N ILE D 266 -17.52 -14.28 9.45
CA ILE D 266 -17.34 -15.14 8.28
C ILE D 266 -17.15 -14.36 6.97
N GLN D 267 -17.56 -13.10 6.93
CA GLN D 267 -17.57 -12.36 5.68
C GLN D 267 -16.25 -11.82 5.22
N MET D 268 -16.16 -11.60 3.92
CA MET D 268 -14.99 -11.03 3.29
C MET D 268 -14.86 -9.56 3.69
N LEU D 269 -13.66 -9.13 4.06
CA LEU D 269 -13.48 -7.72 4.43
C LEU D 269 -13.30 -6.81 3.20
N ALA D 270 -12.79 -7.39 2.10
CA ALA D 270 -12.53 -6.63 0.88
C ALA D 270 -13.79 -5.94 0.37
N GLY D 271 -13.66 -4.65 0.06
CA GLY D 271 -14.76 -3.89 -0.49
C GLY D 271 -15.75 -3.38 0.54
N LYS D 272 -15.73 -3.92 1.75
CA LYS D 272 -16.66 -3.48 2.78
C LYS D 272 -16.29 -2.11 3.33
N LYS D 273 -17.32 -1.38 3.74
CA LYS D 273 -17.17 -0.10 4.43
C LYS D 273 -17.03 -0.44 5.90
N ILE D 274 -15.82 -0.24 6.42
CA ILE D 274 -15.51 -0.58 7.80
C ILE D 274 -15.17 0.67 8.57
N VAL D 275 -15.96 0.93 9.59
CA VAL D 275 -15.76 2.12 10.40
C VAL D 275 -14.84 1.84 11.56
N VAL D 276 -13.75 2.61 11.63
CA VAL D 276 -12.83 2.54 12.75
C VAL D 276 -13.06 3.81 13.58
N LEU D 277 -13.67 3.63 14.75
CA LEU D 277 -13.95 4.75 15.65
C LEU D 277 -12.75 4.97 16.56
N GLY D 278 -12.01 6.06 16.32
CA GLY D 278 -10.80 6.37 17.06
C GLY D 278 -9.61 6.09 16.17
N TYR D 279 -8.75 7.09 15.98
CA TYR D 279 -7.59 6.95 15.13
C TYR D 279 -6.33 7.36 15.91
N GLY D 280 -6.19 6.74 17.08
CA GLY D 280 -5.02 6.88 17.93
C GLY D 280 -4.02 5.80 17.56
N GLU D 281 -3.23 5.35 18.52
CA GLU D 281 -2.19 4.35 18.22
C GLU D 281 -2.83 3.03 17.77
N VAL D 282 -3.90 2.62 18.44
CA VAL D 282 -4.61 1.39 18.09
C VAL D 282 -5.32 1.52 16.75
N GLY D 283 -6.11 2.59 16.60
CA GLY D 283 -6.85 2.83 15.38
C GLY D 283 -5.97 2.90 14.13
N LYS D 284 -4.82 3.56 14.24
CA LYS D 284 -3.90 3.65 13.12
C LYS D 284 -3.52 2.26 12.61
N GLY D 285 -3.22 1.35 13.52
CA GLY D 285 -2.85 -0.02 13.16
C GLY D 285 -4.01 -0.83 12.62
N CYS D 286 -5.19 -0.68 13.21
CA CYS D 286 -6.37 -1.35 12.72
C CYS D 286 -6.66 -0.95 11.27
N ALA D 287 -6.65 0.36 11.02
CA ALA D 287 -6.94 0.88 9.70
C ALA D 287 -5.96 0.34 8.67
N GLN D 288 -4.70 0.29 9.02
CA GLN D 288 -3.69 -0.20 8.10
C GLN D 288 -3.92 -1.69 7.74
N GLY D 289 -4.29 -2.49 8.74
CA GLY D 289 -4.55 -3.90 8.52
C GLY D 289 -5.77 -4.12 7.64
N LEU D 290 -6.85 -3.44 7.98
CA LEU D 290 -8.10 -3.54 7.20
C LEU D 290 -7.86 -3.13 5.73
N SER D 291 -7.17 -2.03 5.49
CA SER D 291 -6.85 -1.62 4.10
C SER D 291 -5.99 -2.65 3.40
N GLY D 292 -5.08 -3.29 4.15
CA GLY D 292 -4.20 -4.31 3.62
C GLY D 292 -4.91 -5.52 3.02
N VAL D 293 -6.15 -5.79 3.45
CA VAL D 293 -6.95 -6.87 2.89
C VAL D 293 -8.15 -6.32 2.09
N GLY D 294 -8.02 -5.08 1.57
CA GLY D 294 -9.00 -4.50 0.67
C GLY D 294 -10.21 -3.78 1.19
N ALA D 295 -10.32 -3.61 2.50
CA ALA D 295 -11.46 -2.88 3.03
C ALA D 295 -11.37 -1.38 2.73
N ARG D 296 -12.52 -0.72 2.71
CA ARG D 296 -12.59 0.74 2.57
C ARG D 296 -12.86 1.24 3.98
N VAL D 297 -11.83 1.81 4.59
CA VAL D 297 -11.89 2.28 5.96
C VAL D 297 -12.43 3.71 6.07
N ILE D 298 -13.36 3.88 6.99
CA ILE D 298 -13.97 5.16 7.32
C ILE D 298 -13.66 5.40 8.81
N VAL D 299 -13.08 6.55 9.11
CA VAL D 299 -12.66 6.87 10.47
C VAL D 299 -13.56 7.90 11.16
N THR D 300 -13.77 7.73 12.47
CA THR D 300 -14.42 8.78 13.25
C THR D 300 -13.34 9.22 14.24
N GLU D 301 -13.36 10.50 14.58
CA GLU D 301 -12.44 11.10 15.54
C GLU D 301 -13.00 12.35 16.18
N ILE D 302 -12.53 12.63 17.39
CA ILE D 302 -12.85 13.86 18.10
C ILE D 302 -11.64 14.82 18.07
N ASP D 303 -10.46 14.28 17.74
CA ASP D 303 -9.22 15.06 17.77
C ASP D 303 -8.92 15.51 16.35
N PRO D 304 -8.92 16.82 16.11
CA PRO D 304 -8.71 17.31 14.75
C PRO D 304 -7.36 16.93 14.15
N ILE D 305 -6.34 16.76 14.99
CA ILE D 305 -5.02 16.35 14.50
C ILE D 305 -5.08 14.91 13.99
N CYS D 306 -5.62 14.01 14.82
CA CYS D 306 -5.77 12.60 14.43
C CYS D 306 -6.68 12.47 13.19
N ALA D 307 -7.69 13.33 13.10
CA ALA D 307 -8.56 13.32 11.93
C ALA D 307 -7.76 13.68 10.67
N LEU D 308 -6.91 14.69 10.74
CA LEU D 308 -6.11 15.05 9.55
C LEU D 308 -5.17 13.94 9.15
N GLN D 309 -4.58 13.27 10.13
CA GLN D 309 -3.70 12.15 9.86
C GLN D 309 -4.44 11.06 9.06
N ALA D 310 -5.66 10.75 9.47
CA ALA D 310 -6.44 9.73 8.76
C ALA D 310 -6.67 10.14 7.30
N SER D 311 -7.03 11.40 7.11
CA SER D 311 -7.29 11.94 5.77
C SER D 311 -6.04 11.81 4.89
N MET D 312 -4.86 12.02 5.50
CA MET D 312 -3.58 11.93 4.80
C MET D 312 -3.24 10.51 4.34
N GLU D 313 -3.90 9.49 4.93
CA GLU D 313 -3.70 8.10 4.48
C GLU D 313 -4.80 7.71 3.53
N GLY D 314 -5.61 8.66 3.11
CA GLY D 314 -6.69 8.41 2.16
C GLY D 314 -8.02 7.94 2.73
N TYR D 315 -8.21 8.06 4.04
CA TYR D 315 -9.46 7.58 4.64
C TYR D 315 -10.48 8.69 4.77
N GLN D 316 -11.71 8.39 4.42
CA GLN D 316 -12.84 9.31 4.68
C GLN D 316 -12.98 9.45 6.21
N VAL D 317 -13.28 10.65 6.69
CA VAL D 317 -13.48 10.90 8.13
C VAL D 317 -14.88 11.49 8.29
N SER D 318 -15.74 10.78 9.00
CA SER D 318 -17.14 11.14 9.18
C SER D 318 -17.61 10.96 10.61
N VAL D 319 -18.79 11.51 10.92
CA VAL D 319 -19.41 11.28 12.23
C VAL D 319 -20.23 10.00 12.04
N LEU D 320 -20.29 9.16 13.07
CA LEU D 320 -20.99 7.89 13.00
C LEU D 320 -22.43 8.01 12.45
N GLU D 321 -23.16 9.04 12.86
CA GLU D 321 -24.55 9.23 12.42
C GLU D 321 -24.73 9.30 10.90
N ASP D 322 -23.72 9.80 10.19
CA ASP D 322 -23.78 9.93 8.75
C ASP D 322 -23.44 8.65 8.01
N VAL D 323 -22.91 7.64 8.70
CA VAL D 323 -22.56 6.38 8.03
C VAL D 323 -23.12 5.10 8.69
N VAL D 324 -23.82 5.24 9.81
CA VAL D 324 -24.30 4.08 10.57
C VAL D 324 -25.24 3.16 9.78
N SER D 325 -26.01 3.70 8.83
CA SER D 325 -26.92 2.89 8.02
C SER D 325 -26.33 2.26 6.76
N GLU D 326 -25.18 2.76 6.31
N GLU D 326 -25.18 2.76 6.31
CA GLU D 326 -24.50 2.28 5.09
CA GLU D 326 -24.53 2.25 5.09
C GLU D 326 -23.28 1.38 5.33
C GLU D 326 -23.30 1.37 5.34
N ALA D 327 -22.63 1.53 6.48
CA ALA D 327 -21.42 0.74 6.80
C ALA D 327 -21.71 -0.71 7.13
N ASP D 328 -20.71 -1.56 6.91
CA ASP D 328 -20.85 -3.00 7.09
C ASP D 328 -20.35 -3.53 8.43
N ILE D 329 -19.24 -2.98 8.91
CA ILE D 329 -18.60 -3.42 10.13
C ILE D 329 -18.14 -2.19 10.93
N PHE D 330 -18.27 -2.27 12.26
CA PHE D 330 -17.91 -1.18 13.17
C PHE D 330 -16.91 -1.69 14.20
N ILE D 331 -15.78 -1.01 14.29
N ILE D 331 -15.77 -1.01 14.32
CA ILE D 331 -14.70 -1.35 15.21
CA ILE D 331 -14.70 -1.40 15.24
C ILE D 331 -14.43 -0.16 16.12
C ILE D 331 -14.31 -0.23 16.13
N THR D 332 -14.63 -0.31 17.42
CA THR D 332 -14.34 0.77 18.39
C THR D 332 -12.90 0.66 18.96
N ALA D 333 -12.16 1.75 18.86
CA ALA D 333 -10.78 1.81 19.31
C ALA D 333 -10.51 3.13 20.02
N THR D 334 -11.48 3.59 20.83
CA THR D 334 -11.40 4.91 21.46
C THR D 334 -10.89 4.95 22.89
N GLY D 335 -11.14 3.90 23.65
CA GLY D 335 -10.86 3.93 25.07
C GLY D 335 -11.91 4.80 25.79
N ASN D 336 -13.01 5.13 25.10
CA ASN D 336 -14.04 6.01 25.66
C ASN D 336 -15.27 5.16 25.99
N LYS D 337 -16.41 5.79 26.25
CA LYS D 337 -17.60 5.02 26.50
C LYS D 337 -18.75 5.48 25.66
N ASP D 338 -19.66 4.56 25.40
CA ASP D 338 -20.88 4.81 24.67
C ASP D 338 -20.67 5.42 23.28
N VAL D 339 -19.70 4.88 22.53
N VAL D 339 -19.71 4.86 22.56
CA VAL D 339 -19.44 5.36 21.17
CA VAL D 339 -19.38 5.27 21.22
C VAL D 339 -20.38 4.65 20.19
C VAL D 339 -20.39 4.66 20.24
N ILE D 340 -20.90 3.48 20.61
CA ILE D 340 -21.90 2.75 19.83
C ILE D 340 -23.05 2.42 20.79
N THR D 341 -24.13 3.18 20.65
CA THR D 341 -25.32 3.01 21.46
C THR D 341 -26.33 2.07 20.79
N VAL D 342 -27.31 1.63 21.56
CA VAL D 342 -28.40 0.79 21.07
C VAL D 342 -29.13 1.48 19.93
N GLU D 343 -29.33 2.80 20.03
CA GLU D 343 -30.00 3.55 18.96
C GLU D 343 -29.19 3.48 17.68
N HIS D 344 -27.86 3.50 17.77
CA HIS D 344 -27.03 3.36 16.58
C HIS D 344 -27.24 1.99 15.97
N MET D 345 -27.19 0.96 16.83
CA MET D 345 -27.35 -0.41 16.38
C MET D 345 -28.67 -0.65 15.65
N ARG D 346 -29.74 0.01 16.08
CA ARG D 346 -31.05 -0.13 15.43
C ARG D 346 -31.12 0.42 14.01
N LYS D 347 -30.21 1.32 13.66
CA LYS D 347 -30.17 1.94 12.34
C LYS D 347 -29.29 1.14 11.38
N MET D 348 -28.49 0.21 11.89
CA MET D 348 -27.54 -0.56 11.07
C MET D 348 -28.20 -1.51 10.07
N LYS D 349 -27.48 -1.87 9.01
CA LYS D 349 -28.01 -2.77 7.99
C LYS D 349 -28.04 -4.20 8.52
N GLU D 350 -28.82 -5.04 7.84
CA GLU D 350 -28.95 -6.43 8.18
C GLU D 350 -27.59 -7.10 8.24
N ASN D 351 -27.34 -7.80 9.35
CA ASN D 351 -26.10 -8.52 9.59
C ASN D 351 -24.82 -7.65 9.62
N ALA D 352 -24.98 -6.42 10.12
CA ALA D 352 -23.82 -5.57 10.35
C ALA D 352 -23.09 -6.21 11.52
N TYR D 353 -21.77 -6.10 11.51
CA TYR D 353 -20.91 -6.62 12.57
C TYR D 353 -20.37 -5.49 13.44
N ILE D 354 -20.27 -5.77 14.73
CA ILE D 354 -19.81 -4.82 15.70
C ILE D 354 -18.75 -5.48 16.57
N ALA D 355 -17.65 -4.76 16.78
CA ALA D 355 -16.55 -5.23 17.63
C ALA D 355 -15.84 -4.07 18.30
N ASN D 356 -15.14 -4.41 19.39
CA ASN D 356 -14.39 -3.45 20.16
C ASN D 356 -13.00 -4.00 20.36
N ILE D 357 -12.00 -3.13 20.22
CA ILE D 357 -10.61 -3.48 20.45
C ILE D 357 -9.98 -2.63 21.58
N GLY D 358 -10.76 -1.72 22.18
CA GLY D 358 -10.30 -0.93 23.32
C GLY D 358 -10.30 -1.79 24.58
N HIS D 359 -9.64 -1.33 25.64
CA HIS D 359 -9.48 -2.17 26.84
C HIS D 359 -10.78 -2.65 27.48
N PHE D 360 -11.77 -1.75 27.63
CA PHE D 360 -13.04 -2.13 28.25
C PHE D 360 -14.20 -2.20 27.26
N ASP D 361 -15.18 -3.01 27.63
CA ASP D 361 -16.40 -3.22 26.85
C ASP D 361 -17.34 -2.01 26.81
N ASP D 362 -17.11 -1.03 27.68
CA ASP D 362 -17.93 0.19 27.78
C ASP D 362 -18.10 0.98 26.48
N GLU D 363 -17.19 0.80 25.53
CA GLU D 363 -17.27 1.52 24.25
C GLU D 363 -18.58 1.25 23.52
N ILE D 364 -19.11 0.03 23.69
CA ILE D 364 -20.35 -0.40 23.06
C ILE D 364 -21.40 -0.58 24.16
N ASP D 365 -22.64 -0.19 23.90
CA ASP D 365 -23.71 -0.34 24.88
C ASP D 365 -24.26 -1.78 24.90
N VAL D 366 -23.42 -2.70 25.36
CA VAL D 366 -23.78 -4.11 25.41
C VAL D 366 -24.94 -4.37 26.39
N TYR D 367 -24.95 -3.66 27.52
CA TYR D 367 -26.03 -3.81 28.49
C TYR D 367 -27.37 -3.42 27.87
N GLY D 368 -27.42 -2.27 27.20
CA GLY D 368 -28.64 -1.79 26.55
C GLY D 368 -29.15 -2.74 25.47
N LEU D 369 -28.22 -3.30 24.72
CA LEU D 369 -28.55 -4.25 23.67
C LEU D 369 -29.16 -5.53 24.25
N GLU D 370 -28.47 -6.13 25.21
CA GLU D 370 -28.91 -7.38 25.85
C GLU D 370 -30.21 -7.26 26.60
N ASN D 371 -30.49 -6.06 27.12
CA ASN D 371 -31.73 -5.76 27.88
C ASN D 371 -32.78 -5.01 27.07
N TYR D 372 -32.61 -4.91 25.76
CA TYR D 372 -33.60 -4.23 24.95
C TYR D 372 -34.88 -5.08 25.04
N PRO D 373 -36.04 -4.45 25.32
CA PRO D 373 -37.27 -5.27 25.43
C PRO D 373 -37.58 -6.08 24.18
N GLY D 374 -37.68 -7.40 24.35
CA GLY D 374 -38.01 -8.31 23.26
C GLY D 374 -36.88 -8.67 22.31
N ILE D 375 -35.63 -8.40 22.68
CA ILE D 375 -34.50 -8.74 21.84
C ILE D 375 -34.36 -10.26 21.79
N LYS D 376 -33.99 -10.80 20.64
CA LYS D 376 -33.76 -12.23 20.48
C LYS D 376 -32.24 -12.40 20.28
N VAL D 377 -31.66 -13.41 20.92
CA VAL D 377 -30.22 -13.64 20.81
C VAL D 377 -29.91 -15.11 20.52
N ILE D 378 -28.95 -15.33 19.62
CA ILE D 378 -28.51 -16.65 19.21
C ILE D 378 -26.99 -16.68 19.20
N GLU D 379 -26.43 -17.78 19.68
CA GLU D 379 -25.00 -17.96 19.69
C GLU D 379 -24.61 -18.55 18.33
N VAL D 380 -23.94 -17.74 17.52
CA VAL D 380 -23.48 -18.13 16.18
C VAL D 380 -22.32 -19.11 16.30
N LYS D 381 -21.40 -18.78 17.18
CA LYS D 381 -20.25 -19.64 17.49
C LYS D 381 -19.79 -19.17 18.85
N GLN D 382 -18.78 -19.82 19.43
N GLN D 382 -18.74 -19.80 19.38
CA GLN D 382 -18.33 -19.46 20.77
CA GLN D 382 -18.20 -19.43 20.70
C GLN D 382 -17.90 -17.97 20.79
C GLN D 382 -17.89 -17.92 20.75
N ASN D 383 -18.58 -17.21 21.66
CA ASN D 383 -18.38 -15.77 21.84
C ASN D 383 -18.72 -14.89 20.62
N VAL D 384 -19.76 -15.27 19.88
CA VAL D 384 -20.24 -14.46 18.76
C VAL D 384 -21.76 -14.59 18.80
N HIS D 385 -22.46 -13.47 18.92
CA HIS D 385 -23.91 -13.49 19.07
C HIS D 385 -24.66 -12.58 18.12
N LYS D 386 -25.75 -13.09 17.55
CA LYS D 386 -26.60 -12.35 16.64
C LYS D 386 -27.83 -11.88 17.40
N PHE D 387 -28.04 -10.56 17.44
CA PHE D 387 -29.17 -9.94 18.14
C PHE D 387 -30.16 -9.45 17.10
N THR D 388 -31.44 -9.78 17.32
CA THR D 388 -32.49 -9.42 16.39
C THR D 388 -33.51 -8.56 17.15
N PHE D 389 -33.78 -7.37 16.63
CA PHE D 389 -34.74 -6.45 17.24
C PHE D 389 -36.16 -6.85 16.85
N PRO D 390 -37.09 -6.81 17.81
CA PRO D 390 -38.46 -7.26 17.55
C PRO D 390 -39.28 -6.41 16.56
N ASP D 391 -39.13 -5.09 16.60
CA ASP D 391 -39.90 -4.20 15.72
C ASP D 391 -39.50 -4.24 14.24
N THR D 392 -38.20 -4.23 13.95
CA THR D 392 -37.73 -4.23 12.56
C THR D 392 -37.37 -5.61 12.02
N GLN D 393 -37.17 -6.58 12.91
CA GLN D 393 -36.68 -7.92 12.54
C GLN D 393 -35.26 -7.86 11.91
N LYS D 394 -34.56 -6.74 12.11
CA LYS D 394 -33.17 -6.65 11.63
C LYS D 394 -32.25 -7.14 12.74
N SER D 395 -31.10 -7.66 12.33
CA SER D 395 -30.13 -8.19 13.25
C SER D 395 -28.75 -7.56 13.11
N VAL D 396 -28.01 -7.58 14.23
CA VAL D 396 -26.61 -7.15 14.28
C VAL D 396 -25.86 -8.32 14.91
N ILE D 397 -24.59 -8.46 14.55
CA ILE D 397 -23.74 -9.54 15.08
C ILE D 397 -22.61 -8.90 15.89
N LEU D 398 -22.58 -9.20 17.19
CA LEU D 398 -21.61 -8.64 18.13
C LEU D 398 -20.51 -9.66 18.42
N LEU D 399 -19.25 -9.25 18.31
CA LEU D 399 -18.15 -10.16 18.63
C LEU D 399 -17.83 -10.05 20.11
N CYS D 400 -17.68 -11.24 20.71
CA CYS D 400 -17.41 -11.49 22.12
C CYS D 400 -17.89 -10.46 23.15
N LYS D 401 -19.19 -10.20 23.07
CA LYS D 401 -19.88 -9.28 23.99
C LYS D 401 -19.21 -7.94 24.20
N GLY D 402 -18.55 -7.44 23.16
CA GLY D 402 -17.91 -6.14 23.24
C GLY D 402 -16.55 -6.13 23.93
N ARG D 403 -16.04 -7.29 24.33
CA ARG D 403 -14.71 -7.37 24.97
C ARG D 403 -13.62 -7.31 23.87
N LEU D 404 -12.41 -6.86 24.20
CA LEU D 404 -11.34 -6.70 23.19
C LEU D 404 -11.25 -7.92 22.28
N VAL D 405 -11.60 -7.69 21.03
CA VAL D 405 -11.78 -8.75 20.04
C VAL D 405 -10.53 -9.55 19.66
N ASN D 406 -9.37 -8.93 19.70
CA ASN D 406 -8.14 -9.62 19.35
C ASN D 406 -7.76 -10.69 20.39
N LEU D 407 -8.21 -10.52 21.63
CA LEU D 407 -7.94 -11.46 22.73
C LEU D 407 -9.13 -12.35 23.10
N GLY D 408 -10.33 -11.88 22.81
CA GLY D 408 -11.55 -12.64 23.08
C GLY D 408 -11.88 -13.62 21.95
N CYS D 409 -11.68 -13.20 20.70
CA CYS D 409 -11.95 -14.06 19.53
C CYS D 409 -10.70 -14.60 18.84
N ALA D 410 -9.53 -14.33 19.41
CA ALA D 410 -8.27 -14.82 18.88
C ALA D 410 -7.21 -14.87 19.99
N THR D 411 -5.95 -14.98 19.63
CA THR D 411 -4.85 -15.15 20.60
C THR D 411 -4.06 -13.88 20.95
N GLY D 412 -4.59 -12.71 20.61
CA GLY D 412 -3.92 -11.46 20.92
C GLY D 412 -2.69 -11.20 20.07
N HIS D 413 -1.93 -10.16 20.42
CA HIS D 413 -0.74 -9.83 19.66
C HIS D 413 0.28 -10.97 19.62
N PRO D 414 1.13 -10.98 18.59
CA PRO D 414 2.16 -12.01 18.49
C PRO D 414 3.38 -11.73 19.42
N PRO D 415 4.26 -12.73 19.58
CA PRO D 415 5.37 -12.64 20.52
C PRO D 415 6.35 -11.47 20.38
N LEU D 416 6.71 -11.11 19.15
CA LEU D 416 7.70 -10.03 18.94
C LEU D 416 7.33 -8.71 19.63
N VAL D 417 6.17 -8.15 19.32
CA VAL D 417 5.83 -6.88 19.97
C VAL D 417 5.54 -7.05 21.44
N MET D 418 4.99 -8.20 21.85
CA MET D 418 4.74 -8.40 23.28
C MET D 418 6.04 -8.46 24.06
N SER D 419 7.09 -8.99 23.42
CA SER D 419 8.41 -9.03 24.05
C SER D 419 8.94 -7.61 24.28
N MET D 420 8.66 -6.72 23.33
CA MET D 420 9.07 -5.33 23.47
C MET D 420 8.31 -4.70 24.63
N SER D 421 7.00 -4.89 24.68
CA SER D 421 6.21 -4.36 25.79
C SER D 421 6.67 -4.98 27.12
N PHE D 422 6.90 -6.30 27.12
CA PHE D 422 7.26 -6.99 28.34
C PHE D 422 8.71 -6.79 28.78
N THR D 423 9.61 -6.47 27.85
CA THR D 423 10.97 -6.14 28.26
C THR D 423 10.87 -4.81 29.07
N ASN D 424 10.01 -3.87 28.64
CA ASN D 424 9.79 -2.61 29.39
C ASN D 424 9.22 -2.92 30.80
N GLN D 425 8.26 -3.83 30.88
CA GLN D 425 7.67 -4.25 32.16
C GLN D 425 8.70 -4.77 33.17
N VAL D 426 9.57 -5.68 32.72
CA VAL D 426 10.60 -6.22 33.59
C VAL D 426 11.53 -5.11 34.10
N LEU D 427 11.98 -4.25 33.18
CA LEU D 427 12.86 -3.11 33.54
C LEU D 427 12.15 -2.15 34.52
N ALA D 428 10.84 -1.98 34.33
CA ALA D 428 10.05 -1.12 35.22
C ALA D 428 9.95 -1.76 36.61
N GLN D 429 9.76 -3.08 36.66
CA GLN D 429 9.68 -3.82 37.95
C GLN D 429 11.02 -3.73 38.67
N MET D 430 12.10 -3.94 37.93
CA MET D 430 13.46 -3.83 38.49
C MET D 430 13.71 -2.41 39.04
N ASP D 431 13.19 -1.40 38.36
CA ASP D 431 13.38 0.00 38.79
C ASP D 431 12.66 0.29 40.11
N LEU D 432 11.39 -0.08 40.18
CA LEU D 432 10.58 0.12 41.39
C LEU D 432 11.14 -0.66 42.57
N TRP D 433 11.60 -1.87 42.31
CA TRP D 433 12.17 -2.71 43.35
C TRP D 433 13.46 -2.10 43.91
N LYS D 434 14.37 -1.67 43.03
CA LYS D 434 15.65 -1.07 43.44
C LYS D 434 15.48 0.28 44.14
N SER D 435 14.36 0.97 43.91
CA SER D 435 14.09 2.26 44.52
C SER D 435 13.21 2.11 45.78
N ARG D 436 12.91 0.89 46.21
CA ARG D 436 11.98 0.67 47.34
C ARG D 436 12.30 1.39 48.64
N GLU D 437 13.59 1.59 48.95
N GLU D 437 13.59 1.58 48.95
CA GLU D 437 13.98 2.25 50.20
CA GLU D 437 13.99 2.27 50.20
C GLU D 437 13.58 3.74 50.20
C GLU D 437 13.62 3.76 50.19
N LEU D 438 13.33 4.31 49.00
CA LEU D 438 12.91 5.71 48.88
C LEU D 438 11.40 5.89 49.20
N VAL D 439 10.65 4.79 49.29
CA VAL D 439 9.22 4.83 49.63
C VAL D 439 9.12 4.90 51.15
N ASP D 440 8.75 6.07 51.69
CA ASP D 440 8.64 6.24 53.15
C ASP D 440 7.21 6.68 53.52
N ARG D 441 6.45 5.74 54.09
CA ARG D 441 5.05 5.97 54.47
C ARG D 441 4.83 7.03 55.57
N SER D 442 5.69 7.02 56.59
CA SER D 442 5.56 7.99 57.68
C SER D 442 5.91 9.40 57.20
N LYS D 443 6.98 9.52 56.43
CA LYS D 443 7.46 10.81 55.94
C LYS D 443 6.55 11.34 54.81
N ASN D 444 6.92 11.17 53.53
CA ASN D 444 6.07 11.69 52.44
C ASN D 444 4.92 10.72 52.12
N THR D 445 3.87 11.25 51.53
CA THR D 445 2.72 10.43 51.19
C THR D 445 2.13 10.82 49.83
N ARG D 446 2.90 11.56 49.02
CA ARG D 446 2.40 11.93 47.69
C ARG D 446 3.24 11.22 46.60
N PHE D 447 2.58 10.35 45.85
CA PHE D 447 3.24 9.56 44.83
C PHE D 447 2.95 10.03 43.40
N PHE D 448 3.86 9.69 42.49
CA PHE D 448 3.80 10.13 41.09
C PHE D 448 3.94 9.00 40.06
N VAL D 449 3.66 9.38 38.82
CA VAL D 449 3.76 8.50 37.69
C VAL D 449 4.98 8.91 36.88
N LYS D 450 5.83 7.97 36.53
CA LYS D 450 6.97 8.30 35.69
C LYS D 450 7.10 7.28 34.57
N LYS D 451 8.03 7.55 33.68
CA LYS D 451 8.32 6.70 32.54
C LYS D 451 9.77 6.29 32.57
N LEU D 452 10.09 5.21 31.86
CA LEU D 452 11.46 4.74 31.72
C LEU D 452 12.24 5.72 30.83
N SER D 453 13.55 5.76 30.99
CA SER D 453 14.38 6.67 30.24
C SER D 453 14.52 6.25 28.76
N LYS D 454 14.93 7.20 27.92
CA LYS D 454 15.13 6.93 26.50
C LYS D 454 16.28 5.93 26.30
N GLU D 455 17.28 5.94 27.18
CA GLU D 455 18.39 4.97 27.09
C GLU D 455 17.82 3.54 27.16
N LEU D 456 16.91 3.32 28.09
CA LEU D 456 16.31 2.00 28.24
C LEU D 456 15.38 1.68 27.08
N ASP D 457 14.66 2.71 26.63
CA ASP D 457 13.73 2.57 25.50
C ASP D 457 14.53 2.11 24.26
N GLU D 458 15.69 2.74 24.01
CA GLU D 458 16.57 2.34 22.91
C GLU D 458 17.15 0.92 23.11
N TYR D 459 17.47 0.58 24.36
CA TYR D 459 17.98 -0.75 24.69
C TYR D 459 16.97 -1.84 24.33
N VAL D 460 15.70 -1.62 24.66
CA VAL D 460 14.65 -2.59 24.30
C VAL D 460 14.67 -2.83 22.80
N ALA D 461 14.79 -1.75 22.02
CA ALA D 461 14.82 -1.88 20.57
C ALA D 461 16.07 -2.67 20.14
N ARG D 462 17.22 -2.36 20.71
CA ARG D 462 18.47 -3.07 20.36
C ARG D 462 18.39 -4.56 20.55
N LEU D 463 17.69 -4.96 21.60
CA LEU D 463 17.53 -6.36 21.96
C LEU D 463 16.74 -7.17 20.94
N HIS D 464 15.91 -6.51 20.13
CA HIS D 464 15.07 -7.21 19.15
C HIS D 464 15.53 -7.06 17.71
N LEU D 465 16.60 -6.29 17.47
CA LEU D 465 17.09 -6.10 16.09
C LEU D 465 17.43 -7.40 15.34
N ASP D 466 18.13 -8.32 15.99
CA ASP D 466 18.53 -9.59 15.35
C ASP D 466 17.38 -10.50 14.93
N VAL D 467 16.22 -10.38 15.58
CA VAL D 467 15.05 -11.18 15.21
C VAL D 467 14.69 -10.91 13.76
N LEU D 468 14.84 -9.64 13.35
CA LEU D 468 14.48 -9.23 12.01
C LEU D 468 15.66 -9.01 11.08
N GLY D 469 16.88 -9.37 11.48
CA GLY D 469 18.02 -9.18 10.59
C GLY D 469 18.39 -7.73 10.31
N ILE D 470 18.03 -6.83 11.23
CA ILE D 470 18.32 -5.40 11.07
C ILE D 470 19.78 -5.07 11.33
N LYS D 471 20.43 -4.35 10.42
CA LYS D 471 21.82 -3.96 10.61
C LYS D 471 21.91 -2.46 10.83
N LEU D 472 22.27 -2.03 12.04
CA LEU D 472 22.42 -0.62 12.34
C LEU D 472 23.74 -0.05 11.87
N THR D 473 23.69 1.23 11.55
CA THR D 473 24.83 2.00 11.19
C THR D 473 25.38 2.63 12.47
N LYS D 474 26.71 2.73 12.53
CA LYS D 474 27.39 3.34 13.64
C LYS D 474 27.90 4.71 13.21
N LEU D 475 27.63 5.73 14.01
CA LEU D 475 28.11 7.08 13.74
C LEU D 475 29.62 7.19 13.86
N THR D 476 30.27 7.93 12.98
CA THR D 476 31.69 8.25 13.16
C THR D 476 31.69 9.34 14.27
N GLU D 477 32.88 9.60 14.83
CA GLU D 477 33.01 10.61 15.88
C GLU D 477 32.64 12.01 15.36
N THR D 478 33.01 12.31 14.12
CA THR D 478 32.67 13.61 13.52
C THR D 478 31.16 13.78 13.38
N GLN D 479 30.51 12.74 12.91
CA GLN D 479 29.06 12.76 12.73
C GLN D 479 28.36 12.91 14.08
N ALA D 480 28.84 12.19 15.09
CA ALA D 480 28.24 12.25 16.44
C ALA D 480 28.29 13.68 16.98
N LYS D 481 29.42 14.34 16.78
CA LYS D 481 29.59 15.71 17.20
C LYS D 481 28.70 16.66 16.36
N TYR D 482 28.65 16.43 15.04
CA TYR D 482 27.84 17.27 14.12
C TYR D 482 26.36 17.28 14.54
N ILE D 483 25.80 16.12 14.89
CA ILE D 483 24.40 16.09 15.31
C ILE D 483 24.23 16.19 16.83
N ASN D 484 25.35 16.33 17.55
CA ASN D 484 25.34 16.55 19.00
C ASN D 484 24.70 15.40 19.80
N VAL D 485 25.12 14.16 19.50
CA VAL D 485 24.64 12.99 20.23
C VAL D 485 25.83 12.09 20.52
N SER D 486 25.70 11.27 21.55
CA SER D 486 26.71 10.28 21.86
C SER D 486 26.62 9.16 20.82
N ILE D 487 27.75 8.52 20.52
CA ILE D 487 27.76 7.40 19.56
C ILE D 487 26.81 6.28 20.01
N ASN D 488 26.66 6.10 21.31
CA ASN D 488 25.81 5.09 21.89
C ASN D 488 24.41 5.57 22.21
N GLY D 489 24.07 6.80 21.85
CA GLY D 489 22.74 7.33 22.12
C GLY D 489 22.60 7.83 23.54
N PRO D 490 21.42 8.31 23.92
CA PRO D 490 20.23 8.38 23.07
C PRO D 490 20.39 9.31 21.84
N TYR D 491 19.64 9.00 20.81
CA TYR D 491 19.74 9.68 19.53
C TYR D 491 18.71 10.79 19.27
N LYS D 492 17.70 10.91 20.13
CA LYS D 492 16.63 11.88 19.92
C LYS D 492 16.32 12.66 21.18
N SER D 493 15.80 13.87 21.03
CA SER D 493 15.45 14.66 22.20
C SER D 493 14.20 14.02 22.87
N GLU D 494 13.90 14.42 24.10
CA GLU D 494 12.77 13.81 24.85
C GLU D 494 11.40 14.01 24.23
N ASP D 495 11.20 15.11 23.51
CA ASP D 495 9.90 15.38 22.90
C ASP D 495 9.75 14.74 21.50
N TYR D 496 10.73 13.96 21.05
CA TYR D 496 10.67 13.38 19.69
C TYR D 496 9.51 12.39 19.60
N ARG D 497 8.75 12.47 18.51
CA ARG D 497 7.55 11.68 18.35
C ARG D 497 7.66 10.40 17.50
N TYR D 498 8.78 10.18 16.82
CA TYR D 498 8.97 8.96 16.02
C TYR D 498 7.84 8.80 15.00
PA NAD E . -9.02 -0.59 -21.35
O1A NAD E . -10.09 -1.07 -22.29
O2A NAD E . -8.16 -1.61 -20.64
O5B NAD E . -9.72 0.38 -20.30
C5B NAD E . -10.80 1.25 -20.59
C4B NAD E . -11.84 1.08 -19.50
O4B NAD E . -12.76 2.18 -19.55
C3B NAD E . -12.68 -0.20 -19.61
O3B NAD E . -12.60 -1.00 -18.42
C2B NAD E . -14.10 0.28 -19.87
O2B NAD E . -15.12 -0.51 -19.23
C1B NAD E . -14.07 1.69 -19.30
N9A NAD E . -15.06 2.63 -19.88
C8A NAD E . -15.39 2.83 -21.16
N7A NAD E . -16.30 3.80 -21.28
C5A NAD E . -16.55 4.26 -20.05
C6A NAD E . -17.41 5.30 -19.43
N6A NAD E . -18.22 6.06 -20.20
N1A NAD E . -17.37 5.46 -18.10
C2A NAD E . -16.57 4.70 -17.29
N3A NAD E . -15.76 3.74 -17.78
C4A NAD E . -15.72 3.49 -19.12
O3 NAD E . -8.06 0.37 -22.18
PN NAD E . -6.68 0.90 -21.57
O1N NAD E . -6.86 1.19 -20.10
O2N NAD E . -5.55 0.02 -22.01
O5D NAD E . -6.55 2.28 -22.35
C5D NAD E . -7.42 3.38 -22.07
C4D NAD E . -6.99 4.57 -22.93
O4D NAD E . -5.67 5.01 -22.56
C3D NAD E . -6.91 4.21 -24.41
O3D NAD E . -7.32 5.36 -25.14
C2D NAD E . -5.45 3.91 -24.65
O2D NAD E . -5.06 4.07 -26.02
C1D NAD E . -4.81 4.94 -23.71
N1N NAD E . -3.46 4.72 -23.22
C2N NAD E . -2.79 5.83 -22.87
C3N NAD E . -1.50 5.79 -22.38
C7N NAD E . -0.75 7.06 -21.99
O7N NAD E . 0.48 7.04 -21.91
N7N NAD E . -1.41 8.17 -21.73
C4N NAD E . -0.88 4.54 -22.25
C5N NAD E . -1.58 3.39 -22.61
C6N NAD E . -2.88 3.49 -23.09
N9 DEA F . 3.65 6.72 -24.12
C8 DEA F . 3.71 6.97 -22.80
N7 DEA F . 4.94 7.41 -22.47
C5 DEA F . 5.70 7.43 -23.57
C6 DEA F . 7.08 7.78 -23.90
N6 DEA F . 7.92 8.22 -22.95
N1 DEA F . 7.47 7.66 -25.20
C2 DEA F . 6.62 7.22 -26.16
N3 DEA F . 5.34 6.88 -25.91
C4 DEA F . 4.84 6.96 -24.67
C1' DEA F . 2.49 6.20 -24.84
C2' DEA F . 2.58 4.67 -24.67
O2' DEA F . 2.14 4.31 -23.36
C3' DEA F . 1.84 3.87 -25.74
O3' DEA F . 2.34 2.52 -25.67
C4' DEA F . 0.35 3.88 -25.51
O DEA F . -0.26 2.80 -25.44
OXT DEA F . -0.24 4.98 -25.39
C1 GOL G . 3.02 21.30 -17.61
O1 GOL G . 2.34 21.61 -16.40
C2 GOL G . 4.20 22.21 -17.82
O2 GOL G . 3.76 23.57 -17.71
C3 GOL G . 4.84 21.96 -19.18
O3 GOL G . 6.17 21.51 -19.00
C1 GOL H . 10.14 -11.97 -35.87
O1 GOL H . 9.47 -11.30 -34.80
C2 GOL H . 11.56 -12.36 -35.46
O2 GOL H . 11.57 -12.86 -34.11
C3 GOL H . 12.09 -13.45 -36.38
O3 GOL H . 13.52 -13.43 -36.36
PA NAD I . -0.92 -20.08 -11.80
O1A NAD I . -0.47 -20.88 -12.97
O2A NAD I . -1.58 -18.74 -12.02
O5B NAD I . 0.34 -19.85 -10.83
C5B NAD I . 1.38 -20.79 -10.64
C4B NAD I . 2.68 -20.04 -10.79
O4B NAD I . 3.74 -20.80 -10.21
C3B NAD I . 3.06 -19.78 -12.25
O3B NAD I . 3.20 -18.38 -12.50
C2B NAD I . 4.37 -20.51 -12.46
O2B NAD I . 5.29 -19.81 -13.27
C1B NAD I . 4.89 -20.68 -11.04
N9A NAD I . 5.77 -21.83 -10.83
C8A NAD I . 5.63 -23.09 -11.30
N7A NAD I . 6.65 -23.87 -10.89
C5A NAD I . 7.47 -23.11 -10.14
C6A NAD I . 8.72 -23.31 -9.41
N6A NAD I . 9.34 -24.51 -9.38
N1A NAD I . 9.24 -22.26 -8.74
C2A NAD I . 8.65 -21.04 -8.75
N3A NAD I . 7.50 -20.78 -9.41
C4A NAD I . 6.88 -21.77 -10.10
O3 NAD I . -1.86 -20.99 -10.87
PN NAD I . -2.71 -20.39 -9.66
O1N NAD I . -1.95 -19.28 -9.00
O2N NAD I . -4.14 -20.11 -10.10
O5D NAD I . -2.80 -21.64 -8.65
C5D NAD I . -1.65 -22.23 -8.03
C4D NAD I . -2.08 -23.43 -7.19
O4D NAD I . -3.02 -23.03 -6.18
C3D NAD I . -2.82 -24.47 -8.01
O3D NAD I . -2.48 -25.78 -7.50
C2D NAD I . -4.30 -24.18 -7.79
O2D NAD I . -5.13 -25.32 -8.03
C1D NAD I . -4.25 -23.75 -6.33
N1N NAD I . -5.33 -22.89 -5.80
C2N NAD I . -5.50 -22.97 -4.47
C3N NAD I . -6.46 -22.20 -3.81
C7N NAD I . -6.65 -22.32 -2.32
O7N NAD I . -7.72 -21.92 -1.85
N7N NAD I . -5.71 -22.83 -1.53
C4N NAD I . -7.26 -21.35 -4.57
C5N NAD I . -7.07 -21.28 -5.94
C6N NAD I . -6.09 -22.07 -6.55
N9 DEA J . -11.50 -22.92 -1.70
C8 DEA J . -10.99 -21.92 -0.96
N7 DEA J . -11.86 -21.58 0.02
C5 DEA J . -12.94 -22.35 -0.10
C6 DEA J . -14.22 -22.51 0.61
N6 DEA J . -14.50 -21.72 1.67
N1 DEA J . -15.08 -23.45 0.17
C2 DEA J . -14.79 -24.22 -0.90
N3 DEA J . -13.64 -24.13 -1.59
C4 DEA J . -12.71 -23.24 -1.24
C1' DEA J . -10.87 -23.53 -2.87
C2' DEA J . -11.27 -22.62 -4.03
O2' DEA J . -10.44 -21.46 -4.03
C3' DEA J . -11.24 -23.30 -5.39
O3' DEA J . -11.93 -22.45 -6.28
C4' DEA J . -9.84 -23.53 -5.88
O DEA J . -9.51 -23.07 -7.00
OXT DEA J . -9.04 -24.16 -5.16
C1 GOL K . -26.56 -1.15 -18.86
O1 GOL K . -26.80 -2.47 -19.37
C2 GOL K . -25.94 -1.21 -17.45
O2 GOL K . -24.89 -2.17 -17.44
C3 GOL K . -26.99 -1.56 -16.39
O3 GOL K . -27.00 -0.57 -15.36
C1 GOL L . -28.00 -13.70 -18.47
O1 GOL L . -27.43 -12.97 -19.56
C2 GOL L . -29.09 -14.62 -19.02
O2 GOL L . -28.47 -15.83 -19.47
C3 GOL L . -30.14 -14.93 -17.97
O3 GOL L . -29.61 -15.82 -16.98
C1 PEG M . -32.46 -12.76 -4.74
O1 PEG M . -32.34 -11.84 -5.82
C2 PEG M . -33.69 -12.52 -3.85
O2 PEG M . -33.68 -13.49 -2.78
C3 PEG M . -34.57 -14.61 -2.92
C4 PEG M . -34.00 -15.90 -2.29
O4 PEG M . -33.36 -16.79 -3.22
CL CL N . -33.75 -30.49 -19.52
CL CL O . 0.62 -37.69 6.52
PA NAD P . 14.75 13.37 12.06
O1A NAD P . 15.71 13.63 13.18
O2A NAD P . 13.30 13.08 12.34
O5B NAD P . 15.34 12.24 11.12
C5B NAD P . 16.73 12.09 10.87
C4B NAD P . 17.04 10.61 11.00
O4B NAD P . 18.32 10.36 10.46
C3B NAD P . 17.07 10.13 12.46
O3B NAD P . 16.09 9.09 12.65
C2B NAD P . 18.51 9.66 12.68
O2B NAD P . 18.59 8.49 13.49
C1B NAD P . 18.97 9.37 11.27
N9A NAD P . 20.43 9.46 11.02
C8A NAD P . 21.28 10.41 11.45
N7A NAD P . 22.53 10.19 10.97
C5A NAD P . 22.48 9.08 10.23
C6A NAD P . 23.44 8.30 9.44
N6A NAD P . 24.73 8.67 9.39
N1A NAD P . 22.99 7.21 8.79
C2A NAD P . 21.70 6.82 8.85
N3A NAD P . 20.77 7.50 9.56
C4A NAD P . 21.09 8.61 10.25
O3 NAD P . 14.87 14.68 11.13
PN NAD P . 13.81 15.01 9.98
O1N NAD P . 12.72 15.89 10.51
O2N NAD P . 13.47 13.76 9.24
O5D NAD P . 14.73 15.93 9.05
C5D NAD P . 15.83 15.38 8.31
C4D NAD P . 16.43 16.49 7.47
O4D NAD P . 15.47 16.93 6.49
C3D NAD P . 16.78 17.73 8.28
O3D NAD P . 17.96 18.30 7.74
C2D NAD P . 15.59 18.64 8.10
O2D NAD P . 15.91 20.02 8.33
C1D NAD P . 15.23 18.33 6.65
N1N NAD P . 13.88 18.60 6.16
C2N NAD P . 13.80 18.80 4.83
C3N NAD P . 12.58 19.05 4.19
C7N NAD P . 12.49 19.28 2.71
O7N NAD P . 11.49 19.83 2.26
N7N NAD P . 13.47 18.90 1.87
C4N NAD P . 11.44 19.09 4.99
C5N NAD P . 11.54 18.88 6.36
C6N NAD P . 12.79 18.63 6.93
N9 DEA Q . 9.77 23.22 2.22
C8 DEA Q . 9.32 22.17 1.49
N7 DEA Q . 8.48 22.59 0.52
C5 DEA Q . 8.36 23.91 0.64
C6 DEA Q . 7.61 24.96 -0.07
N6 DEA Q . 6.83 24.67 -1.12
N1 DEA Q . 7.77 26.24 0.36
C2 DEA Q . 8.56 26.55 1.41
N3 DEA Q . 9.26 25.63 2.10
C4 DEA Q . 9.19 24.32 1.76
C1' DEA Q . 10.65 23.16 3.37
C2' DEA Q . 9.72 22.90 4.55
O2' DEA Q . 9.37 21.52 4.59
C3' DEA Q . 10.28 23.31 5.91
O3' DEA Q . 9.19 23.20 6.83
C4' DEA Q . 11.43 22.46 6.36
O DEA Q . 12.44 22.40 5.63
OXT DEA Q . 11.36 21.82 7.44
C1 GOL R . -6.68 31.27 19.54
O1 GOL R . -6.94 32.16 18.45
C2 GOL R . -7.97 30.58 20.00
O2 GOL R . -9.10 31.05 19.25
C3 GOL R . -7.88 29.07 19.83
O3 GOL R . -6.77 28.56 20.58
C1 PEG S . 20.71 -6.64 -0.84
O1 PEG S . 21.18 -6.59 0.50
C2 PEG S . 19.23 -7.00 -0.89
O2 PEG S . 18.96 -7.99 -1.89
C3 PEG S . 19.15 -7.50 -3.23
C4 PEG S . 18.62 -8.51 -4.25
O4 PEG S . 18.35 -7.83 -5.47
P PO4 T . 19.90 38.91 -11.08
O1 PO4 T . 18.91 37.80 -11.39
O2 PO4 T . 19.68 40.06 -12.04
O3 PO4 T . 21.31 38.39 -11.23
O4 PO4 T . 19.66 39.41 -9.67
CL CL U . 27.76 24.56 -7.04
CL CL V . 26.41 27.94 30.81
C1 PEG W . 13.27 23.41 -13.68
O1 PEG W . 14.42 23.74 -12.90
C2 PEG W . 13.44 22.04 -14.33
O2 PEG W . 13.95 21.11 -13.37
C3 PEG W . 15.31 20.74 -13.60
C4 PEG W . 15.64 19.59 -12.65
O4 PEG W . 15.52 18.35 -13.35
C1 EDO X . 1.68 46.99 29.89
O1 EDO X . 0.37 47.56 30.07
C2 EDO X . 1.92 46.72 28.42
O2 EDO X . 3.31 46.42 28.18
PA NAD Y . -5.11 6.75 21.92
O1A NAD Y . -5.38 7.86 22.89
O2A NAD Y . -3.80 6.70 21.19
O5B NAD Y . -6.30 6.68 20.85
C5B NAD Y . -7.67 6.86 21.19
C4B NAD Y . -8.27 7.80 20.15
O4B NAD Y . -9.69 7.75 20.27
C3B NAD Y . -7.85 9.25 20.34
O3B NAD Y . -7.17 9.74 19.17
C2B NAD Y . -9.16 10.00 20.57
O2B NAD Y . -9.20 11.29 19.94
C1B NAD Y . -10.20 9.06 20.01
N9A NAD Y . -11.55 9.17 20.60
C8A NAD Y . -11.89 9.29 21.91
N7A NAD Y . -13.24 9.34 22.05
C5A NAD Y . -13.78 9.24 20.82
C6A NAD Y . -15.15 9.23 20.25
N6A NAD Y . -16.23 9.34 21.05
N1A NAD Y . -15.27 9.10 18.91
C2A NAD Y . -14.19 8.99 18.10
N3A NAD Y . -12.92 9.00 18.55
C4A NAD Y . -12.66 9.12 19.88
O3 NAD Y . -5.29 5.37 22.73
PN NAD Y . -4.80 3.96 22.16
O1N NAD Y . -3.43 3.63 22.65
O2N NAD Y . -5.10 3.89 20.68
O5D NAD Y . -5.77 2.94 22.93
C5D NAD Y . -7.17 2.88 22.68
C4D NAD Y . -7.75 1.77 23.54
O4D NAD Y . -7.19 0.51 23.17
C3D NAD Y . -7.43 1.94 25.02
O3D NAD Y . -8.56 1.52 25.80
C2D NAD Y . -6.23 1.04 25.25
O2D NAD Y . -6.11 0.64 26.62
C1D NAD Y . -6.58 -0.11 24.31
N1N NAD Y . -5.51 -0.99 23.80
C2N NAD Y . -5.92 -2.22 23.43
C3N NAD Y . -5.06 -3.16 22.91
C7N NAD Y . -5.54 -4.54 22.51
O7N NAD Y . -4.72 -5.44 22.39
N7N NAD Y . -6.85 -4.78 22.30
C4N NAD Y . -3.71 -2.80 22.76
C5N NAD Y . -3.30 -1.53 23.13
C6N NAD Y . -4.22 -0.63 23.66
N9 DEA Z . -2.36 -7.66 24.58
C8 DEA Z . -2.51 -7.85 23.26
N7 DEA Z . -2.05 -9.07 22.91
C5 DEA Z . -1.57 -9.66 24.02
C6 DEA Z . -0.94 -10.95 24.34
N6 DEA Z . -0.73 -11.90 23.38
N1 DEA Z . -0.60 -11.18 25.63
C2 DEA Z . -0.81 -10.27 26.59
N3 DEA Z . -1.39 -9.08 26.35
C4 DEA Z . -1.77 -8.73 25.11
C1' DEA Z . -2.70 -6.45 25.30
C2' DEA Z . -1.47 -5.54 25.09
O2' DEA Z . -1.53 -4.94 23.79
C3' DEA Z . -1.29 -4.48 26.17
O3' DEA Z . 0.03 -3.93 25.99
C4' DEA Z . -2.31 -3.38 26.05
O DEA Z . -3.52 -3.69 26.07
OXT DEA Z . -1.93 -2.19 25.95
C1 GOL AA . 25.44 -0.18 16.56
O1 GOL AA . 26.62 -0.86 16.10
C2 GOL AA . 25.80 1.12 17.29
O2 GOL AA . 24.61 1.72 17.81
C3 GOL AA . 26.76 0.83 18.44
O3 GOL AA . 26.82 1.97 19.31
C TRS BA . 17.94 -0.76 35.25
C1 TRS BA . 16.67 -1.06 34.46
C2 TRS BA . 19.17 -1.31 34.54
C3 TRS BA . 17.84 -1.34 36.65
N TRS BA . 18.12 0.72 35.36
O1 TRS BA . 15.53 -0.40 35.04
O2 TRS BA . 19.03 -2.72 34.32
O3 TRS BA . 16.58 -1.02 37.24
C1 EDO CA . -13.53 -17.80 17.98
O1 EDO CA . -14.68 -17.73 18.83
C2 EDO CA . -12.67 -19.01 18.35
O2 EDO CA . -12.55 -19.16 19.77
#